data_3IUW
# 
_entry.id   3IUW 
# 
_audit_conform.dict_name       mmcif_pdbx.dic 
_audit_conform.dict_version    5.399 
_audit_conform.dict_location   http://mmcif.pdb.org/dictionaries/ascii/mmcif_pdbx.dic 
# 
loop_
_database_2.database_id 
_database_2.database_code 
_database_2.pdbx_database_accession 
_database_2.pdbx_DOI 
PDB   3IUW         pdb_00003iuw 10.2210/pdb3iuw/pdb 
RCSB  RCSB054894   ?            ?                   
WWPDB D_1000054894 ?            ?                   
# 
loop_
_pdbx_audit_revision_history.ordinal 
_pdbx_audit_revision_history.data_content_type 
_pdbx_audit_revision_history.major_revision 
_pdbx_audit_revision_history.minor_revision 
_pdbx_audit_revision_history.revision_date 
1 'Structure model' 1 0 2009-09-15 
2 'Structure model' 1 1 2011-07-13 
3 'Structure model' 1 2 2017-10-25 
4 'Structure model' 1 3 2019-07-24 
5 'Structure model' 1 4 2023-02-01 
6 'Structure model' 1 5 2024-11-27 
# 
_pdbx_audit_revision_details.ordinal             1 
_pdbx_audit_revision_details.revision_ordinal    1 
_pdbx_audit_revision_details.data_content_type   'Structure model' 
_pdbx_audit_revision_details.provider            repository 
_pdbx_audit_revision_details.type                'Initial release' 
_pdbx_audit_revision_details.description         ? 
_pdbx_audit_revision_details.details             ? 
# 
loop_
_pdbx_audit_revision_group.ordinal 
_pdbx_audit_revision_group.revision_ordinal 
_pdbx_audit_revision_group.data_content_type 
_pdbx_audit_revision_group.group 
1  2 'Structure model' Advisory                     
2  2 'Structure model' 'Version format compliance'  
3  3 'Structure model' 'Author supporting evidence' 
4  3 'Structure model' 'Refinement description'     
5  4 'Structure model' 'Data collection'            
6  4 'Structure model' 'Derived calculations'       
7  4 'Structure model' 'Refinement description'     
8  5 'Structure model' 'Database references'        
9  5 'Structure model' 'Derived calculations'       
10 6 'Structure model' 'Data collection'            
11 6 'Structure model' 'Refinement description'     
12 6 'Structure model' 'Structure summary'          
# 
loop_
_pdbx_audit_revision_category.ordinal 
_pdbx_audit_revision_category.revision_ordinal 
_pdbx_audit_revision_category.data_content_type 
_pdbx_audit_revision_category.category 
1  3 'Structure model' pdbx_struct_assembly_auth_evidence 
2  3 'Structure model' software                           
3  4 'Structure model' software                           
4  4 'Structure model' struct_conn                        
5  5 'Structure model' database_2                         
6  5 'Structure model' struct_ref_seq_dif                 
7  5 'Structure model' struct_site                        
8  6 'Structure model' chem_comp_atom                     
9  6 'Structure model' chem_comp_bond                     
10 6 'Structure model' pdbx_entry_details                 
11 6 'Structure model' pdbx_modification_feature          
12 6 'Structure model' struct_ncs_dom_lim                 
# 
loop_
_pdbx_audit_revision_item.ordinal 
_pdbx_audit_revision_item.revision_ordinal 
_pdbx_audit_revision_item.data_content_type 
_pdbx_audit_revision_item.item 
1  3 'Structure model' '_software.classification'                     
2  3 'Structure model' '_software.name'                               
3  4 'Structure model' '_software.classification'                     
4  4 'Structure model' '_software.contact_author'                     
5  4 'Structure model' '_software.contact_author_email'               
6  4 'Structure model' '_software.language'                           
7  4 'Structure model' '_software.location'                           
8  4 'Structure model' '_software.name'                               
9  4 'Structure model' '_software.type'                               
10 4 'Structure model' '_software.version'                            
11 4 'Structure model' '_struct_conn.pdbx_leaving_atom_flag'          
12 5 'Structure model' '_database_2.pdbx_DOI'                         
13 5 'Structure model' '_database_2.pdbx_database_accession'          
14 5 'Structure model' '_struct_ref_seq_dif.details'                  
15 5 'Structure model' '_struct_site.pdbx_auth_asym_id'               
16 5 'Structure model' '_struct_site.pdbx_auth_comp_id'               
17 5 'Structure model' '_struct_site.pdbx_auth_seq_id'                
18 6 'Structure model' '_pdbx_entry_details.has_protein_modification' 
19 6 'Structure model' '_struct_ncs_dom_lim.beg_auth_comp_id'         
20 6 'Structure model' '_struct_ncs_dom_lim.beg_label_asym_id'        
21 6 'Structure model' '_struct_ncs_dom_lim.beg_label_comp_id'        
22 6 'Structure model' '_struct_ncs_dom_lim.beg_label_seq_id'         
23 6 'Structure model' '_struct_ncs_dom_lim.end_auth_comp_id'         
24 6 'Structure model' '_struct_ncs_dom_lim.end_label_asym_id'        
25 6 'Structure model' '_struct_ncs_dom_lim.end_label_comp_id'        
26 6 'Structure model' '_struct_ncs_dom_lim.end_label_seq_id'         
# 
_pdbx_database_status.SG_entry                        Y 
_pdbx_database_status.entry_id                        3IUW 
_pdbx_database_status.deposit_site                    RCSB 
_pdbx_database_status.process_site                    RCSB 
_pdbx_database_status.recvd_initial_deposition_date   2009-08-31 
_pdbx_database_status.status_code                     REL 
_pdbx_database_status.status_code_sf                  REL 
_pdbx_database_status.status_code_mr                  ? 
_pdbx_database_status.pdb_format_compatible           Y 
_pdbx_database_status.status_code_cs                  ? 
_pdbx_database_status.methods_development_category    ? 
_pdbx_database_status.status_code_nmr_data            ? 
# 
_pdbx_database_related.db_name        TargetDB 
_pdbx_database_related.db_id          392681 
_pdbx_database_related.details        . 
_pdbx_database_related.content_type   unspecified 
# 
_audit_author.name           'Joint Center for Structural Genomics (JCSG)' 
_audit_author.pdbx_ordinal   1 
# 
_citation.id                        primary 
_citation.title                     
'Crystal structure of Activating signal cointegrator (NP_814290.1) from ENTEROCOCCUS FAECALIS V583 at 1.58 A resolution' 
_citation.journal_abbrev            'To be published' 
_citation.journal_volume            ? 
_citation.page_first                ? 
_citation.page_last                 ? 
_citation.year                      ? 
_citation.journal_id_ASTM           ? 
_citation.country                   ? 
_citation.journal_id_ISSN           ? 
_citation.journal_id_CSD            0353 
_citation.book_publisher            ? 
_citation.pdbx_database_id_PubMed   ? 
_citation.pdbx_database_id_DOI      ? 
# 
_citation_author.citation_id        primary 
_citation_author.name               'Joint Center for Structural Genomics (JCSG)' 
_citation_author.ordinal            1 
_citation_author.identifier_ORCID   ? 
# 
loop_
_entity.id 
_entity.type 
_entity.src_method 
_entity.pdbx_description 
_entity.formula_weight 
_entity.pdbx_number_of_molecules 
_entity.pdbx_ec 
_entity.pdbx_mutation 
_entity.pdbx_fragment 
_entity.details 
1 polymer     man 'Activating signal cointegrator' 10066.921 2   ? ? ? ? 
2 non-polymer syn 'CACODYLATE ION'                 136.989   2   ? ? ? ? 
3 non-polymer syn 'SULFATE ION'                    96.063    1   ? ? ? ? 
4 water       nat water                            18.015    183 ? ? ? ? 
# 
_entity_poly.entity_id                      1 
_entity_poly.type                           'polypeptide(L)' 
_entity_poly.nstd_linkage                   no 
_entity_poly.nstd_monomer                   yes 
_entity_poly.pdbx_seq_one_letter_code       
;G(MSE)EQQHPTIHTLKIETEFFKAVKERRKTFEIRKNDRNFQVGDILILEEY(MSE)NG(MSE)YLDDECEAEVIYITD
YAQREGYVVLGIELH
;
_entity_poly.pdbx_seq_one_letter_code_can   
;GMEQQHPTIHTLKIETEFFKAVKERRKTFEIRKNDRNFQVGDILILEEYMNGMYLDDECEAEVIYITDYAQREGYVVLGI
ELH
;
_entity_poly.pdbx_strand_id                 A,B 
_entity_poly.pdbx_target_identifier         392681 
# 
loop_
_pdbx_entity_nonpoly.entity_id 
_pdbx_entity_nonpoly.name 
_pdbx_entity_nonpoly.comp_id 
2 'CACODYLATE ION' CAC 
3 'SULFATE ION'    SO4 
4 water            HOH 
# 
loop_
_entity_poly_seq.entity_id 
_entity_poly_seq.num 
_entity_poly_seq.mon_id 
_entity_poly_seq.hetero 
1 1  GLY n 
1 2  MSE n 
1 3  GLU n 
1 4  GLN n 
1 5  GLN n 
1 6  HIS n 
1 7  PRO n 
1 8  THR n 
1 9  ILE n 
1 10 HIS n 
1 11 THR n 
1 12 LEU n 
1 13 LYS n 
1 14 ILE n 
1 15 GLU n 
1 16 THR n 
1 17 GLU n 
1 18 PHE n 
1 19 PHE n 
1 20 LYS n 
1 21 ALA n 
1 22 VAL n 
1 23 LYS n 
1 24 GLU n 
1 25 ARG n 
1 26 ARG n 
1 27 LYS n 
1 28 THR n 
1 29 PHE n 
1 30 GLU n 
1 31 ILE n 
1 32 ARG n 
1 33 LYS n 
1 34 ASN n 
1 35 ASP n 
1 36 ARG n 
1 37 ASN n 
1 38 PHE n 
1 39 GLN n 
1 40 VAL n 
1 41 GLY n 
1 42 ASP n 
1 43 ILE n 
1 44 LEU n 
1 45 ILE n 
1 46 LEU n 
1 47 GLU n 
1 48 GLU n 
1 49 TYR n 
1 50 MSE n 
1 51 ASN n 
1 52 GLY n 
1 53 MSE n 
1 54 TYR n 
1 55 LEU n 
1 56 ASP n 
1 57 ASP n 
1 58 GLU n 
1 59 CYS n 
1 60 GLU n 
1 61 ALA n 
1 62 GLU n 
1 63 VAL n 
1 64 ILE n 
1 65 TYR n 
1 66 ILE n 
1 67 THR n 
1 68 ASP n 
1 69 TYR n 
1 70 ALA n 
1 71 GLN n 
1 72 ARG n 
1 73 GLU n 
1 74 GLY n 
1 75 TYR n 
1 76 VAL n 
1 77 VAL n 
1 78 LEU n 
1 79 GLY n 
1 80 ILE n 
1 81 GLU n 
1 82 LEU n 
1 83 HIS n 
# 
_entity_src_gen.entity_id                          1 
_entity_src_gen.pdbx_src_id                        1 
_entity_src_gen.pdbx_alt_source_flag               sample 
_entity_src_gen.pdbx_seq_type                      ? 
_entity_src_gen.pdbx_beg_seq_num                   ? 
_entity_src_gen.pdbx_end_seq_num                   ? 
_entity_src_gen.gene_src_common_name               'Streptococcus faecalis' 
_entity_src_gen.gene_src_genus                     ? 
_entity_src_gen.pdbx_gene_src_gene                 'ef0029, EF_0509, NP_814290.1' 
_entity_src_gen.gene_src_species                   ? 
_entity_src_gen.gene_src_strain                    ? 
_entity_src_gen.gene_src_tissue                    ? 
_entity_src_gen.gene_src_tissue_fraction           ? 
_entity_src_gen.gene_src_details                   ? 
_entity_src_gen.pdbx_gene_src_fragment             ? 
_entity_src_gen.pdbx_gene_src_scientific_name      'Enterococcus faecalis V583' 
_entity_src_gen.pdbx_gene_src_ncbi_taxonomy_id     226185 
_entity_src_gen.pdbx_gene_src_variant              ? 
_entity_src_gen.pdbx_gene_src_cell_line            ? 
_entity_src_gen.pdbx_gene_src_atcc                 ? 
_entity_src_gen.pdbx_gene_src_organ                ? 
_entity_src_gen.pdbx_gene_src_organelle            ? 
_entity_src_gen.pdbx_gene_src_cell                 ? 
_entity_src_gen.pdbx_gene_src_cellular_location    ? 
_entity_src_gen.host_org_common_name               ? 
_entity_src_gen.pdbx_host_org_scientific_name      'Escherichia Coli' 
_entity_src_gen.pdbx_host_org_ncbi_taxonomy_id     562 
_entity_src_gen.host_org_genus                     ? 
_entity_src_gen.pdbx_host_org_gene                 ? 
_entity_src_gen.pdbx_host_org_organ                ? 
_entity_src_gen.host_org_species                   ? 
_entity_src_gen.pdbx_host_org_tissue               ? 
_entity_src_gen.pdbx_host_org_tissue_fraction      ? 
_entity_src_gen.pdbx_host_org_strain               HK100 
_entity_src_gen.pdbx_host_org_variant              ? 
_entity_src_gen.pdbx_host_org_cell_line            ? 
_entity_src_gen.pdbx_host_org_atcc                 ? 
_entity_src_gen.pdbx_host_org_culture_collection   ? 
_entity_src_gen.pdbx_host_org_cell                 ? 
_entity_src_gen.pdbx_host_org_organelle            ? 
_entity_src_gen.pdbx_host_org_cellular_location    ? 
_entity_src_gen.pdbx_host_org_vector_type          Plasmid 
_entity_src_gen.pdbx_host_org_vector               ? 
_entity_src_gen.host_org_details                   ? 
_entity_src_gen.expression_system_id               ? 
_entity_src_gen.plasmid_name                       SpeedET 
_entity_src_gen.plasmid_details                    ? 
_entity_src_gen.pdbx_description                   ? 
# 
loop_
_chem_comp.id 
_chem_comp.type 
_chem_comp.mon_nstd_flag 
_chem_comp.name 
_chem_comp.pdbx_synonyms 
_chem_comp.formula 
_chem_comp.formula_weight 
ALA 'L-peptide linking' y ALANINE          ?                'C3 H7 N O2'     89.093  
ARG 'L-peptide linking' y ARGININE         ?                'C6 H15 N4 O2 1' 175.209 
ASN 'L-peptide linking' y ASPARAGINE       ?                'C4 H8 N2 O3'    132.118 
ASP 'L-peptide linking' y 'ASPARTIC ACID'  ?                'C4 H7 N O4'     133.103 
CAC non-polymer         . 'CACODYLATE ION' dimethylarsinate 'C2 H6 As O2 -1' 136.989 
CYS 'L-peptide linking' y CYSTEINE         ?                'C3 H7 N O2 S'   121.158 
GLN 'L-peptide linking' y GLUTAMINE        ?                'C5 H10 N2 O3'   146.144 
GLU 'L-peptide linking' y 'GLUTAMIC ACID'  ?                'C5 H9 N O4'     147.129 
GLY 'peptide linking'   y GLYCINE          ?                'C2 H5 N O2'     75.067  
HIS 'L-peptide linking' y HISTIDINE        ?                'C6 H10 N3 O2 1' 156.162 
HOH non-polymer         . WATER            ?                'H2 O'           18.015  
ILE 'L-peptide linking' y ISOLEUCINE       ?                'C6 H13 N O2'    131.173 
LEU 'L-peptide linking' y LEUCINE          ?                'C6 H13 N O2'    131.173 
LYS 'L-peptide linking' y LYSINE           ?                'C6 H15 N2 O2 1' 147.195 
MSE 'L-peptide linking' n SELENOMETHIONINE ?                'C5 H11 N O2 Se' 196.106 
PHE 'L-peptide linking' y PHENYLALANINE    ?                'C9 H11 N O2'    165.189 
PRO 'L-peptide linking' y PROLINE          ?                'C5 H9 N O2'     115.130 
SO4 non-polymer         . 'SULFATE ION'    ?                'O4 S -2'        96.063  
THR 'L-peptide linking' y THREONINE        ?                'C4 H9 N O3'     119.119 
TYR 'L-peptide linking' y TYROSINE         ?                'C9 H11 N O3'    181.189 
VAL 'L-peptide linking' y VALINE           ?                'C5 H11 N O2'    117.146 
# 
loop_
_pdbx_poly_seq_scheme.asym_id 
_pdbx_poly_seq_scheme.entity_id 
_pdbx_poly_seq_scheme.seq_id 
_pdbx_poly_seq_scheme.mon_id 
_pdbx_poly_seq_scheme.ndb_seq_num 
_pdbx_poly_seq_scheme.pdb_seq_num 
_pdbx_poly_seq_scheme.auth_seq_num 
_pdbx_poly_seq_scheme.pdb_mon_id 
_pdbx_poly_seq_scheme.auth_mon_id 
_pdbx_poly_seq_scheme.pdb_strand_id 
_pdbx_poly_seq_scheme.pdb_ins_code 
_pdbx_poly_seq_scheme.hetero 
A 1 1  GLY 1  0  ?  ?   ?   A . n 
A 1 2  MSE 2  1  ?  ?   ?   A . n 
A 1 3  GLU 3  2  ?  ?   ?   A . n 
A 1 4  GLN 4  3  ?  ?   ?   A . n 
A 1 5  GLN 5  4  4  GLN GLN A . n 
A 1 6  HIS 6  5  5  HIS HIS A . n 
A 1 7  PRO 7  6  6  PRO PRO A . n 
A 1 8  THR 8  7  7  THR THR A . n 
A 1 9  ILE 9  8  8  ILE ILE A . n 
A 1 10 HIS 10 9  9  HIS HIS A . n 
A 1 11 THR 11 10 10 THR THR A . n 
A 1 12 LEU 12 11 11 LEU LEU A . n 
A 1 13 LYS 13 12 12 LYS LYS A . n 
A 1 14 ILE 14 13 13 ILE ILE A . n 
A 1 15 GLU 15 14 14 GLU GLU A . n 
A 1 16 THR 16 15 15 THR THR A . n 
A 1 17 GLU 17 16 16 GLU GLU A . n 
A 1 18 PHE 18 17 17 PHE PHE A . n 
A 1 19 PHE 19 18 18 PHE PHE A . n 
A 1 20 LYS 20 19 19 LYS LYS A . n 
A 1 21 ALA 21 20 20 ALA ALA A . n 
A 1 22 VAL 22 21 21 VAL VAL A . n 
A 1 23 LYS 23 22 22 LYS LYS A . n 
A 1 24 GLU 24 23 23 GLU GLU A . n 
A 1 25 ARG 25 24 24 ARG ARG A . n 
A 1 26 ARG 26 25 25 ARG ARG A . n 
A 1 27 LYS 27 26 26 LYS LYS A . n 
A 1 28 THR 28 27 27 THR THR A . n 
A 1 29 PHE 29 28 28 PHE PHE A . n 
A 1 30 GLU 30 29 29 GLU GLU A . n 
A 1 31 ILE 31 30 30 ILE ILE A . n 
A 1 32 ARG 32 31 31 ARG ARG A . n 
A 1 33 LYS 33 32 32 LYS LYS A . n 
A 1 34 ASN 34 33 33 ASN ASN A . n 
A 1 35 ASP 35 34 34 ASP ASP A . n 
A 1 36 ARG 36 35 35 ARG ARG A . n 
A 1 37 ASN 37 36 36 ASN ASN A . n 
A 1 38 PHE 38 37 37 PHE PHE A . n 
A 1 39 GLN 39 38 38 GLN GLN A . n 
A 1 40 VAL 40 39 39 VAL VAL A . n 
A 1 41 GLY 41 40 40 GLY GLY A . n 
A 1 42 ASP 42 41 41 ASP ASP A . n 
A 1 43 ILE 43 42 42 ILE ILE A . n 
A 1 44 LEU 44 43 43 LEU LEU A . n 
A 1 45 ILE 45 44 44 ILE ILE A . n 
A 1 46 LEU 46 45 45 LEU LEU A . n 
A 1 47 GLU 47 46 46 GLU GLU A . n 
A 1 48 GLU 48 47 47 GLU GLU A . n 
A 1 49 TYR 49 48 48 TYR TYR A . n 
A 1 50 MSE 50 49 49 MSE MSE A . n 
A 1 51 ASN 51 50 50 ASN ASN A . n 
A 1 52 GLY 52 51 51 GLY GLY A . n 
A 1 53 MSE 53 52 52 MSE MSE A . n 
A 1 54 TYR 54 53 53 TYR TYR A . n 
A 1 55 LEU 55 54 54 LEU LEU A . n 
A 1 56 ASP 56 55 55 ASP ASP A . n 
A 1 57 ASP 57 56 56 ASP ASP A . n 
A 1 58 GLU 58 57 57 GLU GLU A . n 
A 1 59 CYS 59 58 58 CYS CYS A . n 
A 1 60 GLU 60 59 59 GLU GLU A . n 
A 1 61 ALA 61 60 60 ALA ALA A . n 
A 1 62 GLU 62 61 61 GLU GLU A . n 
A 1 63 VAL 63 62 62 VAL VAL A . n 
A 1 64 ILE 64 63 63 ILE ILE A . n 
A 1 65 TYR 65 64 64 TYR TYR A . n 
A 1 66 ILE 66 65 65 ILE ILE A . n 
A 1 67 THR 67 66 66 THR THR A . n 
A 1 68 ASP 68 67 67 ASP ASP A . n 
A 1 69 TYR 69 68 68 TYR TYR A . n 
A 1 70 ALA 70 69 69 ALA ALA A . n 
A 1 71 GLN 71 70 70 GLN GLN A . n 
A 1 72 ARG 72 71 71 ARG ARG A . n 
A 1 73 GLU 73 72 72 GLU GLU A . n 
A 1 74 GLY 74 73 73 GLY GLY A . n 
A 1 75 TYR 75 74 74 TYR TYR A . n 
A 1 76 VAL 76 75 75 VAL VAL A . n 
A 1 77 VAL 77 76 76 VAL VAL A . n 
A 1 78 LEU 78 77 77 LEU LEU A . n 
A 1 79 GLY 79 78 78 GLY GLY A . n 
A 1 80 ILE 80 79 79 ILE ILE A . n 
A 1 81 GLU 81 80 80 GLU GLU A . n 
A 1 82 LEU 82 81 81 LEU LEU A . n 
A 1 83 HIS 83 82 82 HIS HIS A . n 
B 1 1  GLY 1  0  ?  ?   ?   B . n 
B 1 2  MSE 2  1  ?  ?   ?   B . n 
B 1 3  GLU 3  2  ?  ?   ?   B . n 
B 1 4  GLN 4  3  3  GLN GLN B . n 
B 1 5  GLN 5  4  4  GLN GLN B . n 
B 1 6  HIS 6  5  5  HIS HIS B . n 
B 1 7  PRO 7  6  6  PRO PRO B . n 
B 1 8  THR 8  7  7  THR THR B . n 
B 1 9  ILE 9  8  8  ILE ILE B . n 
B 1 10 HIS 10 9  9  HIS HIS B . n 
B 1 11 THR 11 10 10 THR THR B . n 
B 1 12 LEU 12 11 11 LEU LEU B . n 
B 1 13 LYS 13 12 12 LYS LYS B . n 
B 1 14 ILE 14 13 13 ILE ILE B . n 
B 1 15 GLU 15 14 14 GLU GLU B . n 
B 1 16 THR 16 15 15 THR THR B . n 
B 1 17 GLU 17 16 16 GLU GLU B . n 
B 1 18 PHE 18 17 17 PHE PHE B . n 
B 1 19 PHE 19 18 18 PHE PHE B . n 
B 1 20 LYS 20 19 19 LYS LYS B . n 
B 1 21 ALA 21 20 20 ALA ALA B . n 
B 1 22 VAL 22 21 21 VAL VAL B . n 
B 1 23 LYS 23 22 22 LYS LYS B . n 
B 1 24 GLU 24 23 23 GLU GLU B . n 
B 1 25 ARG 25 24 24 ARG ARG B . n 
B 1 26 ARG 26 25 25 ARG ARG B . n 
B 1 27 LYS 27 26 26 LYS LYS B . n 
B 1 28 THR 28 27 27 THR THR B . n 
B 1 29 PHE 29 28 28 PHE PHE B . n 
B 1 30 GLU 30 29 29 GLU GLU B . n 
B 1 31 ILE 31 30 30 ILE ILE B . n 
B 1 32 ARG 32 31 31 ARG ARG B . n 
B 1 33 LYS 33 32 32 LYS LYS B . n 
B 1 34 ASN 34 33 33 ASN ASN B . n 
B 1 35 ASP 35 34 34 ASP ASP B . n 
B 1 36 ARG 36 35 35 ARG ARG B . n 
B 1 37 ASN 37 36 36 ASN ASN B . n 
B 1 38 PHE 38 37 37 PHE PHE B . n 
B 1 39 GLN 39 38 38 GLN GLN B . n 
B 1 40 VAL 40 39 39 VAL VAL B . n 
B 1 41 GLY 41 40 40 GLY GLY B . n 
B 1 42 ASP 42 41 41 ASP ASP B . n 
B 1 43 ILE 43 42 42 ILE ILE B . n 
B 1 44 LEU 44 43 43 LEU LEU B . n 
B 1 45 ILE 45 44 44 ILE ILE B . n 
B 1 46 LEU 46 45 45 LEU LEU B . n 
B 1 47 GLU 47 46 46 GLU GLU B . n 
B 1 48 GLU 48 47 47 GLU GLU B . n 
B 1 49 TYR 49 48 48 TYR TYR B . n 
B 1 50 MSE 50 49 49 MSE MSE B . n 
B 1 51 ASN 51 50 50 ASN ASN B . n 
B 1 52 GLY 52 51 51 GLY GLY B . n 
B 1 53 MSE 53 52 52 MSE MSE B . n 
B 1 54 TYR 54 53 53 TYR TYR B . n 
B 1 55 LEU 55 54 54 LEU LEU B . n 
B 1 56 ASP 56 55 55 ASP ASP B . n 
B 1 57 ASP 57 56 56 ASP ASP B . n 
B 1 58 GLU 58 57 57 GLU GLU B . n 
B 1 59 CYS 59 58 58 CYS CYS B . n 
B 1 60 GLU 60 59 59 GLU GLU B . n 
B 1 61 ALA 61 60 60 ALA ALA B . n 
B 1 62 GLU 62 61 61 GLU GLU B . n 
B 1 63 VAL 63 62 62 VAL VAL B . n 
B 1 64 ILE 64 63 63 ILE ILE B . n 
B 1 65 TYR 65 64 64 TYR TYR B . n 
B 1 66 ILE 66 65 65 ILE ILE B . n 
B 1 67 THR 67 66 66 THR THR B . n 
B 1 68 ASP 68 67 67 ASP ASP B . n 
B 1 69 TYR 69 68 68 TYR TYR B . n 
B 1 70 ALA 70 69 69 ALA ALA B . n 
B 1 71 GLN 71 70 70 GLN GLN B . n 
B 1 72 ARG 72 71 71 ARG ARG B . n 
B 1 73 GLU 73 72 72 GLU GLU B . n 
B 1 74 GLY 74 73 73 GLY GLY B . n 
B 1 75 TYR 75 74 74 TYR TYR B . n 
B 1 76 VAL 76 75 75 VAL VAL B . n 
B 1 77 VAL 77 76 76 VAL VAL B . n 
B 1 78 LEU 78 77 77 LEU LEU B . n 
B 1 79 GLY 79 78 78 GLY GLY B . n 
B 1 80 ILE 80 79 79 ILE ILE B . n 
B 1 81 GLU 81 80 80 GLU GLU B . n 
B 1 82 LEU 82 81 81 LEU LEU B . n 
B 1 83 HIS 83 82 82 HIS HIS B . n 
# 
loop_
_pdbx_nonpoly_scheme.asym_id 
_pdbx_nonpoly_scheme.entity_id 
_pdbx_nonpoly_scheme.mon_id 
_pdbx_nonpoly_scheme.ndb_seq_num 
_pdbx_nonpoly_scheme.pdb_seq_num 
_pdbx_nonpoly_scheme.auth_seq_num 
_pdbx_nonpoly_scheme.pdb_mon_id 
_pdbx_nonpoly_scheme.auth_mon_id 
_pdbx_nonpoly_scheme.pdb_strand_id 
_pdbx_nonpoly_scheme.pdb_ins_code 
C 2 CAC 1   83   83   CAC CAC A . 
D 3 SO4 1   84   84   SO4 SO4 A . 
E 2 CAC 1   1083 1083 CAC CAC B . 
F 4 HOH 1   85   85   HOH HOH A . 
F 4 HOH 2   86   86   HOH HOH A . 
F 4 HOH 3   87   87   HOH HOH A . 
F 4 HOH 4   88   88   HOH HOH A . 
F 4 HOH 5   89   89   HOH HOH A . 
F 4 HOH 6   90   90   HOH HOH A . 
F 4 HOH 7   91   91   HOH HOH A . 
F 4 HOH 8   92   92   HOH HOH A . 
F 4 HOH 9   93   93   HOH HOH A . 
F 4 HOH 10  94   94   HOH HOH A . 
F 4 HOH 11  95   95   HOH HOH A . 
F 4 HOH 12  96   96   HOH HOH A . 
F 4 HOH 13  97   97   HOH HOH A . 
F 4 HOH 14  98   98   HOH HOH A . 
F 4 HOH 15  99   99   HOH HOH A . 
F 4 HOH 16  100  100  HOH HOH A . 
F 4 HOH 17  101  101  HOH HOH A . 
F 4 HOH 18  102  102  HOH HOH A . 
F 4 HOH 19  103  103  HOH HOH A . 
F 4 HOH 20  104  104  HOH HOH A . 
F 4 HOH 21  105  105  HOH HOH A . 
F 4 HOH 22  106  106  HOH HOH A . 
F 4 HOH 23  107  107  HOH HOH A . 
F 4 HOH 24  108  108  HOH HOH A . 
F 4 HOH 25  109  109  HOH HOH A . 
F 4 HOH 26  110  110  HOH HOH A . 
F 4 HOH 27  111  111  HOH HOH A . 
F 4 HOH 28  112  112  HOH HOH A . 
F 4 HOH 29  113  113  HOH HOH A . 
F 4 HOH 30  114  114  HOH HOH A . 
F 4 HOH 31  115  115  HOH HOH A . 
F 4 HOH 32  116  116  HOH HOH A . 
F 4 HOH 33  117  117  HOH HOH A . 
F 4 HOH 34  118  118  HOH HOH A . 
F 4 HOH 35  119  119  HOH HOH A . 
F 4 HOH 36  120  120  HOH HOH A . 
F 4 HOH 37  121  121  HOH HOH A . 
F 4 HOH 38  122  122  HOH HOH A . 
F 4 HOH 39  123  123  HOH HOH A . 
F 4 HOH 40  124  124  HOH HOH A . 
F 4 HOH 41  125  125  HOH HOH A . 
F 4 HOH 42  126  126  HOH HOH A . 
F 4 HOH 43  127  127  HOH HOH A . 
F 4 HOH 44  128  128  HOH HOH A . 
F 4 HOH 45  129  129  HOH HOH A . 
F 4 HOH 46  130  130  HOH HOH A . 
F 4 HOH 47  131  131  HOH HOH A . 
F 4 HOH 48  132  132  HOH HOH A . 
F 4 HOH 49  133  133  HOH HOH A . 
F 4 HOH 50  134  134  HOH HOH A . 
F 4 HOH 51  135  135  HOH HOH A . 
F 4 HOH 52  136  136  HOH HOH A . 
F 4 HOH 53  137  137  HOH HOH A . 
F 4 HOH 54  138  138  HOH HOH A . 
F 4 HOH 55  139  139  HOH HOH A . 
F 4 HOH 56  140  140  HOH HOH A . 
F 4 HOH 57  141  141  HOH HOH A . 
F 4 HOH 58  142  142  HOH HOH A . 
F 4 HOH 59  143  143  HOH HOH A . 
F 4 HOH 60  144  144  HOH HOH A . 
F 4 HOH 61  145  145  HOH HOH A . 
F 4 HOH 62  146  146  HOH HOH A . 
F 4 HOH 63  147  147  HOH HOH A . 
F 4 HOH 64  148  148  HOH HOH A . 
F 4 HOH 65  149  149  HOH HOH A . 
F 4 HOH 66  150  150  HOH HOH A . 
F 4 HOH 67  151  151  HOH HOH A . 
F 4 HOH 68  152  152  HOH HOH A . 
F 4 HOH 69  153  153  HOH HOH A . 
F 4 HOH 70  154  154  HOH HOH A . 
F 4 HOH 71  155  155  HOH HOH A . 
F 4 HOH 72  156  156  HOH HOH A . 
F 4 HOH 73  157  157  HOH HOH A . 
F 4 HOH 74  158  158  HOH HOH A . 
F 4 HOH 75  159  159  HOH HOH A . 
F 4 HOH 76  160  160  HOH HOH A . 
F 4 HOH 77  161  161  HOH HOH A . 
F 4 HOH 78  162  162  HOH HOH A . 
F 4 HOH 79  163  163  HOH HOH A . 
F 4 HOH 80  164  164  HOH HOH A . 
F 4 HOH 81  165  165  HOH HOH A . 
F 4 HOH 82  166  166  HOH HOH A . 
F 4 HOH 83  167  167  HOH HOH A . 
F 4 HOH 84  168  168  HOH HOH A . 
F 4 HOH 85  169  169  HOH HOH A . 
F 4 HOH 86  170  170  HOH HOH A . 
F 4 HOH 87  171  171  HOH HOH A . 
F 4 HOH 88  172  172  HOH HOH A . 
F 4 HOH 89  173  173  HOH HOH A . 
F 4 HOH 90  174  174  HOH HOH A . 
F 4 HOH 91  175  175  HOH HOH A . 
F 4 HOH 92  176  176  HOH HOH A . 
F 4 HOH 93  177  177  HOH HOH A . 
F 4 HOH 94  178  178  HOH HOH A . 
F 4 HOH 95  179  179  HOH HOH A . 
F 4 HOH 96  180  180  HOH HOH A . 
F 4 HOH 97  181  181  HOH HOH A . 
F 4 HOH 98  182  182  HOH HOH A . 
F 4 HOH 99  183  183  HOH HOH A . 
F 4 HOH 100 184  184  HOH HOH A . 
F 4 HOH 101 185  185  HOH HOH A . 
F 4 HOH 102 186  186  HOH HOH A . 
G 4 HOH 1   1084 1084 HOH HOH B . 
G 4 HOH 2   1085 1085 HOH HOH B . 
G 4 HOH 3   1086 1086 HOH HOH B . 
G 4 HOH 4   1087 1087 HOH HOH B . 
G 4 HOH 5   1088 1088 HOH HOH B . 
G 4 HOH 6   1089 1089 HOH HOH B . 
G 4 HOH 7   1090 1090 HOH HOH B . 
G 4 HOH 8   1091 1091 HOH HOH B . 
G 4 HOH 9   1092 1092 HOH HOH B . 
G 4 HOH 10  1093 1093 HOH HOH B . 
G 4 HOH 11  1094 1094 HOH HOH B . 
G 4 HOH 12  1095 1095 HOH HOH B . 
G 4 HOH 13  1096 1096 HOH HOH B . 
G 4 HOH 14  1097 1097 HOH HOH B . 
G 4 HOH 15  1098 1098 HOH HOH B . 
G 4 HOH 16  1099 1099 HOH HOH B . 
G 4 HOH 17  1100 1100 HOH HOH B . 
G 4 HOH 18  1101 1101 HOH HOH B . 
G 4 HOH 19  1102 1102 HOH HOH B . 
G 4 HOH 20  1103 1103 HOH HOH B . 
G 4 HOH 21  1104 1104 HOH HOH B . 
G 4 HOH 22  1105 1105 HOH HOH B . 
G 4 HOH 23  1106 1106 HOH HOH B . 
G 4 HOH 24  1107 1107 HOH HOH B . 
G 4 HOH 25  1108 1108 HOH HOH B . 
G 4 HOH 26  1109 1109 HOH HOH B . 
G 4 HOH 27  1110 1110 HOH HOH B . 
G 4 HOH 28  1111 1111 HOH HOH B . 
G 4 HOH 29  1112 1112 HOH HOH B . 
G 4 HOH 30  1113 1113 HOH HOH B . 
G 4 HOH 31  1114 1114 HOH HOH B . 
G 4 HOH 32  1115 1115 HOH HOH B . 
G 4 HOH 33  1116 1116 HOH HOH B . 
G 4 HOH 34  1117 1117 HOH HOH B . 
G 4 HOH 35  1118 1118 HOH HOH B . 
G 4 HOH 36  1119 1119 HOH HOH B . 
G 4 HOH 37  1120 1120 HOH HOH B . 
G 4 HOH 38  1121 1121 HOH HOH B . 
G 4 HOH 39  1122 1122 HOH HOH B . 
G 4 HOH 40  1123 1123 HOH HOH B . 
G 4 HOH 41  1124 1124 HOH HOH B . 
G 4 HOH 42  1125 1125 HOH HOH B . 
G 4 HOH 43  1126 1126 HOH HOH B . 
G 4 HOH 44  1127 1127 HOH HOH B . 
G 4 HOH 45  1128 1128 HOH HOH B . 
G 4 HOH 46  1129 1129 HOH HOH B . 
G 4 HOH 47  1130 1130 HOH HOH B . 
G 4 HOH 48  1131 1131 HOH HOH B . 
G 4 HOH 49  1132 1132 HOH HOH B . 
G 4 HOH 50  1133 1133 HOH HOH B . 
G 4 HOH 51  1134 1134 HOH HOH B . 
G 4 HOH 52  1135 1135 HOH HOH B . 
G 4 HOH 53  1136 1136 HOH HOH B . 
G 4 HOH 54  1137 1137 HOH HOH B . 
G 4 HOH 55  1138 1138 HOH HOH B . 
G 4 HOH 56  1139 1139 HOH HOH B . 
G 4 HOH 57  1140 1140 HOH HOH B . 
G 4 HOH 58  1142 1142 HOH HOH B . 
G 4 HOH 59  1146 1146 HOH HOH B . 
G 4 HOH 60  1147 1147 HOH HOH B . 
G 4 HOH 61  1148 1148 HOH HOH B . 
G 4 HOH 62  1151 1151 HOH HOH B . 
G 4 HOH 63  1152 1152 HOH HOH B . 
G 4 HOH 64  1153 1153 HOH HOH B . 
G 4 HOH 65  1154 1154 HOH HOH B . 
G 4 HOH 66  1155 1155 HOH HOH B . 
G 4 HOH 67  1156 1156 HOH HOH B . 
G 4 HOH 68  1158 1158 HOH HOH B . 
G 4 HOH 69  1159 1159 HOH HOH B . 
G 4 HOH 70  1161 1161 HOH HOH B . 
G 4 HOH 71  1167 1167 HOH HOH B . 
G 4 HOH 72  1168 1168 HOH HOH B . 
G 4 HOH 73  1169 1169 HOH HOH B . 
G 4 HOH 74  1170 1170 HOH HOH B . 
G 4 HOH 75  1173 1173 HOH HOH B . 
G 4 HOH 76  1174 1174 HOH HOH B . 
G 4 HOH 77  1179 1179 HOH HOH B . 
G 4 HOH 78  1181 1181 HOH HOH B . 
G 4 HOH 79  1182 1182 HOH HOH B . 
G 4 HOH 80  1184 1184 HOH HOH B . 
G 4 HOH 81  1185 1185 HOH HOH B . 
# 
loop_
_pdbx_unobs_or_zero_occ_atoms.id 
_pdbx_unobs_or_zero_occ_atoms.PDB_model_num 
_pdbx_unobs_or_zero_occ_atoms.polymer_flag 
_pdbx_unobs_or_zero_occ_atoms.occupancy_flag 
_pdbx_unobs_or_zero_occ_atoms.auth_asym_id 
_pdbx_unobs_or_zero_occ_atoms.auth_comp_id 
_pdbx_unobs_or_zero_occ_atoms.auth_seq_id 
_pdbx_unobs_or_zero_occ_atoms.PDB_ins_code 
_pdbx_unobs_or_zero_occ_atoms.auth_atom_id 
_pdbx_unobs_or_zero_occ_atoms.label_alt_id 
_pdbx_unobs_or_zero_occ_atoms.label_asym_id 
_pdbx_unobs_or_zero_occ_atoms.label_comp_id 
_pdbx_unobs_or_zero_occ_atoms.label_seq_id 
_pdbx_unobs_or_zero_occ_atoms.label_atom_id 
1  1 Y 1 B GLN 3  ? CG  ? B GLN 4  CG  
2  1 Y 1 B GLN 3  ? CD  ? B GLN 4  CD  
3  1 Y 1 B GLN 3  ? OE1 ? B GLN 4  OE1 
4  1 Y 1 B GLN 3  ? NE2 ? B GLN 4  NE2 
5  1 Y 1 B GLN 4  ? CG  ? B GLN 5  CG  
6  1 Y 1 B GLN 4  ? CD  ? B GLN 5  CD  
7  1 Y 1 B GLN 4  ? OE1 ? B GLN 5  OE1 
8  1 Y 1 B GLN 4  ? NE2 ? B GLN 5  NE2 
9  1 Y 1 B LYS 19 ? CG  ? B LYS 20 CG  
10 1 Y 1 B LYS 19 ? CD  ? B LYS 20 CD  
11 1 Y 1 B LYS 19 ? CE  ? B LYS 20 CE  
12 1 Y 1 B LYS 19 ? NZ  ? B LYS 20 NZ  
# 
loop_
_software.name 
_software.version 
_software.date 
_software.type 
_software.contact_author 
_software.contact_author_email 
_software.classification 
_software.location 
_software.language 
_software.citation_id 
_software.pdbx_ordinal 
REFMAC      5.2.0019 ?               program 'Garib N. Murshudov'         garib@ysbl.york.ac.uk                refinement        
http://www.ccp4.ac.uk/dist/html/refmac5.html                                Fortran_77 ? 1 
PHENIX      .        ?               package 'P.D. Adams'                 PDAdams@lbl.gov                      refinement        
http://www.phenix-online.org/                                               C++        ? 2 
SOLVE       .        ?               program 'Tom Terwilliger'            terwilliger@LANL.gov                 phasing           
http://www.solve.lanl.gov/                                                  ?          ? 3 
MolProbity  3beta29  ?               package 'D.C. & J.S. Richardson lab' molprobity@kinemage.biochem.duke.edu 'model building'  
http://kinemage.biochem.duke.edu/molprobity/                                ?          ? 4 
XSCALE      .        ?               package 'Wolfgang Kabsch'            ?                                    'data scaling'    
http://www.mpimf-heidelberg.mpg.de/~kabsch/xds/html_doc/xscale_program.html ?          ? 5 
PDB_EXTRACT 3.006    'June 11, 2008' package PDB                          help@deposit.rcsb.org                'data extraction' 
http://sw-tools.pdb.org/apps/PDB_EXTRACT/                                   C++        ? 6 
XDS         .        ?               ?       ?                            ?                                    'data reduction'  ? 
?          ? 7 
# 
_cell.entry_id           3IUW 
_cell.length_a           76.020 
_cell.length_b           76.020 
_cell.length_c           65.944 
_cell.angle_alpha        90.00 
_cell.angle_beta         90.00 
_cell.angle_gamma        120.00 
_cell.Z_PDB              12 
_cell.pdbx_unique_axis   ? 
_cell.length_a_esd       ? 
_cell.length_b_esd       ? 
_cell.length_c_esd       ? 
_cell.angle_alpha_esd    ? 
_cell.angle_beta_esd     ? 
_cell.angle_gamma_esd    ? 
# 
_symmetry.entry_id                         3IUW 
_symmetry.space_group_name_H-M             'P 31 2 1' 
_symmetry.pdbx_full_space_group_name_H-M   ? 
_symmetry.cell_setting                     ? 
_symmetry.Int_Tables_number                152 
_symmetry.space_group_name_Hall            ? 
# 
_exptl.crystals_number   1 
_exptl.method            'X-RAY DIFFRACTION' 
_exptl.entry_id          3IUW 
# 
_exptl_crystal.id                    1 
_exptl_crystal.density_Matthews      2.73 
_exptl_crystal.density_meas          ? 
_exptl_crystal.density_percent_sol   54.98 
_exptl_crystal.description           ? 
_exptl_crystal.F_000                 ? 
_exptl_crystal.preparation           ? 
# 
_exptl_crystal_grow.crystal_id      1 
_exptl_crystal_grow.method          'VAPOR DIFFUSION, SITTING DROP' 
_exptl_crystal_grow.pH              6.5 
_exptl_crystal_grow.temp            277 
_exptl_crystal_grow.pdbx_details    
'30.0000% PEG-400, 0.2000M LiSO4, 0.1M Cacodylate pH 6.5, NANODROP, VAPOR DIFFUSION, SITTING DROP, temperature 277K' 
_exptl_crystal_grow.temp_details    ? 
_exptl_crystal_grow.pdbx_pH_range   ? 
# 
_diffrn.id                     1 
_diffrn.ambient_temp           100 
_diffrn.ambient_temp_details   ? 
_diffrn.crystal_id             1 
# 
_diffrn_detector.diffrn_id              1 
_diffrn_detector.detector               CCD 
_diffrn_detector.type                   'MARMOSAIC 325 mm CCD' 
_diffrn_detector.details                'Flat collimating mirror, toroid focusing mirror' 
_diffrn_detector.pdbx_collection_date   2009-05-14 
# 
_diffrn_radiation.diffrn_id                        1 
_diffrn_radiation.pdbx_monochromatic_or_laue_m_l   M 
_diffrn_radiation.monochromator                    'Double crystal monochromator' 
_diffrn_radiation.pdbx_diffrn_protocol             MAD 
_diffrn_radiation.wavelength_id                    1 
_diffrn_radiation.pdbx_scattering_type             x-ray 
# 
loop_
_diffrn_radiation_wavelength.id 
_diffrn_radiation_wavelength.wavelength 
_diffrn_radiation_wavelength.wt 
1 0.91162 1.0 
2 0.97934 1.0 
# 
_diffrn_source.diffrn_id                   1 
_diffrn_source.source                      SYNCHROTRON 
_diffrn_source.pdbx_synchrotron_beamline   BL9-2 
_diffrn_source.type                        'SSRL BEAMLINE BL9-2' 
_diffrn_source.pdbx_wavelength_list        0.91162,0.97934 
_diffrn_source.pdbx_wavelength             ? 
_diffrn_source.pdbx_synchrotron_site       SSRL 
# 
_reflns.entry_id                     3IUW 
_reflns.d_resolution_high            1.58 
_reflns.d_resolution_low             29.476 
_reflns.number_obs                   30516 
_reflns.pdbx_Rmerge_I_obs            0.042 
_reflns.pdbx_netI_over_sigmaI        16.770 
_reflns.percent_possible_obs         99.600 
_reflns.B_iso_Wilson_estimate        24.761 
_reflns.observed_criterion_sigma_I   -3.00 
_reflns.observed_criterion_sigma_F   ? 
_reflns.number_all                   ? 
_reflns.pdbx_Rsym_value              ? 
_reflns.pdbx_redundancy              7.262 
_reflns.R_free_details               ? 
_reflns.limit_h_max                  ? 
_reflns.limit_h_min                  ? 
_reflns.limit_k_max                  ? 
_reflns.limit_k_min                  ? 
_reflns.limit_l_max                  ? 
_reflns.limit_l_min                  ? 
_reflns.observed_criterion_F_max     ? 
_reflns.observed_criterion_F_min     ? 
_reflns.pdbx_chi_squared             ? 
_reflns.pdbx_scaling_rejects         ? 
_reflns.pdbx_ordinal                 1 
_reflns.pdbx_diffrn_id               1 
# 
loop_
_reflns_shell.d_res_high 
_reflns_shell.d_res_low 
_reflns_shell.number_measured_obs 
_reflns_shell.number_measured_all 
_reflns_shell.number_unique_obs 
_reflns_shell.Rmerge_I_obs 
_reflns_shell.meanI_over_sigI_obs 
_reflns_shell.pdbx_Rsym_value 
_reflns_shell.pdbx_chi_squared 
_reflns_shell.pdbx_redundancy 
_reflns_shell.percent_possible_obs 
_reflns_shell.number_unique_all 
_reflns_shell.percent_possible_all 
_reflns_shell.pdbx_ordinal 
_reflns_shell.pdbx_diffrn_id 
1.58 1.64   22765 ? 6099 0.806 1.7  ? ? ? ? ? 98.90 1  1 
1.64 1.70   20150 ? 5330 0.605 2.3  ? ? ? ? ? 99.60 2  1 
1.70 1.78   22994 ? 6048 0.389 3.5  ? ? ? ? ? 99.70 3  1 
1.78 1.87   21245 ? 5583 0.256 5.2  ? ? ? ? ? 99.70 4  1 
1.87 1.99   22717 ? 5958 0.142 9.1  ? ? ? ? ? 99.60 5  1 
1.99 2.14   22083 ? 5773 0.089 13.6 ? ? ? ? ? 99.90 6  1 
2.14 2.36   22690 ? 5923 0.056 20.6 ? ? ? ? ? 99.70 7  1 
2.36 2.70   22452 ? 5831 0.039 27.4 ? ? ? ? ? 99.80 8  1 
2.70 3.40   22351 ? 5830 0.032 37.2 ? ? ? ? ? 99.80 9  1 
3.40 29.476 22228 ? 5847 0.025 46.6 ? ? ? ? ? 99.20 10 1 
# 
_refine.entry_id                                 3IUW 
_refine.ls_d_res_high                            1.580 
_refine.ls_d_res_low                             29.476 
_refine.pdbx_ls_sigma_F                          0.00 
_refine.pdbx_data_cutoff_high_absF               ? 
_refine.pdbx_data_cutoff_low_absF                ? 
_refine.ls_percent_reflns_obs                    99.760 
_refine.ls_number_reflns_obs                     30487 
_refine.ls_number_reflns_all                     ? 
_refine.pdbx_ls_cross_valid_method               THROUGHOUT 
_refine.pdbx_R_Free_selection_details            RANDOM 
_refine.details                                  
;1.HYDROGENS HAVE BEEN ADDED IN THE RIDING POSITIONS. 2. ATOM RECORD CONTAINS RESIDUAL B FACTORS ONLY. 3.A MET-INHIBITION PROTOCOL WAS USED FOR SELENOMETHIONINE INCORPORATION DURING PROTEIN EXPRESSION. THE OCCUPANCY OF THE SE ATOMS IN THE MSE RESIDUES WAS REDUCED TO 0.75 TO ACCOUNT FOR THE REDUCED SCATTERING POWER DUE TO PARTIAL S-MET INCORPORATION. 4.CACODYLATE IONS AND ONE SULFATE ION FROM CRYSTALLIZATION ARE MODELED IN THE STRUCTURE. THE POSITION OF CACODYLATE IONS WERE VERIFIED BY ANOMALOUS DIFFERENCE FOURIER MAPS.
;
_refine.ls_R_factor_all                          ? 
_refine.ls_R_factor_obs                          0.187 
_refine.ls_R_factor_R_work                       0.185 
_refine.ls_wR_factor_R_work                      ? 
_refine.ls_R_factor_R_free                       0.222 
_refine.ls_wR_factor_R_free                      ? 
_refine.ls_percent_reflns_R_free                 5.000 
_refine.ls_number_reflns_R_free                  1538 
_refine.ls_R_factor_R_free_error                 ? 
_refine.B_iso_mean                               32.008 
_refine.solvent_model_param_bsol                 ? 
_refine.solvent_model_param_ksol                 ? 
_refine.pdbx_isotropic_thermal_model             ? 
_refine.aniso_B[1][1]                            -0.970 
_refine.aniso_B[2][2]                            -0.970 
_refine.aniso_B[3][3]                            1.460 
_refine.aniso_B[1][2]                            -0.490 
_refine.aniso_B[1][3]                            0.000 
_refine.aniso_B[2][3]                            0.000 
_refine.correlation_coeff_Fo_to_Fc               0.966 
_refine.correlation_coeff_Fo_to_Fc_free          0.950 
_refine.overall_SU_R_Cruickshank_DPI             ? 
_refine.overall_SU_R_free                        ? 
_refine.pdbx_overall_ESU_R                       0.082 
_refine.pdbx_overall_ESU_R_Free                  0.086 
_refine.overall_SU_ML                            0.060 
_refine.overall_SU_B                             3.224 
_refine.solvent_model_details                    'BABINET MODEL WITH MASK' 
_refine.pdbx_solvent_vdw_probe_radii             1.200 
_refine.pdbx_solvent_ion_probe_radii             0.800 
_refine.pdbx_solvent_shrinkage_radii             0.800 
_refine.ls_number_parameters                     ? 
_refine.ls_number_restraints                     ? 
_refine.pdbx_method_to_determine_struct          MAD 
_refine.pdbx_stereochemistry_target_values       'MAXIMUM LIKELIHOOD WITH PHASES' 
_refine.pdbx_stereochem_target_val_spec_case     ? 
_refine.overall_FOM_work_R_set                   ? 
_refine.B_iso_max                                69.57 
_refine.B_iso_min                                11.07 
_refine.occupancy_max                            1.00 
_refine.occupancy_min                            0.20 
_refine.pdbx_ls_sigma_I                          ? 
_refine.ls_redundancy_reflns_obs                 ? 
_refine.ls_R_factor_R_free_error_details         ? 
_refine.pdbx_starting_model                      ? 
_refine.pdbx_data_cutoff_high_rms_absF           ? 
_refine.overall_FOM_free_R_set                   ? 
_refine.pdbx_overall_phase_error                 ? 
_refine.pdbx_refine_id                           'X-RAY DIFFRACTION' 
_refine.pdbx_TLS_residual_ADP_flag               'LIKELY RESIDUAL' 
_refine.pdbx_diffrn_id                           1 
_refine.pdbx_overall_SU_R_free_Cruickshank_DPI   ? 
_refine.pdbx_overall_SU_R_Blow_DPI               ? 
_refine.pdbx_overall_SU_R_free_Blow_DPI          ? 
# 
_refine_hist.pdbx_refine_id                   'X-RAY DIFFRACTION' 
_refine_hist.cycle_id                         LAST 
_refine_hist.pdbx_number_atoms_protein        1331 
_refine_hist.pdbx_number_atoms_nucleic_acid   0 
_refine_hist.pdbx_number_atoms_ligand         15 
_refine_hist.number_atoms_solvent             183 
_refine_hist.number_atoms_total               1529 
_refine_hist.d_res_high                       1.580 
_refine_hist.d_res_low                        29.476 
# 
loop_
_refine_ls_restr.type 
_refine_ls_restr.pdbx_refine_id 
_refine_ls_restr.number 
_refine_ls_restr.dev_ideal 
_refine_ls_restr.dev_ideal_target 
_refine_ls_restr.weight 
_refine_ls_restr.pdbx_restraint_function 
r_bond_refined_d         'X-RAY DIFFRACTION' 1527 0.018  0.022  ? ? 
r_bond_other_d           'X-RAY DIFFRACTION' 1025 0.002  0.020  ? ? 
r_angle_refined_deg      'X-RAY DIFFRACTION' 2085 1.591  1.963  ? ? 
r_angle_other_deg        'X-RAY DIFFRACTION' 2504 1.002  3.000  ? ? 
r_dihedral_angle_1_deg   'X-RAY DIFFRACTION' 191  5.426  5.000  ? ? 
r_dihedral_angle_2_deg   'X-RAY DIFFRACTION' 85   34.170 24.353 ? ? 
r_dihedral_angle_3_deg   'X-RAY DIFFRACTION' 285  11.074 15.000 ? ? 
r_dihedral_angle_4_deg   'X-RAY DIFFRACTION' 12   10.776 15.000 ? ? 
r_chiral_restr           'X-RAY DIFFRACTION' 223  0.083  0.200  ? ? 
r_gen_planes_refined     'X-RAY DIFFRACTION' 1775 0.006  0.020  ? ? 
r_gen_planes_other       'X-RAY DIFFRACTION' 329  0.002  0.020  ? ? 
r_nbd_refined            'X-RAY DIFFRACTION' 279  0.218  0.300  ? ? 
r_nbd_other              'X-RAY DIFFRACTION' 1050 0.182  0.300  ? ? 
r_nbtor_refined          'X-RAY DIFFRACTION' 736  0.176  0.500  ? ? 
r_nbtor_other            'X-RAY DIFFRACTION' 822  0.082  0.500  ? ? 
r_xyhbond_nbd_refined    'X-RAY DIFFRACTION' 233  0.167  0.500  ? ? 
r_symmetry_vdw_refined   'X-RAY DIFFRACTION' 19   0.157  0.300  ? ? 
r_symmetry_vdw_other     'X-RAY DIFFRACTION' 25   0.344  0.300  ? ? 
r_symmetry_hbond_refined 'X-RAY DIFFRACTION' 26   0.173  0.500  ? ? 
r_mcbond_it              'X-RAY DIFFRACTION' 978  2.149  3.000  ? ? 
r_mcbond_other           'X-RAY DIFFRACTION' 356  0.719  3.000  ? ? 
r_mcangle_it             'X-RAY DIFFRACTION' 1471 2.501  5.000  ? ? 
r_scbond_it              'X-RAY DIFFRACTION' 685  5.103  8.000  ? ? 
r_scangle_it             'X-RAY DIFFRACTION' 614  6.454  11.000 ? ? 
# 
loop_
_refine_ls_restr_ncs.pdbx_refine_id 
_refine_ls_restr_ncs.pdbx_ens_id 
_refine_ls_restr_ncs.dom_id 
_refine_ls_restr_ncs.pdbx_type 
_refine_ls_restr_ncs.pdbx_auth_asym_id 
_refine_ls_restr_ncs.pdbx_number 
_refine_ls_restr_ncs.rms_dev_position 
_refine_ls_restr_ncs.weight_position 
_refine_ls_restr_ncs.pdbx_ordinal 
_refine_ls_restr_ncs.ncs_model_details 
_refine_ls_restr_ncs.rms_dev_B_iso 
_refine_ls_restr_ncs.weight_B_iso 
_refine_ls_restr_ncs.pdbx_asym_id 
_refine_ls_restr_ncs.pdbx_rms 
_refine_ls_restr_ncs.pdbx_weight 
'X-RAY DIFFRACTION' 1 1 'MEDIUM POSITIONAL' A 427 0.150 0.500  1 ? ? ? ? ? ? 
'X-RAY DIFFRACTION' 1 1 'LOOSE POSITIONAL'  A 616 0.650 5.000  2 ? ? ? ? ? ? 
'X-RAY DIFFRACTION' 1 1 'MEDIUM THERMAL'    A 427 1.250 2.000  3 ? ? ? ? ? ? 
'X-RAY DIFFRACTION' 1 1 'LOOSE THERMAL'     A 616 2.570 10.000 4 ? ? ? ? ? ? 
# 
_refine_ls_shell.d_res_high                       1.580 
_refine_ls_shell.d_res_low                        1.621 
_refine_ls_shell.pdbx_total_number_of_bins_used   20 
_refine_ls_shell.percent_reflns_obs               99.100 
_refine_ls_shell.number_reflns_R_work             2088 
_refine_ls_shell.R_factor_all                     ? 
_refine_ls_shell.R_factor_R_work                  0.249 
_refine_ls_shell.R_factor_R_free                  0.280 
_refine_ls_shell.percent_reflns_R_free            ? 
_refine_ls_shell.number_reflns_R_free             126 
_refine_ls_shell.R_factor_R_free_error            ? 
_refine_ls_shell.number_reflns_all                2214 
_refine_ls_shell.number_reflns_obs                ? 
_refine_ls_shell.redundancy_reflns_obs            ? 
_refine_ls_shell.pdbx_refine_id                   'X-RAY DIFFRACTION' 
# 
loop_
_struct_ncs_dom.pdbx_ens_id 
_struct_ncs_dom.id 
_struct_ncs_dom.details 
1 1 A 
1 2 B 
# 
loop_
_struct_ncs_dom_lim.pdbx_ens_id 
_struct_ncs_dom_lim.dom_id 
_struct_ncs_dom_lim.pdbx_component_id 
_struct_ncs_dom_lim.beg_label_asym_id 
_struct_ncs_dom_lim.beg_label_comp_id 
_struct_ncs_dom_lim.beg_label_seq_id 
_struct_ncs_dom_lim.beg_label_alt_id 
_struct_ncs_dom_lim.end_label_asym_id 
_struct_ncs_dom_lim.end_label_comp_id 
_struct_ncs_dom_lim.end_label_seq_id 
_struct_ncs_dom_lim.end_label_alt_id 
_struct_ncs_dom_lim.beg_auth_asym_id 
_struct_ncs_dom_lim.beg_auth_comp_id 
_struct_ncs_dom_lim.beg_auth_seq_id 
_struct_ncs_dom_lim.end_auth_asym_id 
_struct_ncs_dom_lim.end_auth_comp_id 
_struct_ncs_dom_lim.end_auth_seq_id 
_struct_ncs_dom_lim.pdbx_refine_code 
_struct_ncs_dom_lim.selection_details 
1 1 1 A PRO 7 . A HIS 83 . A PRO 6 A HIS 82 5 ? 
1 2 1 B PRO 7 . B HIS 83 . B PRO 6 B HIS 82 5 ? 
# 
_struct_ncs_ens.id        1 
_struct_ncs_ens.details   ? 
# 
_struct.entry_id                  3IUW 
_struct.title                     
'Crystal structure of Activating signal cointegrator (NP_814290.1) from ENTEROCOCCUS FAECALIS V583 at 1.58 A resolution' 
_struct.pdbx_model_details        ? 
_struct.pdbx_CASP_flag            ? 
_struct.pdbx_model_type_details   ? 
# 
_struct_keywords.text            
;NP_814290.1, Activating signal cointegrator, Structural Genomics, Joint Center for Structural Genomics, JCSG, Protein Structure Initiative, PSI-2, ASCH domain, SIGNALING PROTEIN, RNA BINDING PROTEIN
;
_struct_keywords.pdbx_keywords   'RNA BINDING PROTEIN' 
_struct_keywords.entry_id        3IUW 
# 
loop_
_struct_asym.id 
_struct_asym.pdbx_blank_PDB_chainid_flag 
_struct_asym.pdbx_modified 
_struct_asym.entity_id 
_struct_asym.details 
A N N 1 ? 
B N N 1 ? 
C N N 2 ? 
D N N 3 ? 
E N N 2 ? 
F N N 4 ? 
G N N 4 ? 
# 
_struct_ref.id                         1 
_struct_ref.db_name                    UNP 
_struct_ref.db_code                    Q8KUB7_ENTFA 
_struct_ref.pdbx_db_accession          Q8KUB7 
_struct_ref.entity_id                  1 
_struct_ref.pdbx_seq_one_letter_code   
;MEQQHPTIHTLKIETEFFKAVKERRKTFEIRKNDRNFQVGDILILEEYMNGMYLDDECEAEVIYITDYAQREGYVVLGIE
LH
;
_struct_ref.pdbx_align_begin           1 
_struct_ref.pdbx_db_isoform            ? 
# 
loop_
_struct_ref_seq.align_id 
_struct_ref_seq.ref_id 
_struct_ref_seq.pdbx_PDB_id_code 
_struct_ref_seq.pdbx_strand_id 
_struct_ref_seq.seq_align_beg 
_struct_ref_seq.pdbx_seq_align_beg_ins_code 
_struct_ref_seq.seq_align_end 
_struct_ref_seq.pdbx_seq_align_end_ins_code 
_struct_ref_seq.pdbx_db_accession 
_struct_ref_seq.db_align_beg 
_struct_ref_seq.pdbx_db_align_beg_ins_code 
_struct_ref_seq.db_align_end 
_struct_ref_seq.pdbx_db_align_end_ins_code 
_struct_ref_seq.pdbx_auth_seq_align_beg 
_struct_ref_seq.pdbx_auth_seq_align_end 
1 1 3IUW A 2 ? 83 ? Q8KUB7 1 ? 82 ? 1 82 
2 1 3IUW B 2 ? 83 ? Q8KUB7 1 ? 82 ? 1 82 
# 
loop_
_struct_ref_seq_dif.align_id 
_struct_ref_seq_dif.pdbx_pdb_id_code 
_struct_ref_seq_dif.mon_id 
_struct_ref_seq_dif.pdbx_pdb_strand_id 
_struct_ref_seq_dif.seq_num 
_struct_ref_seq_dif.pdbx_pdb_ins_code 
_struct_ref_seq_dif.pdbx_seq_db_name 
_struct_ref_seq_dif.pdbx_seq_db_accession_code 
_struct_ref_seq_dif.db_mon_id 
_struct_ref_seq_dif.pdbx_seq_db_seq_num 
_struct_ref_seq_dif.details 
_struct_ref_seq_dif.pdbx_auth_seq_num 
_struct_ref_seq_dif.pdbx_ordinal 
1 3IUW GLY A 1 ? UNP Q8KUB7 ? ? 'expression tag' 0 1 
2 3IUW GLY B 1 ? UNP Q8KUB7 ? ? 'expression tag' 0 2 
# 
_pdbx_struct_assembly.id                   1 
_pdbx_struct_assembly.details              author_and_software_defined_assembly 
_pdbx_struct_assembly.method_details       PISA 
_pdbx_struct_assembly.oligomeric_details   dimeric 
_pdbx_struct_assembly.oligomeric_count     2 
# 
loop_
_pdbx_struct_assembly_prop.biol_id 
_pdbx_struct_assembly_prop.type 
_pdbx_struct_assembly_prop.value 
_pdbx_struct_assembly_prop.details 
1 'ABSA (A^2)' 2650 ? 
1 MORE         -12  ? 
1 'SSA (A^2)'  9110 ? 
# 
_pdbx_struct_assembly_gen.assembly_id       1 
_pdbx_struct_assembly_gen.oper_expression   1 
_pdbx_struct_assembly_gen.asym_id_list      A,B,C,D,E,F,G 
# 
_pdbx_struct_assembly_auth_evidence.id                     1 
_pdbx_struct_assembly_auth_evidence.assembly_id            1 
_pdbx_struct_assembly_auth_evidence.experimental_support   'light scattering' 
_pdbx_struct_assembly_auth_evidence.details                ? 
# 
_pdbx_struct_oper_list.id                   1 
_pdbx_struct_oper_list.type                 'identity operation' 
_pdbx_struct_oper_list.name                 1_555 
_pdbx_struct_oper_list.symmetry_operation   x,y,z 
_pdbx_struct_oper_list.matrix[1][1]         1.0000000000 
_pdbx_struct_oper_list.matrix[1][2]         0.0000000000 
_pdbx_struct_oper_list.matrix[1][3]         0.0000000000 
_pdbx_struct_oper_list.vector[1]            0.0000000000 
_pdbx_struct_oper_list.matrix[2][1]         0.0000000000 
_pdbx_struct_oper_list.matrix[2][2]         1.0000000000 
_pdbx_struct_oper_list.matrix[2][3]         0.0000000000 
_pdbx_struct_oper_list.vector[2]            0.0000000000 
_pdbx_struct_oper_list.matrix[3][1]         0.0000000000 
_pdbx_struct_oper_list.matrix[3][2]         0.0000000000 
_pdbx_struct_oper_list.matrix[3][3]         1.0000000000 
_pdbx_struct_oper_list.vector[3]            0.0000000000 
# 
_struct_biol.id        1 
_struct_biol.details   'STATIC LIGHT SCATTERING SUPPORTS THE ASSIGNMENT OF A DIMER AS A SIGNIFICANT OLIGOMERIZATION STATE.' 
# 
loop_
_struct_conf.conf_type_id 
_struct_conf.id 
_struct_conf.pdbx_PDB_helix_id 
_struct_conf.beg_label_comp_id 
_struct_conf.beg_label_asym_id 
_struct_conf.beg_label_seq_id 
_struct_conf.pdbx_beg_PDB_ins_code 
_struct_conf.end_label_comp_id 
_struct_conf.end_label_asym_id 
_struct_conf.end_label_seq_id 
_struct_conf.pdbx_end_PDB_ins_code 
_struct_conf.beg_auth_comp_id 
_struct_conf.beg_auth_asym_id 
_struct_conf.beg_auth_seq_id 
_struct_conf.end_auth_comp_id 
_struct_conf.end_auth_asym_id 
_struct_conf.end_auth_seq_id 
_struct_conf.pdbx_PDB_helix_class 
_struct_conf.details 
_struct_conf.pdbx_PDB_helix_length 
HELX_P HELX_P1 1 THR A 16 ? GLU A 24 ? THR A 15 GLU A 23 1 ? 9 
HELX_P HELX_P2 2 THR B 16 ? GLU B 24 ? THR B 15 GLU B 23 1 ? 9 
# 
_struct_conf_type.id          HELX_P 
_struct_conf_type.criteria    ? 
_struct_conf_type.reference   ? 
# 
loop_
_struct_conn.id 
_struct_conn.conn_type_id 
_struct_conn.pdbx_leaving_atom_flag 
_struct_conn.pdbx_PDB_id 
_struct_conn.ptnr1_label_asym_id 
_struct_conn.ptnr1_label_comp_id 
_struct_conn.ptnr1_label_seq_id 
_struct_conn.ptnr1_label_atom_id 
_struct_conn.pdbx_ptnr1_label_alt_id 
_struct_conn.pdbx_ptnr1_PDB_ins_code 
_struct_conn.pdbx_ptnr1_standard_comp_id 
_struct_conn.ptnr1_symmetry 
_struct_conn.ptnr2_label_asym_id 
_struct_conn.ptnr2_label_comp_id 
_struct_conn.ptnr2_label_seq_id 
_struct_conn.ptnr2_label_atom_id 
_struct_conn.pdbx_ptnr2_label_alt_id 
_struct_conn.pdbx_ptnr2_PDB_ins_code 
_struct_conn.ptnr1_auth_asym_id 
_struct_conn.ptnr1_auth_comp_id 
_struct_conn.ptnr1_auth_seq_id 
_struct_conn.ptnr2_auth_asym_id 
_struct_conn.ptnr2_auth_comp_id 
_struct_conn.ptnr2_auth_seq_id 
_struct_conn.ptnr2_symmetry 
_struct_conn.pdbx_ptnr3_label_atom_id 
_struct_conn.pdbx_ptnr3_label_seq_id 
_struct_conn.pdbx_ptnr3_label_comp_id 
_struct_conn.pdbx_ptnr3_label_asym_id 
_struct_conn.pdbx_ptnr3_label_alt_id 
_struct_conn.pdbx_ptnr3_PDB_ins_code 
_struct_conn.details 
_struct_conn.pdbx_dist_value 
_struct_conn.pdbx_value_order 
_struct_conn.pdbx_role 
covale1  covale both ? A TYR 49 C ? ? ? 1_555 A MSE 50 N A ? A TYR 48 A MSE 49 1_555 ? ? ? ? ? ? ? 1.320 ? ? 
covale2  covale both ? A TYR 49 C ? ? ? 1_555 A MSE 50 N B ? A TYR 48 A MSE 49 1_555 ? ? ? ? ? ? ? 1.332 ? ? 
covale3  covale both ? A MSE 50 C A ? ? 1_555 A ASN 51 N ? ? A MSE 49 A ASN 50 1_555 ? ? ? ? ? ? ? 1.318 ? ? 
covale4  covale both ? A MSE 50 C B ? ? 1_555 A ASN 51 N ? ? A MSE 49 A ASN 50 1_555 ? ? ? ? ? ? ? 1.336 ? ? 
covale5  covale both ? A GLY 52 C ? ? ? 1_555 A MSE 53 N ? ? A GLY 51 A MSE 52 1_555 ? ? ? ? ? ? ? 1.326 ? ? 
covale6  covale both ? A MSE 53 C ? ? ? 1_555 A TYR 54 N ? ? A MSE 52 A TYR 53 1_555 ? ? ? ? ? ? ? 1.334 ? ? 
covale7  covale both ? B TYR 49 C ? ? ? 1_555 B MSE 50 N A ? B TYR 48 B MSE 49 1_555 ? ? ? ? ? ? ? 1.325 ? ? 
covale8  covale both ? B TYR 49 C ? ? ? 1_555 B MSE 50 N B ? B TYR 48 B MSE 49 1_555 ? ? ? ? ? ? ? 1.327 ? ? 
covale9  covale both ? B MSE 50 C A ? ? 1_555 B ASN 51 N ? ? B MSE 49 B ASN 50 1_555 ? ? ? ? ? ? ? 1.322 ? ? 
covale10 covale both ? B MSE 50 C B ? ? 1_555 B ASN 51 N ? ? B MSE 49 B ASN 50 1_555 ? ? ? ? ? ? ? 1.331 ? ? 
covale11 covale both ? B GLY 52 C ? ? ? 1_555 B MSE 53 N ? ? B GLY 51 B MSE 52 1_555 ? ? ? ? ? ? ? 1.326 ? ? 
covale12 covale both ? B MSE 53 C ? ? ? 1_555 B TYR 54 N ? ? B MSE 52 B TYR 53 1_555 ? ? ? ? ? ? ? 1.337 ? ? 
# 
_struct_conn_type.id          covale 
_struct_conn_type.criteria    ? 
_struct_conn_type.reference   ? 
# 
loop_
_pdbx_modification_feature.ordinal 
_pdbx_modification_feature.label_comp_id 
_pdbx_modification_feature.label_asym_id 
_pdbx_modification_feature.label_seq_id 
_pdbx_modification_feature.label_alt_id 
_pdbx_modification_feature.modified_residue_label_comp_id 
_pdbx_modification_feature.modified_residue_label_asym_id 
_pdbx_modification_feature.modified_residue_label_seq_id 
_pdbx_modification_feature.modified_residue_label_alt_id 
_pdbx_modification_feature.auth_comp_id 
_pdbx_modification_feature.auth_asym_id 
_pdbx_modification_feature.auth_seq_id 
_pdbx_modification_feature.PDB_ins_code 
_pdbx_modification_feature.symmetry 
_pdbx_modification_feature.modified_residue_auth_comp_id 
_pdbx_modification_feature.modified_residue_auth_asym_id 
_pdbx_modification_feature.modified_residue_auth_seq_id 
_pdbx_modification_feature.modified_residue_PDB_ins_code 
_pdbx_modification_feature.modified_residue_symmetry 
_pdbx_modification_feature.comp_id_linking_atom 
_pdbx_modification_feature.modified_residue_id_linking_atom 
_pdbx_modification_feature.modified_residue_id 
_pdbx_modification_feature.ref_pcm_id 
_pdbx_modification_feature.ref_comp_id 
_pdbx_modification_feature.type 
_pdbx_modification_feature.category 
1 MSE A 50 A . . . . MSE A 49 ? 1_555 . . . . . . . MET 1 MSE Selenomethionine 'Named protein modification' 
2 MSE A 50 B . . . . MSE A 49 ? 1_555 . . . . . . . MET 1 MSE Selenomethionine 'Named protein modification' 
3 MSE A 53 ? . . . . MSE A 52 ? 1_555 . . . . . . . MET 1 MSE Selenomethionine 'Named protein modification' 
4 MSE B 50 A . . . . MSE B 49 ? 1_555 . . . . . . . MET 1 MSE Selenomethionine 'Named protein modification' 
5 MSE B 50 B . . . . MSE B 49 ? 1_555 . . . . . . . MET 1 MSE Selenomethionine 'Named protein modification' 
6 MSE B 53 ? . . . . MSE B 52 ? 1_555 . . . . . . . MET 1 MSE Selenomethionine 'Named protein modification' 
# 
loop_
_struct_sheet.id 
_struct_sheet.type 
_struct_sheet.number_strands 
_struct_sheet.details 
A ? 5 ? 
B ? 5 ? 
# 
loop_
_struct_sheet_order.sheet_id 
_struct_sheet_order.range_id_1 
_struct_sheet_order.range_id_2 
_struct_sheet_order.offset 
_struct_sheet_order.sense 
A 1 2 ? parallel      
A 2 3 ? anti-parallel 
A 3 4 ? anti-parallel 
A 4 5 ? anti-parallel 
B 1 2 ? parallel      
B 2 3 ? anti-parallel 
B 3 4 ? anti-parallel 
B 4 5 ? anti-parallel 
# 
loop_
_struct_sheet_range.sheet_id 
_struct_sheet_range.id 
_struct_sheet_range.beg_label_comp_id 
_struct_sheet_range.beg_label_asym_id 
_struct_sheet_range.beg_label_seq_id 
_struct_sheet_range.pdbx_beg_PDB_ins_code 
_struct_sheet_range.end_label_comp_id 
_struct_sheet_range.end_label_asym_id 
_struct_sheet_range.end_label_seq_id 
_struct_sheet_range.pdbx_end_PDB_ins_code 
_struct_sheet_range.beg_auth_comp_id 
_struct_sheet_range.beg_auth_asym_id 
_struct_sheet_range.beg_auth_seq_id 
_struct_sheet_range.end_auth_comp_id 
_struct_sheet_range.end_auth_asym_id 
_struct_sheet_range.end_auth_seq_id 
A 1 ILE A 9  ? GLU A 15 ? ILE A 8  GLU A 14 
A 2 ILE A 43 ? MSE A 50 ? ILE A 42 MSE A 49 
A 3 MSE A 53 ? THR A 67 ? MSE A 52 THR A 66 
A 4 TYR A 75 ? LEU A 82 ? TYR A 74 LEU A 81 
A 5 PHE A 29 ? LYS A 33 ? PHE A 28 LYS A 32 
B 1 ILE B 9  ? GLU B 15 ? ILE B 8  GLU B 14 
B 2 ILE B 43 ? MSE B 50 ? ILE B 42 MSE B 49 
B 3 MSE B 53 ? THR B 67 ? MSE B 52 THR B 66 
B 4 TYR B 75 ? LEU B 82 ? TYR B 74 LEU B 81 
B 5 PHE B 29 ? LYS B 33 ? PHE B 28 LYS B 32 
# 
loop_
_pdbx_struct_sheet_hbond.sheet_id 
_pdbx_struct_sheet_hbond.range_id_1 
_pdbx_struct_sheet_hbond.range_id_2 
_pdbx_struct_sheet_hbond.range_1_label_atom_id 
_pdbx_struct_sheet_hbond.range_1_label_comp_id 
_pdbx_struct_sheet_hbond.range_1_label_asym_id 
_pdbx_struct_sheet_hbond.range_1_label_seq_id 
_pdbx_struct_sheet_hbond.range_1_PDB_ins_code 
_pdbx_struct_sheet_hbond.range_1_auth_atom_id 
_pdbx_struct_sheet_hbond.range_1_auth_comp_id 
_pdbx_struct_sheet_hbond.range_1_auth_asym_id 
_pdbx_struct_sheet_hbond.range_1_auth_seq_id 
_pdbx_struct_sheet_hbond.range_2_label_atom_id 
_pdbx_struct_sheet_hbond.range_2_label_comp_id 
_pdbx_struct_sheet_hbond.range_2_label_asym_id 
_pdbx_struct_sheet_hbond.range_2_label_seq_id 
_pdbx_struct_sheet_hbond.range_2_PDB_ins_code 
_pdbx_struct_sheet_hbond.range_2_auth_atom_id 
_pdbx_struct_sheet_hbond.range_2_auth_comp_id 
_pdbx_struct_sheet_hbond.range_2_auth_asym_id 
_pdbx_struct_sheet_hbond.range_2_auth_seq_id 
A 1 2 N HIS A 10 ? N HIS A 9  O ILE A 43 ? O ILE A 42 
A 2 3 N LEU A 44 ? N LEU A 43 O ALA A 61 ? O ALA A 60 
A 3 4 N TYR A 65 ? N TYR A 64 O GLY A 79 ? O GLY A 78 
A 4 5 O LEU A 78 ? O LEU A 77 N GLU A 30 ? N GLU A 29 
B 1 2 N HIS B 10 ? N HIS B 9  O ILE B 43 ? O ILE B 42 
B 2 3 N LEU B 44 ? N LEU B 43 O ALA B 61 ? O ALA B 60 
B 3 4 N THR B 67 ? N THR B 66 O VAL B 77 ? O VAL B 76 
B 4 5 O LEU B 78 ? O LEU B 77 N GLU B 30 ? N GLU B 29 
# 
loop_
_struct_site.id 
_struct_site.pdbx_evidence_code 
_struct_site.pdbx_auth_asym_id 
_struct_site.pdbx_auth_comp_id 
_struct_site.pdbx_auth_seq_id 
_struct_site.pdbx_auth_ins_code 
_struct_site.pdbx_num_residues 
_struct_site.details 
AC1 Software A CAC 83   ? 5 'BINDING SITE FOR RESIDUE CAC A 83'   
AC2 Software A SO4 84   ? 4 'BINDING SITE FOR RESIDUE SO4 A 84'   
AC3 Software B CAC 1083 ? 6 'BINDING SITE FOR RESIDUE CAC B 1083' 
# 
loop_
_struct_site_gen.id 
_struct_site_gen.site_id 
_struct_site_gen.pdbx_num_res 
_struct_site_gen.label_comp_id 
_struct_site_gen.label_asym_id 
_struct_site_gen.label_seq_id 
_struct_site_gen.pdbx_auth_ins_code 
_struct_site_gen.auth_comp_id 
_struct_site_gen.auth_asym_id 
_struct_site_gen.auth_seq_id 
_struct_site_gen.label_atom_id 
_struct_site_gen.label_alt_id 
_struct_site_gen.symmetry 
_struct_site_gen.details 
1  AC1 5 ILE A 14 ? ILE A 13  . ? 1_555 ? 
2  AC1 5 LYS A 27 ? LYS A 26  . ? 1_555 ? 
3  AC1 5 GLU A 30 ? GLU A 29  . ? 1_555 ? 
4  AC1 5 ILE A 31 ? ILE A 30  . ? 1_555 ? 
5  AC1 5 HOH F .  ? HOH A 172 . ? 1_555 ? 
6  AC2 4 LYS A 13 ? LYS A 12  . ? 1_555 ? 
7  AC2 4 GLU A 73 ? GLU A 72  . ? 2_665 ? 
8  AC2 4 LYS B 13 ? LYS B 12  . ? 6_665 ? 
9  AC2 4 ARG B 72 ? ARG B 71  . ? 2_665 ? 
10 AC3 6 TYR A 69 ? TYR A 68  . ? 1_555 ? 
11 AC3 6 PHE B 18 ? PHE B 17  . ? 1_555 ? 
12 AC3 6 LYS B 27 ? LYS B 26  . ? 1_555 ? 
13 AC3 6 GLU B 30 ? GLU B 29  . ? 1_555 ? 
14 AC3 6 ILE B 31 ? ILE B 30  . ? 1_555 ? 
15 AC3 6 ARG B 32 ? ARG B 31  . ? 1_555 ? 
# 
_pdbx_entry_details.entry_id                   3IUW 
_pdbx_entry_details.compound_details           ? 
_pdbx_entry_details.source_details             ? 
_pdbx_entry_details.nonpolymer_details         ? 
_pdbx_entry_details.sequence_details           
;THE CONSTRUCT WAS EXPRESSED WITH A PURIFICATION TAG MGSDKIHHHHHHENLYFQG. THE TAG WAS REMOVED WITH TEV PROTEASE LEAVING ONLY A GLYCINE (0) FOLLOWED BY THE TARGET SEQUENCE.
;
_pdbx_entry_details.has_ligand_of_interest     ? 
_pdbx_entry_details.has_protein_modification   Y 
# 
loop_
_pdbx_validate_torsion.id 
_pdbx_validate_torsion.PDB_model_num 
_pdbx_validate_torsion.auth_comp_id 
_pdbx_validate_torsion.auth_asym_id 
_pdbx_validate_torsion.auth_seq_id 
_pdbx_validate_torsion.PDB_ins_code 
_pdbx_validate_torsion.label_alt_id 
_pdbx_validate_torsion.phi 
_pdbx_validate_torsion.psi 
1 1 ALA A 69 ? ? 59.71 14.52 
2 1 ALA B 69 ? ? 57.61 7.18  
# 
_pdbx_SG_project.project_name          'PSI, Protein Structure Initiative' 
_pdbx_SG_project.full_name_of_center   'Joint Center for Structural Genomics' 
_pdbx_SG_project.id                    1 
_pdbx_SG_project.initial_of_center     JCSG 
# 
loop_
_pdbx_struct_mod_residue.id 
_pdbx_struct_mod_residue.label_asym_id 
_pdbx_struct_mod_residue.label_comp_id 
_pdbx_struct_mod_residue.label_seq_id 
_pdbx_struct_mod_residue.auth_asym_id 
_pdbx_struct_mod_residue.auth_comp_id 
_pdbx_struct_mod_residue.auth_seq_id 
_pdbx_struct_mod_residue.PDB_ins_code 
_pdbx_struct_mod_residue.parent_comp_id 
_pdbx_struct_mod_residue.details 
1 A MSE 50 A MSE 49 ? MET SELENOMETHIONINE 
2 A MSE 53 A MSE 52 ? MET SELENOMETHIONINE 
3 B MSE 50 B MSE 49 ? MET SELENOMETHIONINE 
4 B MSE 53 B MSE 52 ? MET SELENOMETHIONINE 
# 
loop_
_pdbx_refine_tls.pdbx_refine_id 
_pdbx_refine_tls.id 
_pdbx_refine_tls.details 
_pdbx_refine_tls.method 
_pdbx_refine_tls.origin_x 
_pdbx_refine_tls.origin_y 
_pdbx_refine_tls.origin_z 
_pdbx_refine_tls.T[1][1] 
_pdbx_refine_tls.T[2][2] 
_pdbx_refine_tls.T[3][3] 
_pdbx_refine_tls.T[1][2] 
_pdbx_refine_tls.T[1][3] 
_pdbx_refine_tls.T[2][3] 
_pdbx_refine_tls.L[1][1] 
_pdbx_refine_tls.L[2][2] 
_pdbx_refine_tls.L[3][3] 
_pdbx_refine_tls.L[1][2] 
_pdbx_refine_tls.L[1][3] 
_pdbx_refine_tls.L[2][3] 
_pdbx_refine_tls.S[1][1] 
_pdbx_refine_tls.S[2][2] 
_pdbx_refine_tls.S[3][3] 
_pdbx_refine_tls.S[1][2] 
_pdbx_refine_tls.S[1][3] 
_pdbx_refine_tls.S[2][3] 
_pdbx_refine_tls.S[2][1] 
_pdbx_refine_tls.S[3][1] 
_pdbx_refine_tls.S[3][2] 
'X-RAY DIFFRACTION' 1 ? refined -6.7780 0.4346  7.6795  -0.0754 0.0001  -0.0649 -0.0162 0.0149 -0.0065 1.2690 2.2014 1.9944 -0.8141 -0.7799 0.3739 -0.0406 -0.0679 0.1085  -0.0325 -0.1232 0.1933 0.0359  0.0811  -0.2475 
'X-RAY DIFFRACTION' 2 ? refined 7.3094  -0.9075 -7.6497 -0.0158 -0.0516 -0.0850 0.0420  0.0100 0.0247  1.7945 1.6679 1.0243 -0.2145 -0.3014 0.2075 0.2048  -0.2024 -0.0024 0.0917  0.0122  0.0059 -0.1213 -0.0067 -0.0777 
# 
loop_
_pdbx_refine_tls_group.pdbx_refine_id 
_pdbx_refine_tls_group.id 
_pdbx_refine_tls_group.refine_tls_id 
_pdbx_refine_tls_group.beg_auth_asym_id 
_pdbx_refine_tls_group.beg_auth_seq_id 
_pdbx_refine_tls_group.end_auth_asym_id 
_pdbx_refine_tls_group.end_auth_seq_id 
_pdbx_refine_tls_group.selection_details 
_pdbx_refine_tls_group.beg_label_asym_id 
_pdbx_refine_tls_group.beg_label_seq_id 
_pdbx_refine_tls_group.end_label_asym_id 
_pdbx_refine_tls_group.end_label_seq_id 
_pdbx_refine_tls_group.selection 
'X-RAY DIFFRACTION' 1 1 A 4 A 82 ? . . . . ? 
'X-RAY DIFFRACTION' 2 2 B 3 B 82 ? . . . . ? 
# 
_phasing.method   MAD 
# 
loop_
_pdbx_unobs_or_zero_occ_residues.id 
_pdbx_unobs_or_zero_occ_residues.PDB_model_num 
_pdbx_unobs_or_zero_occ_residues.polymer_flag 
_pdbx_unobs_or_zero_occ_residues.occupancy_flag 
_pdbx_unobs_or_zero_occ_residues.auth_asym_id 
_pdbx_unobs_or_zero_occ_residues.auth_comp_id 
_pdbx_unobs_or_zero_occ_residues.auth_seq_id 
_pdbx_unobs_or_zero_occ_residues.PDB_ins_code 
_pdbx_unobs_or_zero_occ_residues.label_asym_id 
_pdbx_unobs_or_zero_occ_residues.label_comp_id 
_pdbx_unobs_or_zero_occ_residues.label_seq_id 
1 1 Y 1 A GLY 0 ? A GLY 1 
2 1 Y 1 A MSE 1 ? A MSE 2 
3 1 Y 1 A GLU 2 ? A GLU 3 
4 1 Y 1 A GLN 3 ? A GLN 4 
5 1 Y 1 B GLY 0 ? B GLY 1 
6 1 Y 1 B MSE 1 ? B MSE 2 
7 1 Y 1 B GLU 2 ? B GLU 3 
# 
loop_
_chem_comp_atom.comp_id 
_chem_comp_atom.atom_id 
_chem_comp_atom.type_symbol 
_chem_comp_atom.pdbx_aromatic_flag 
_chem_comp_atom.pdbx_stereo_config 
_chem_comp_atom.pdbx_ordinal 
ALA N    N  N N 1   
ALA CA   C  N S 2   
ALA C    C  N N 3   
ALA O    O  N N 4   
ALA CB   C  N N 5   
ALA OXT  O  N N 6   
ALA H    H  N N 7   
ALA H2   H  N N 8   
ALA HA   H  N N 9   
ALA HB1  H  N N 10  
ALA HB2  H  N N 11  
ALA HB3  H  N N 12  
ALA HXT  H  N N 13  
ARG N    N  N N 14  
ARG CA   C  N S 15  
ARG C    C  N N 16  
ARG O    O  N N 17  
ARG CB   C  N N 18  
ARG CG   C  N N 19  
ARG CD   C  N N 20  
ARG NE   N  N N 21  
ARG CZ   C  N N 22  
ARG NH1  N  N N 23  
ARG NH2  N  N N 24  
ARG OXT  O  N N 25  
ARG H    H  N N 26  
ARG H2   H  N N 27  
ARG HA   H  N N 28  
ARG HB2  H  N N 29  
ARG HB3  H  N N 30  
ARG HG2  H  N N 31  
ARG HG3  H  N N 32  
ARG HD2  H  N N 33  
ARG HD3  H  N N 34  
ARG HE   H  N N 35  
ARG HH11 H  N N 36  
ARG HH12 H  N N 37  
ARG HH21 H  N N 38  
ARG HH22 H  N N 39  
ARG HXT  H  N N 40  
ASN N    N  N N 41  
ASN CA   C  N S 42  
ASN C    C  N N 43  
ASN O    O  N N 44  
ASN CB   C  N N 45  
ASN CG   C  N N 46  
ASN OD1  O  N N 47  
ASN ND2  N  N N 48  
ASN OXT  O  N N 49  
ASN H    H  N N 50  
ASN H2   H  N N 51  
ASN HA   H  N N 52  
ASN HB2  H  N N 53  
ASN HB3  H  N N 54  
ASN HD21 H  N N 55  
ASN HD22 H  N N 56  
ASN HXT  H  N N 57  
ASP N    N  N N 58  
ASP CA   C  N S 59  
ASP C    C  N N 60  
ASP O    O  N N 61  
ASP CB   C  N N 62  
ASP CG   C  N N 63  
ASP OD1  O  N N 64  
ASP OD2  O  N N 65  
ASP OXT  O  N N 66  
ASP H    H  N N 67  
ASP H2   H  N N 68  
ASP HA   H  N N 69  
ASP HB2  H  N N 70  
ASP HB3  H  N N 71  
ASP HD2  H  N N 72  
ASP HXT  H  N N 73  
CAC AS   AS N N 74  
CAC O1   O  N N 75  
CAC O2   O  N N 76  
CAC C1   C  N N 77  
CAC C2   C  N N 78  
CAC H11  H  N N 79  
CAC H12  H  N N 80  
CAC H13  H  N N 81  
CAC H21  H  N N 82  
CAC H22  H  N N 83  
CAC H23  H  N N 84  
CYS N    N  N N 85  
CYS CA   C  N R 86  
CYS C    C  N N 87  
CYS O    O  N N 88  
CYS CB   C  N N 89  
CYS SG   S  N N 90  
CYS OXT  O  N N 91  
CYS H    H  N N 92  
CYS H2   H  N N 93  
CYS HA   H  N N 94  
CYS HB2  H  N N 95  
CYS HB3  H  N N 96  
CYS HG   H  N N 97  
CYS HXT  H  N N 98  
GLN N    N  N N 99  
GLN CA   C  N S 100 
GLN C    C  N N 101 
GLN O    O  N N 102 
GLN CB   C  N N 103 
GLN CG   C  N N 104 
GLN CD   C  N N 105 
GLN OE1  O  N N 106 
GLN NE2  N  N N 107 
GLN OXT  O  N N 108 
GLN H    H  N N 109 
GLN H2   H  N N 110 
GLN HA   H  N N 111 
GLN HB2  H  N N 112 
GLN HB3  H  N N 113 
GLN HG2  H  N N 114 
GLN HG3  H  N N 115 
GLN HE21 H  N N 116 
GLN HE22 H  N N 117 
GLN HXT  H  N N 118 
GLU N    N  N N 119 
GLU CA   C  N S 120 
GLU C    C  N N 121 
GLU O    O  N N 122 
GLU CB   C  N N 123 
GLU CG   C  N N 124 
GLU CD   C  N N 125 
GLU OE1  O  N N 126 
GLU OE2  O  N N 127 
GLU OXT  O  N N 128 
GLU H    H  N N 129 
GLU H2   H  N N 130 
GLU HA   H  N N 131 
GLU HB2  H  N N 132 
GLU HB3  H  N N 133 
GLU HG2  H  N N 134 
GLU HG3  H  N N 135 
GLU HE2  H  N N 136 
GLU HXT  H  N N 137 
GLY N    N  N N 138 
GLY CA   C  N N 139 
GLY C    C  N N 140 
GLY O    O  N N 141 
GLY OXT  O  N N 142 
GLY H    H  N N 143 
GLY H2   H  N N 144 
GLY HA2  H  N N 145 
GLY HA3  H  N N 146 
GLY HXT  H  N N 147 
HIS N    N  N N 148 
HIS CA   C  N S 149 
HIS C    C  N N 150 
HIS O    O  N N 151 
HIS CB   C  N N 152 
HIS CG   C  Y N 153 
HIS ND1  N  Y N 154 
HIS CD2  C  Y N 155 
HIS CE1  C  Y N 156 
HIS NE2  N  Y N 157 
HIS OXT  O  N N 158 
HIS H    H  N N 159 
HIS H2   H  N N 160 
HIS HA   H  N N 161 
HIS HB2  H  N N 162 
HIS HB3  H  N N 163 
HIS HD1  H  N N 164 
HIS HD2  H  N N 165 
HIS HE1  H  N N 166 
HIS HE2  H  N N 167 
HIS HXT  H  N N 168 
HOH O    O  N N 169 
HOH H1   H  N N 170 
HOH H2   H  N N 171 
ILE N    N  N N 172 
ILE CA   C  N S 173 
ILE C    C  N N 174 
ILE O    O  N N 175 
ILE CB   C  N S 176 
ILE CG1  C  N N 177 
ILE CG2  C  N N 178 
ILE CD1  C  N N 179 
ILE OXT  O  N N 180 
ILE H    H  N N 181 
ILE H2   H  N N 182 
ILE HA   H  N N 183 
ILE HB   H  N N 184 
ILE HG12 H  N N 185 
ILE HG13 H  N N 186 
ILE HG21 H  N N 187 
ILE HG22 H  N N 188 
ILE HG23 H  N N 189 
ILE HD11 H  N N 190 
ILE HD12 H  N N 191 
ILE HD13 H  N N 192 
ILE HXT  H  N N 193 
LEU N    N  N N 194 
LEU CA   C  N S 195 
LEU C    C  N N 196 
LEU O    O  N N 197 
LEU CB   C  N N 198 
LEU CG   C  N N 199 
LEU CD1  C  N N 200 
LEU CD2  C  N N 201 
LEU OXT  O  N N 202 
LEU H    H  N N 203 
LEU H2   H  N N 204 
LEU HA   H  N N 205 
LEU HB2  H  N N 206 
LEU HB3  H  N N 207 
LEU HG   H  N N 208 
LEU HD11 H  N N 209 
LEU HD12 H  N N 210 
LEU HD13 H  N N 211 
LEU HD21 H  N N 212 
LEU HD22 H  N N 213 
LEU HD23 H  N N 214 
LEU HXT  H  N N 215 
LYS N    N  N N 216 
LYS CA   C  N S 217 
LYS C    C  N N 218 
LYS O    O  N N 219 
LYS CB   C  N N 220 
LYS CG   C  N N 221 
LYS CD   C  N N 222 
LYS CE   C  N N 223 
LYS NZ   N  N N 224 
LYS OXT  O  N N 225 
LYS H    H  N N 226 
LYS H2   H  N N 227 
LYS HA   H  N N 228 
LYS HB2  H  N N 229 
LYS HB3  H  N N 230 
LYS HG2  H  N N 231 
LYS HG3  H  N N 232 
LYS HD2  H  N N 233 
LYS HD3  H  N N 234 
LYS HE2  H  N N 235 
LYS HE3  H  N N 236 
LYS HZ1  H  N N 237 
LYS HZ2  H  N N 238 
LYS HZ3  H  N N 239 
LYS HXT  H  N N 240 
MSE N    N  N N 241 
MSE CA   C  N S 242 
MSE C    C  N N 243 
MSE O    O  N N 244 
MSE OXT  O  N N 245 
MSE CB   C  N N 246 
MSE CG   C  N N 247 
MSE SE   SE N N 248 
MSE CE   C  N N 249 
MSE H    H  N N 250 
MSE H2   H  N N 251 
MSE HA   H  N N 252 
MSE HXT  H  N N 253 
MSE HB2  H  N N 254 
MSE HB3  H  N N 255 
MSE HG2  H  N N 256 
MSE HG3  H  N N 257 
MSE HE1  H  N N 258 
MSE HE2  H  N N 259 
MSE HE3  H  N N 260 
PHE N    N  N N 261 
PHE CA   C  N S 262 
PHE C    C  N N 263 
PHE O    O  N N 264 
PHE CB   C  N N 265 
PHE CG   C  Y N 266 
PHE CD1  C  Y N 267 
PHE CD2  C  Y N 268 
PHE CE1  C  Y N 269 
PHE CE2  C  Y N 270 
PHE CZ   C  Y N 271 
PHE OXT  O  N N 272 
PHE H    H  N N 273 
PHE H2   H  N N 274 
PHE HA   H  N N 275 
PHE HB2  H  N N 276 
PHE HB3  H  N N 277 
PHE HD1  H  N N 278 
PHE HD2  H  N N 279 
PHE HE1  H  N N 280 
PHE HE2  H  N N 281 
PHE HZ   H  N N 282 
PHE HXT  H  N N 283 
PRO N    N  N N 284 
PRO CA   C  N S 285 
PRO C    C  N N 286 
PRO O    O  N N 287 
PRO CB   C  N N 288 
PRO CG   C  N N 289 
PRO CD   C  N N 290 
PRO OXT  O  N N 291 
PRO H    H  N N 292 
PRO HA   H  N N 293 
PRO HB2  H  N N 294 
PRO HB3  H  N N 295 
PRO HG2  H  N N 296 
PRO HG3  H  N N 297 
PRO HD2  H  N N 298 
PRO HD3  H  N N 299 
PRO HXT  H  N N 300 
SO4 S    S  N N 301 
SO4 O1   O  N N 302 
SO4 O2   O  N N 303 
SO4 O3   O  N N 304 
SO4 O4   O  N N 305 
THR N    N  N N 306 
THR CA   C  N S 307 
THR C    C  N N 308 
THR O    O  N N 309 
THR CB   C  N R 310 
THR OG1  O  N N 311 
THR CG2  C  N N 312 
THR OXT  O  N N 313 
THR H    H  N N 314 
THR H2   H  N N 315 
THR HA   H  N N 316 
THR HB   H  N N 317 
THR HG1  H  N N 318 
THR HG21 H  N N 319 
THR HG22 H  N N 320 
THR HG23 H  N N 321 
THR HXT  H  N N 322 
TYR N    N  N N 323 
TYR CA   C  N S 324 
TYR C    C  N N 325 
TYR O    O  N N 326 
TYR CB   C  N N 327 
TYR CG   C  Y N 328 
TYR CD1  C  Y N 329 
TYR CD2  C  Y N 330 
TYR CE1  C  Y N 331 
TYR CE2  C  Y N 332 
TYR CZ   C  Y N 333 
TYR OH   O  N N 334 
TYR OXT  O  N N 335 
TYR H    H  N N 336 
TYR H2   H  N N 337 
TYR HA   H  N N 338 
TYR HB2  H  N N 339 
TYR HB3  H  N N 340 
TYR HD1  H  N N 341 
TYR HD2  H  N N 342 
TYR HE1  H  N N 343 
TYR HE2  H  N N 344 
TYR HH   H  N N 345 
TYR HXT  H  N N 346 
VAL N    N  N N 347 
VAL CA   C  N S 348 
VAL C    C  N N 349 
VAL O    O  N N 350 
VAL CB   C  N N 351 
VAL CG1  C  N N 352 
VAL CG2  C  N N 353 
VAL OXT  O  N N 354 
VAL H    H  N N 355 
VAL H2   H  N N 356 
VAL HA   H  N N 357 
VAL HB   H  N N 358 
VAL HG11 H  N N 359 
VAL HG12 H  N N 360 
VAL HG13 H  N N 361 
VAL HG21 H  N N 362 
VAL HG22 H  N N 363 
VAL HG23 H  N N 364 
VAL HXT  H  N N 365 
# 
loop_
_chem_comp_bond.comp_id 
_chem_comp_bond.atom_id_1 
_chem_comp_bond.atom_id_2 
_chem_comp_bond.value_order 
_chem_comp_bond.pdbx_aromatic_flag 
_chem_comp_bond.pdbx_stereo_config 
_chem_comp_bond.pdbx_ordinal 
ALA N   CA   sing N N 1   
ALA N   H    sing N N 2   
ALA N   H2   sing N N 3   
ALA CA  C    sing N N 4   
ALA CA  CB   sing N N 5   
ALA CA  HA   sing N N 6   
ALA C   O    doub N N 7   
ALA C   OXT  sing N N 8   
ALA CB  HB1  sing N N 9   
ALA CB  HB2  sing N N 10  
ALA CB  HB3  sing N N 11  
ALA OXT HXT  sing N N 12  
ARG N   CA   sing N N 13  
ARG N   H    sing N N 14  
ARG N   H2   sing N N 15  
ARG CA  C    sing N N 16  
ARG CA  CB   sing N N 17  
ARG CA  HA   sing N N 18  
ARG C   O    doub N N 19  
ARG C   OXT  sing N N 20  
ARG CB  CG   sing N N 21  
ARG CB  HB2  sing N N 22  
ARG CB  HB3  sing N N 23  
ARG CG  CD   sing N N 24  
ARG CG  HG2  sing N N 25  
ARG CG  HG3  sing N N 26  
ARG CD  NE   sing N N 27  
ARG CD  HD2  sing N N 28  
ARG CD  HD3  sing N N 29  
ARG NE  CZ   sing N N 30  
ARG NE  HE   sing N N 31  
ARG CZ  NH1  sing N N 32  
ARG CZ  NH2  doub N N 33  
ARG NH1 HH11 sing N N 34  
ARG NH1 HH12 sing N N 35  
ARG NH2 HH21 sing N N 36  
ARG NH2 HH22 sing N N 37  
ARG OXT HXT  sing N N 38  
ASN N   CA   sing N N 39  
ASN N   H    sing N N 40  
ASN N   H2   sing N N 41  
ASN CA  C    sing N N 42  
ASN CA  CB   sing N N 43  
ASN CA  HA   sing N N 44  
ASN C   O    doub N N 45  
ASN C   OXT  sing N N 46  
ASN CB  CG   sing N N 47  
ASN CB  HB2  sing N N 48  
ASN CB  HB3  sing N N 49  
ASN CG  OD1  doub N N 50  
ASN CG  ND2  sing N N 51  
ASN ND2 HD21 sing N N 52  
ASN ND2 HD22 sing N N 53  
ASN OXT HXT  sing N N 54  
ASP N   CA   sing N N 55  
ASP N   H    sing N N 56  
ASP N   H2   sing N N 57  
ASP CA  C    sing N N 58  
ASP CA  CB   sing N N 59  
ASP CA  HA   sing N N 60  
ASP C   O    doub N N 61  
ASP C   OXT  sing N N 62  
ASP CB  CG   sing N N 63  
ASP CB  HB2  sing N N 64  
ASP CB  HB3  sing N N 65  
ASP CG  OD1  doub N N 66  
ASP CG  OD2  sing N N 67  
ASP OD2 HD2  sing N N 68  
ASP OXT HXT  sing N N 69  
CAC AS  O1   doub N N 70  
CAC AS  O2   sing N N 71  
CAC AS  C1   sing N N 72  
CAC AS  C2   sing N N 73  
CAC C1  H11  sing N N 74  
CAC C1  H12  sing N N 75  
CAC C1  H13  sing N N 76  
CAC C2  H21  sing N N 77  
CAC C2  H22  sing N N 78  
CAC C2  H23  sing N N 79  
CYS N   CA   sing N N 80  
CYS N   H    sing N N 81  
CYS N   H2   sing N N 82  
CYS CA  C    sing N N 83  
CYS CA  CB   sing N N 84  
CYS CA  HA   sing N N 85  
CYS C   O    doub N N 86  
CYS C   OXT  sing N N 87  
CYS CB  SG   sing N N 88  
CYS CB  HB2  sing N N 89  
CYS CB  HB3  sing N N 90  
CYS SG  HG   sing N N 91  
CYS OXT HXT  sing N N 92  
GLN N   CA   sing N N 93  
GLN N   H    sing N N 94  
GLN N   H2   sing N N 95  
GLN CA  C    sing N N 96  
GLN CA  CB   sing N N 97  
GLN CA  HA   sing N N 98  
GLN C   O    doub N N 99  
GLN C   OXT  sing N N 100 
GLN CB  CG   sing N N 101 
GLN CB  HB2  sing N N 102 
GLN CB  HB3  sing N N 103 
GLN CG  CD   sing N N 104 
GLN CG  HG2  sing N N 105 
GLN CG  HG3  sing N N 106 
GLN CD  OE1  doub N N 107 
GLN CD  NE2  sing N N 108 
GLN NE2 HE21 sing N N 109 
GLN NE2 HE22 sing N N 110 
GLN OXT HXT  sing N N 111 
GLU N   CA   sing N N 112 
GLU N   H    sing N N 113 
GLU N   H2   sing N N 114 
GLU CA  C    sing N N 115 
GLU CA  CB   sing N N 116 
GLU CA  HA   sing N N 117 
GLU C   O    doub N N 118 
GLU C   OXT  sing N N 119 
GLU CB  CG   sing N N 120 
GLU CB  HB2  sing N N 121 
GLU CB  HB3  sing N N 122 
GLU CG  CD   sing N N 123 
GLU CG  HG2  sing N N 124 
GLU CG  HG3  sing N N 125 
GLU CD  OE1  doub N N 126 
GLU CD  OE2  sing N N 127 
GLU OE2 HE2  sing N N 128 
GLU OXT HXT  sing N N 129 
GLY N   CA   sing N N 130 
GLY N   H    sing N N 131 
GLY N   H2   sing N N 132 
GLY CA  C    sing N N 133 
GLY CA  HA2  sing N N 134 
GLY CA  HA3  sing N N 135 
GLY C   O    doub N N 136 
GLY C   OXT  sing N N 137 
GLY OXT HXT  sing N N 138 
HIS N   CA   sing N N 139 
HIS N   H    sing N N 140 
HIS N   H2   sing N N 141 
HIS CA  C    sing N N 142 
HIS CA  CB   sing N N 143 
HIS CA  HA   sing N N 144 
HIS C   O    doub N N 145 
HIS C   OXT  sing N N 146 
HIS CB  CG   sing N N 147 
HIS CB  HB2  sing N N 148 
HIS CB  HB3  sing N N 149 
HIS CG  ND1  sing Y N 150 
HIS CG  CD2  doub Y N 151 
HIS ND1 CE1  doub Y N 152 
HIS ND1 HD1  sing N N 153 
HIS CD2 NE2  sing Y N 154 
HIS CD2 HD2  sing N N 155 
HIS CE1 NE2  sing Y N 156 
HIS CE1 HE1  sing N N 157 
HIS NE2 HE2  sing N N 158 
HIS OXT HXT  sing N N 159 
HOH O   H1   sing N N 160 
HOH O   H2   sing N N 161 
ILE N   CA   sing N N 162 
ILE N   H    sing N N 163 
ILE N   H2   sing N N 164 
ILE CA  C    sing N N 165 
ILE CA  CB   sing N N 166 
ILE CA  HA   sing N N 167 
ILE C   O    doub N N 168 
ILE C   OXT  sing N N 169 
ILE CB  CG1  sing N N 170 
ILE CB  CG2  sing N N 171 
ILE CB  HB   sing N N 172 
ILE CG1 CD1  sing N N 173 
ILE CG1 HG12 sing N N 174 
ILE CG1 HG13 sing N N 175 
ILE CG2 HG21 sing N N 176 
ILE CG2 HG22 sing N N 177 
ILE CG2 HG23 sing N N 178 
ILE CD1 HD11 sing N N 179 
ILE CD1 HD12 sing N N 180 
ILE CD1 HD13 sing N N 181 
ILE OXT HXT  sing N N 182 
LEU N   CA   sing N N 183 
LEU N   H    sing N N 184 
LEU N   H2   sing N N 185 
LEU CA  C    sing N N 186 
LEU CA  CB   sing N N 187 
LEU CA  HA   sing N N 188 
LEU C   O    doub N N 189 
LEU C   OXT  sing N N 190 
LEU CB  CG   sing N N 191 
LEU CB  HB2  sing N N 192 
LEU CB  HB3  sing N N 193 
LEU CG  CD1  sing N N 194 
LEU CG  CD2  sing N N 195 
LEU CG  HG   sing N N 196 
LEU CD1 HD11 sing N N 197 
LEU CD1 HD12 sing N N 198 
LEU CD1 HD13 sing N N 199 
LEU CD2 HD21 sing N N 200 
LEU CD2 HD22 sing N N 201 
LEU CD2 HD23 sing N N 202 
LEU OXT HXT  sing N N 203 
LYS N   CA   sing N N 204 
LYS N   H    sing N N 205 
LYS N   H2   sing N N 206 
LYS CA  C    sing N N 207 
LYS CA  CB   sing N N 208 
LYS CA  HA   sing N N 209 
LYS C   O    doub N N 210 
LYS C   OXT  sing N N 211 
LYS CB  CG   sing N N 212 
LYS CB  HB2  sing N N 213 
LYS CB  HB3  sing N N 214 
LYS CG  CD   sing N N 215 
LYS CG  HG2  sing N N 216 
LYS CG  HG3  sing N N 217 
LYS CD  CE   sing N N 218 
LYS CD  HD2  sing N N 219 
LYS CD  HD3  sing N N 220 
LYS CE  NZ   sing N N 221 
LYS CE  HE2  sing N N 222 
LYS CE  HE3  sing N N 223 
LYS NZ  HZ1  sing N N 224 
LYS NZ  HZ2  sing N N 225 
LYS NZ  HZ3  sing N N 226 
LYS OXT HXT  sing N N 227 
MSE N   CA   sing N N 228 
MSE N   H    sing N N 229 
MSE N   H2   sing N N 230 
MSE CA  C    sing N N 231 
MSE CA  CB   sing N N 232 
MSE CA  HA   sing N N 233 
MSE C   O    doub N N 234 
MSE C   OXT  sing N N 235 
MSE OXT HXT  sing N N 236 
MSE CB  CG   sing N N 237 
MSE CB  HB2  sing N N 238 
MSE CB  HB3  sing N N 239 
MSE CG  SE   sing N N 240 
MSE CG  HG2  sing N N 241 
MSE CG  HG3  sing N N 242 
MSE SE  CE   sing N N 243 
MSE CE  HE1  sing N N 244 
MSE CE  HE2  sing N N 245 
MSE CE  HE3  sing N N 246 
PHE N   CA   sing N N 247 
PHE N   H    sing N N 248 
PHE N   H2   sing N N 249 
PHE CA  C    sing N N 250 
PHE CA  CB   sing N N 251 
PHE CA  HA   sing N N 252 
PHE C   O    doub N N 253 
PHE C   OXT  sing N N 254 
PHE CB  CG   sing N N 255 
PHE CB  HB2  sing N N 256 
PHE CB  HB3  sing N N 257 
PHE CG  CD1  doub Y N 258 
PHE CG  CD2  sing Y N 259 
PHE CD1 CE1  sing Y N 260 
PHE CD1 HD1  sing N N 261 
PHE CD2 CE2  doub Y N 262 
PHE CD2 HD2  sing N N 263 
PHE CE1 CZ   doub Y N 264 
PHE CE1 HE1  sing N N 265 
PHE CE2 CZ   sing Y N 266 
PHE CE2 HE2  sing N N 267 
PHE CZ  HZ   sing N N 268 
PHE OXT HXT  sing N N 269 
PRO N   CA   sing N N 270 
PRO N   CD   sing N N 271 
PRO N   H    sing N N 272 
PRO CA  C    sing N N 273 
PRO CA  CB   sing N N 274 
PRO CA  HA   sing N N 275 
PRO C   O    doub N N 276 
PRO C   OXT  sing N N 277 
PRO CB  CG   sing N N 278 
PRO CB  HB2  sing N N 279 
PRO CB  HB3  sing N N 280 
PRO CG  CD   sing N N 281 
PRO CG  HG2  sing N N 282 
PRO CG  HG3  sing N N 283 
PRO CD  HD2  sing N N 284 
PRO CD  HD3  sing N N 285 
PRO OXT HXT  sing N N 286 
SO4 S   O1   doub N N 287 
SO4 S   O2   doub N N 288 
SO4 S   O3   sing N N 289 
SO4 S   O4   sing N N 290 
THR N   CA   sing N N 291 
THR N   H    sing N N 292 
THR N   H2   sing N N 293 
THR CA  C    sing N N 294 
THR CA  CB   sing N N 295 
THR CA  HA   sing N N 296 
THR C   O    doub N N 297 
THR C   OXT  sing N N 298 
THR CB  OG1  sing N N 299 
THR CB  CG2  sing N N 300 
THR CB  HB   sing N N 301 
THR OG1 HG1  sing N N 302 
THR CG2 HG21 sing N N 303 
THR CG2 HG22 sing N N 304 
THR CG2 HG23 sing N N 305 
THR OXT HXT  sing N N 306 
TYR N   CA   sing N N 307 
TYR N   H    sing N N 308 
TYR N   H2   sing N N 309 
TYR CA  C    sing N N 310 
TYR CA  CB   sing N N 311 
TYR CA  HA   sing N N 312 
TYR C   O    doub N N 313 
TYR C   OXT  sing N N 314 
TYR CB  CG   sing N N 315 
TYR CB  HB2  sing N N 316 
TYR CB  HB3  sing N N 317 
TYR CG  CD1  doub Y N 318 
TYR CG  CD2  sing Y N 319 
TYR CD1 CE1  sing Y N 320 
TYR CD1 HD1  sing N N 321 
TYR CD2 CE2  doub Y N 322 
TYR CD2 HD2  sing N N 323 
TYR CE1 CZ   doub Y N 324 
TYR CE1 HE1  sing N N 325 
TYR CE2 CZ   sing Y N 326 
TYR CE2 HE2  sing N N 327 
TYR CZ  OH   sing N N 328 
TYR OH  HH   sing N N 329 
TYR OXT HXT  sing N N 330 
VAL N   CA   sing N N 331 
VAL N   H    sing N N 332 
VAL N   H2   sing N N 333 
VAL CA  C    sing N N 334 
VAL CA  CB   sing N N 335 
VAL CA  HA   sing N N 336 
VAL C   O    doub N N 337 
VAL C   OXT  sing N N 338 
VAL CB  CG1  sing N N 339 
VAL CB  CG2  sing N N 340 
VAL CB  HB   sing N N 341 
VAL CG1 HG11 sing N N 342 
VAL CG1 HG12 sing N N 343 
VAL CG1 HG13 sing N N 344 
VAL CG2 HG21 sing N N 345 
VAL CG2 HG22 sing N N 346 
VAL CG2 HG23 sing N N 347 
VAL OXT HXT  sing N N 348 
# 
_atom_sites.entry_id                    3IUW 
_atom_sites.fract_transf_matrix[1][1]   -0.00718559 
_atom_sites.fract_transf_matrix[1][2]   -0.00648510 
_atom_sites.fract_transf_matrix[1][3]   -0.01170566 
_atom_sites.fract_transf_matrix[2][1]   -0.01243783 
_atom_sites.fract_transf_matrix[2][2]   -0.00837552 
_atom_sites.fract_transf_matrix[2][3]   0.00242008 
_atom_sites.fract_transf_matrix[3][1]   -0.00863222 
_atom_sites.fract_transf_matrix[3][2]   0.01236997 
_atom_sites.fract_transf_matrix[3][3]   -0.00155419 
_atom_sites.fract_transf_vector[1]      0.594207 
_atom_sites.fract_transf_vector[2]      0.641312 
_atom_sites.fract_transf_vector[3]      0.247656 
# 
loop_
_atom_type.symbol 
AS 
C  
N  
O  
S  
SE 
# 
loop_
_atom_site.group_PDB 
_atom_site.id 
_atom_site.type_symbol 
_atom_site.label_atom_id 
_atom_site.label_alt_id 
_atom_site.label_comp_id 
_atom_site.label_asym_id 
_atom_site.label_entity_id 
_atom_site.label_seq_id 
_atom_site.pdbx_PDB_ins_code 
_atom_site.Cartn_x 
_atom_site.Cartn_y 
_atom_site.Cartn_z 
_atom_site.occupancy 
_atom_site.B_iso_or_equiv 
_atom_site.pdbx_formal_charge 
_atom_site.auth_seq_id 
_atom_site.auth_comp_id 
_atom_site.auth_asym_id 
_atom_site.auth_atom_id 
_atom_site.pdbx_PDB_model_num 
ATOM   1    N  N   . GLN A 1 5  ? -21.272 -18.019 7.375   1.00 48.58 ? 4    GLN A N   1 
ATOM   2    C  CA  . GLN A 1 5  ? -20.401 -16.932 7.923   1.00 47.97 ? 4    GLN A CA  1 
ATOM   3    C  C   . GLN A 1 5  ? -20.106 -15.817 6.911   1.00 45.56 ? 4    GLN A C   1 
ATOM   4    O  O   . GLN A 1 5  ? -20.447 -15.915 5.727   1.00 46.05 ? 4    GLN A O   1 
ATOM   5    C  CB  . GLN A 1 5  ? -19.084 -17.502 8.478   1.00 48.70 ? 4    GLN A CB  1 
ATOM   6    C  CG  . GLN A 1 5  ? -19.129 -17.838 9.967   1.00 54.27 ? 4    GLN A CG  1 
ATOM   7    C  CD  . GLN A 1 5  ? -17.810 -17.566 10.666  1.00 60.30 ? 4    GLN A CD  1 
ATOM   8    O  OE1 . GLN A 1 5  ? -17.784 -17.026 11.775  1.00 63.81 ? 4    GLN A OE1 1 
ATOM   9    N  NE2 . GLN A 1 5  ? -16.708 -17.915 10.014  1.00 64.10 ? 4    GLN A NE2 1 
ATOM   10   N  N   . HIS A 1 6  ? -19.463 -14.756 7.404   1.00 41.35 ? 5    HIS A N   1 
ATOM   11   C  CA  . HIS A 1 6  ? -19.208 -13.564 6.627   1.00 36.85 ? 5    HIS A CA  1 
ATOM   12   C  C   . HIS A 1 6  ? -17.806 -13.031 6.899   1.00 35.29 ? 5    HIS A C   1 
ATOM   13   O  O   . HIS A 1 6  ? -17.185 -13.382 7.910   1.00 35.42 ? 5    HIS A O   1 
ATOM   14   C  CB  . HIS A 1 6  ? -20.232 -12.485 7.002   1.00 35.56 ? 5    HIS A CB  1 
ATOM   15   C  CG  . HIS A 1 6  ? -21.654 -12.935 6.883   1.00 36.76 ? 5    HIS A CG  1 
ATOM   16   N  ND1 . HIS A 1 6  ? -22.346 -12.892 5.693   1.00 38.62 ? 5    HIS A ND1 1 
ATOM   17   C  CD2 . HIS A 1 6  ? -22.508 -13.456 7.799   1.00 36.44 ? 5    HIS A CD2 1 
ATOM   18   C  CE1 . HIS A 1 6  ? -23.570 -13.364 5.881   1.00 42.76 ? 5    HIS A CE1 1 
ATOM   19   N  NE2 . HIS A 1 6  ? -23.694 -13.711 7.150   1.00 39.82 ? 5    HIS A NE2 1 
ATOM   20   N  N   . PRO A 1 7  ? -17.302 -12.173 6.001   1.00 31.96 ? 6    PRO A N   1 
ATOM   21   C  CA  . PRO A 1 7  ? -16.035 -11.521 6.253   1.00 31.76 ? 6    PRO A CA  1 
ATOM   22   C  C   . PRO A 1 7  ? -16.096 -10.686 7.531   1.00 29.51 ? 6    PRO A C   1 
ATOM   23   O  O   . PRO A 1 7  ? -17.142 -10.124 7.865   1.00 31.59 ? 6    PRO A O   1 
ATOM   24   C  CB  . PRO A 1 7  ? -15.844 -10.640 5.017   1.00 32.34 ? 6    PRO A CB  1 
ATOM   25   C  CG  . PRO A 1 7  ? -16.664 -11.299 3.957   1.00 33.82 ? 6    PRO A CG  1 
ATOM   26   C  CD  . PRO A 1 7  ? -17.863 -11.778 4.694   1.00 34.33 ? 6    PRO A CD  1 
ATOM   27   N  N   . THR A 1 8  ? -14.988 -10.673 8.259   1.00 28.55 ? 7    THR A N   1 
ATOM   28   C  CA  . THR A 1 8  ? -14.884 -9.958  9.515   1.00 26.49 ? 7    THR A CA  1 
ATOM   29   C  C   . THR A 1 8  ? -14.825 -8.461  9.281   1.00 28.70 ? 7    THR A C   1 
ATOM   30   O  O   . THR A 1 8  ? -14.211 -7.995  8.300   1.00 28.61 ? 7    THR A O   1 
ATOM   31   C  CB  . THR A 1 8  ? -13.628 -10.406 10.287  1.00 29.27 ? 7    THR A CB  1 
ATOM   32   O  OG1 . THR A 1 8  ? -13.729 -11.808 10.556  1.00 31.94 ? 7    THR A OG1 1 
ATOM   33   C  CG2 . THR A 1 8  ? -13.466 -9.617  11.599  1.00 29.19 ? 7    THR A CG2 1 
ATOM   34   N  N   . ILE A 1 9  ? -15.449 -7.722  10.194  1.00 26.53 ? 8    ILE A N   1 
ATOM   35   C  CA  . ILE A 1 9  ? -15.457 -6.258  10.171  1.00 27.51 ? 8    ILE A CA  1 
ATOM   36   C  C   . ILE A 1 9  ? -14.562 -5.783  11.303  1.00 27.28 ? 8    ILE A C   1 
ATOM   37   O  O   . ILE A 1 9  ? -14.826 -6.091  12.459  1.00 27.69 ? 8    ILE A O   1 
ATOM   38   C  CB  . ILE A 1 9  ? -16.858 -5.692  10.329  1.00 27.03 ? 8    ILE A CB  1 
ATOM   39   C  CG1 . ILE A 1 9  ? -17.773 -6.233  9.221   1.00 30.42 ? 8    ILE A CG1 1 
ATOM   40   C  CG2 . ILE A 1 9  ? -16.873 -4.158  10.309  1.00 28.92 ? 8    ILE A CG2 1 
ATOM   41   C  CD1 . ILE A 1 9  ? -19.239 -6.040  9.531   1.00 31.73 ? 8    ILE A CD1 1 
ATOM   42   N  N   . HIS A 1 10 ? -13.487 -5.074  10.942  1.00 25.55 ? 9    HIS A N   1 
ATOM   43   C  CA  . HIS A 1 10 ? -12.541 -4.555  11.916  1.00 25.04 ? 9    HIS A CA  1 
ATOM   44   C  C   . HIS A 1 10 ? -12.705 -3.043  12.007  1.00 28.07 ? 9    HIS A C   1 
ATOM   45   O  O   . HIS A 1 10 ? -12.670 -2.349  10.999  1.00 29.70 ? 9    HIS A O   1 
ATOM   46   C  CB  . HIS A 1 10 ? -11.096 -4.868  11.537  1.00 26.75 ? 9    HIS A CB  1 
ATOM   47   C  CG  . HIS A 1 10 ? -10.832 -6.296  11.144  1.00 25.63 ? 9    HIS A CG  1 
ATOM   48   N  ND1 . HIS A 1 10 ? -10.404 -7.259  12.041  1.00 30.71 ? 9    HIS A ND1 1 
ATOM   49   C  CD2 . HIS A 1 10 ? -10.893 -6.906  9.940   1.00 28.05 ? 9    HIS A CD2 1 
ATOM   50   C  CE1 . HIS A 1 10 ? -10.228 -8.403  11.396  1.00 30.89 ? 9    HIS A CE1 1 
ATOM   51   N  NE2 . HIS A 1 10 ? -10.524 -8.218  10.121  1.00 28.36 ? 9    HIS A NE2 1 
ATOM   52   N  N   . THR A 1 11 ? -12.750 -2.513  13.214  1.00 27.89 ? 10   THR A N   1 
ATOM   53   C  CA  . THR A 1 11 ? -12.897 -1.075  13.406  1.00 27.40 ? 10   THR A CA  1 
ATOM   54   C  C   . THR A 1 11 ? -11.574 -0.564  13.955  1.00 29.04 ? 10   THR A C   1 
ATOM   55   O  O   . THR A 1 11 ? -11.132 -1.028  15.026  1.00 33.36 ? 10   THR A O   1 
ATOM   56   C  CB  . THR A 1 11 ? -14.085 -0.743  14.352  1.00 27.99 ? 10   THR A CB  1 
ATOM   57   O  OG1 . THR A 1 11 ? -15.318 -1.142  13.735  1.00 31.50 ? 10   THR A OG1 1 
ATOM   58   C  CG2 . THR A 1 11 ? -14.123 0.747   14.628  1.00 29.04 ? 10   THR A CG2 1 
ATOM   59   N  N   . LEU A 1 12 ? -10.956 0.369   13.236  1.00 29.28 ? 11   LEU A N   1 
ATOM   60   C  CA  . LEU A 1 12 ? -9.616  0.853   13.533  1.00 28.70 ? 11   LEU A CA  1 
ATOM   61   C  C   . LEU A 1 12 ? -9.582  2.367   13.559  1.00 29.57 ? 11   LEU A C   1 
ATOM   62   O  O   . LEU A 1 12 ? -10.382 3.016   12.892  1.00 32.13 ? 11   LEU A O   1 
ATOM   63   C  CB  . LEU A 1 12 ? -8.642  0.334   12.459  1.00 30.64 ? 11   LEU A CB  1 
ATOM   64   C  CG  . LEU A 1 12 ? -8.586  -1.181  12.219  1.00 34.30 ? 11   LEU A CG  1 
ATOM   65   C  CD1 . LEU A 1 12 ? -7.728  -1.416  10.959  1.00 39.20 ? 11   LEU A CD1 1 
ATOM   66   C  CD2 . LEU A 1 12 ? -8.057  -1.948  13.408  1.00 37.34 ? 11   LEU A CD2 1 
ATOM   67   N  N   . LYS A 1 13 ? -8.652  2.952   14.325  1.00 28.21 ? 12   LYS A N   1 
ATOM   68   C  CA  . LYS A 1 13 ? -8.519  4.377   14.428  1.00 28.68 ? 12   LYS A CA  1 
ATOM   69   C  C   . LYS A 1 13 ? -7.438  4.828   13.477  1.00 31.59 ? 12   LYS A C   1 
ATOM   70   O  O   . LYS A 1 13 ? -6.383  4.166   13.381  1.00 34.69 ? 12   LYS A O   1 
ATOM   71   C  CB  . LYS A 1 13 ? -8.074  4.798   15.837  1.00 29.30 ? 12   LYS A CB  1 
ATOM   72   C  CG  . LYS A 1 13 ? -8.963  4.319   16.947  1.00 29.40 ? 12   LYS A CG  1 
ATOM   73   C  CD  . LYS A 1 13 ? -8.509  4.954   18.287  1.00 30.07 ? 12   LYS A CD  1 
ATOM   74   C  CE  . LYS A 1 13 ? -9.098  4.244   19.463  1.00 44.46 ? 12   LYS A CE  1 
ATOM   75   N  NZ  . LYS A 1 13 ? -8.354  4.612   20.718  1.00 41.96 ? 12   LYS A NZ  1 
ATOM   76   N  N   A ILE A 1 14 ? -7.656  5.959   12.820  0.70 29.23 ? 13   ILE A N   1 
ATOM   77   N  N   B ILE A 1 14 ? -7.675  5.956   12.808  0.30 29.92 ? 13   ILE A N   1 
ATOM   78   C  CA  A ILE A 1 14 ? -6.701  6.501   11.868  0.70 31.78 ? 13   ILE A CA  1 
ATOM   79   C  CA  B ILE A 1 14 ? -6.737  6.552   11.861  0.30 30.42 ? 13   ILE A CA  1 
ATOM   80   C  C   A ILE A 1 14 ? -6.574  8.013   12.085  0.70 30.42 ? 13   ILE A C   1 
ATOM   81   C  C   B ILE A 1 14 ? -6.579  8.034   12.143  0.30 30.26 ? 13   ILE A C   1 
ATOM   82   O  O   A ILE A 1 14 ? -7.583  8.695   12.198  0.70 29.72 ? 13   ILE A O   1 
ATOM   83   O  O   B ILE A 1 14 ? -7.579  8.719   12.335  0.30 30.02 ? 13   ILE A O   1 
ATOM   84   C  CB  A ILE A 1 14 ? -7.187  6.119   10.428  0.70 31.72 ? 13   ILE A CB  1 
ATOM   85   C  CB  B ILE A 1 14 ? -7.271  6.407   10.416  0.30 29.91 ? 13   ILE A CB  1 
ATOM   86   C  CG1 A ILE A 1 14 ? -6.243  6.585   9.352   0.70 36.09 ? 13   ILE A CG1 1 
ATOM   87   C  CG1 B ILE A 1 14 ? -7.330  4.937   10.015  0.30 29.65 ? 13   ILE A CG1 1 
ATOM   88   C  CG2 A ILE A 1 14 ? -8.596  6.659   10.143  0.70 32.78 ? 13   ILE A CG2 1 
ATOM   89   C  CG2 B ILE A 1 14 ? -6.409  7.178   9.442   0.30 31.70 ? 13   ILE A CG2 1 
ATOM   90   C  CD1 A ILE A 1 14 ? -6.668  6.075   8.001   0.70 35.34 ? 13   ILE A CD1 1 
ATOM   91   C  CD1 B ILE A 1 14 ? -5.975  4.311   9.959   0.30 29.67 ? 13   ILE A CD1 1 
ATOM   92   N  N   . GLU A 1 15 ? -5.341  8.544   12.163  1.00 30.68 ? 14   GLU A N   1 
ATOM   93   C  CA  . GLU A 1 15 ? -5.120  9.991   12.362  1.00 31.56 ? 14   GLU A CA  1 
ATOM   94   C  C   . GLU A 1 15 ? -5.520  10.771  11.102  1.00 30.65 ? 14   GLU A C   1 
ATOM   95   O  O   . GLU A 1 15 ? -5.373  10.249  9.977   1.00 29.81 ? 14   GLU A O   1 
ATOM   96   C  CB  . GLU A 1 15 ? -3.658  10.385  12.716  1.00 33.36 ? 14   GLU A CB  1 
ATOM   97   C  CG  . GLU A 1 15 ? -3.130  10.102  14.102  1.00 39.66 ? 14   GLU A CG  1 
ATOM   98   C  CD  . GLU A 1 15 ? -3.863  10.815  15.208  1.00 32.17 ? 14   GLU A CD  1 
ATOM   99   O  OE1 . GLU A 1 15 ? -3.505  11.957  15.578  1.00 32.14 ? 14   GLU A OE1 1 
ATOM   100  O  OE2 . GLU A 1 15 ? -4.767  10.170  15.746  1.00 37.85 ? 14   GLU A OE2 1 
ATOM   101  N  N   A THR A 1 16 ? -5.966  12.007  11.286  0.50 30.19 ? 15   THR A N   1 
ATOM   102  N  N   B THR A 1 16 ? -5.979  12.008  11.292  0.50 30.84 ? 15   THR A N   1 
ATOM   103  C  CA  A THR A 1 16 ? -6.498  12.845  10.216  0.50 31.39 ? 15   THR A CA  1 
ATOM   104  C  CA  B THR A 1 16 ? -6.453  12.881  10.213  0.50 32.46 ? 15   THR A CA  1 
ATOM   105  C  C   A THR A 1 16 ? -5.641  12.947  8.939   0.50 30.26 ? 15   THR A C   1 
ATOM   106  C  C   B THR A 1 16 ? -5.626  12.878  8.944   0.50 31.26 ? 15   THR A C   1 
ATOM   107  O  O   A THR A 1 16 ? -6.170  12.887  7.825   0.50 30.06 ? 15   THR A O   1 
ATOM   108  O  O   B THR A 1 16 ? -6.152  12.681  7.849   0.50 31.65 ? 15   THR A O   1 
ATOM   109  C  CB  A THR A 1 16 ? -6.781  14.271  10.738  0.50 30.62 ? 15   THR A CB  1 
ATOM   110  C  CB  B THR A 1 16 ? -6.528  14.366  10.646  0.50 33.31 ? 15   THR A CB  1 
ATOM   111  O  OG1 A THR A 1 16 ? -7.689  14.213  11.838  0.50 34.87 ? 15   THR A OG1 1 
ATOM   112  O  OG1 B THR A 1 16 ? -5.537  14.639  11.643  0.50 38.50 ? 15   THR A OG1 1 
ATOM   113  C  CG2 A THR A 1 16 ? -7.375  15.122  9.660   0.50 27.01 ? 15   THR A CG2 1 
ATOM   114  C  CG2 B THR A 1 16 ? -7.847  14.683  11.204  0.50 30.51 ? 15   THR A CG2 1 
ATOM   115  N  N   . GLU A 1 17 ? -4.328  13.118  9.081   1.00 32.93 ? 16   GLU A N   1 
ATOM   116  C  CA  . GLU A 1 17 ? -3.428  13.151  7.900   1.00 32.61 ? 16   GLU A CA  1 
ATOM   117  C  C   . GLU A 1 17 ? -3.633  11.901  7.024   1.00 31.32 ? 16   GLU A C   1 
ATOM   118  O  O   . GLU A 1 17 ? -3.777  11.998  5.790   1.00 31.16 ? 16   GLU A O   1 
ATOM   119  C  CB  . GLU A 1 17 ? -1.950  13.241  8.355   1.00 34.69 ? 16   GLU A CB  1 
ATOM   120  C  CG  . GLU A 1 17 ? -0.932  13.279  7.213   1.00 39.28 ? 16   GLU A CG  1 
ATOM   121  C  CD  . GLU A 1 17 ? 0.510   12.991  7.666   1.00 44.26 ? 16   GLU A CD  1 
ATOM   122  O  OE1 . GLU A 1 17 ? 0.840   13.204  8.865   1.00 50.56 ? 16   GLU A OE1 1 
ATOM   123  O  OE2 . GLU A 1 17 ? 1.319   12.543  6.809   1.00 47.55 ? 16   GLU A OE2 1 
ATOM   124  N  N   . PHE A 1 18 ? -3.683  10.753  7.668   1.00 29.29 ? 17   PHE A N   1 
ATOM   125  C  CA  . PHE A 1 18 ? -3.765  9.481   6.945   1.00 27.15 ? 17   PHE A CA  1 
ATOM   126  C  C   . PHE A 1 18 ? -5.187  9.212   6.469   1.00 26.54 ? 17   PHE A C   1 
ATOM   127  O  O   . PHE A 1 18 ? -5.405  8.653   5.377   1.00 26.30 ? 17   PHE A O   1 
ATOM   128  C  CB  . PHE A 1 18 ? -3.229  8.349   7.802   1.00 29.47 ? 17   PHE A CB  1 
ATOM   129  C  CG  . PHE A 1 18 ? -1.830  8.595   8.292   1.00 33.97 ? 17   PHE A CG  1 
ATOM   130  C  CD1 . PHE A 1 18 ? -0.761  8.587   7.399   1.00 35.99 ? 17   PHE A CD1 1 
ATOM   131  C  CD2 . PHE A 1 18 ? -1.584  8.874   9.624   1.00 35.54 ? 17   PHE A CD2 1 
ATOM   132  C  CE1 . PHE A 1 18 ? 0.525   8.844   7.836   1.00 40.23 ? 17   PHE A CE1 1 
ATOM   133  C  CE2 . PHE A 1 18 ? -0.294  9.114   10.072  1.00 41.20 ? 17   PHE A CE2 1 
ATOM   134  C  CZ  . PHE A 1 18 ? 0.766   9.106   9.162   1.00 42.82 ? 17   PHE A CZ  1 
ATOM   135  N  N   . PHE A 1 19 ? -6.160  9.604   7.288   1.00 28.99 ? 18   PHE A N   1 
ATOM   136  C  CA  . PHE A 1 19 ? -7.554  9.530   6.908   1.00 26.11 ? 18   PHE A CA  1 
ATOM   137  C  C   . PHE A 1 19 ? -7.840  10.279  5.623   1.00 27.18 ? 18   PHE A C   1 
ATOM   138  O  O   . PHE A 1 19 ? -8.473  9.744   4.703   1.00 27.33 ? 18   PHE A O   1 
ATOM   139  C  CB  . PHE A 1 19 ? -8.445  10.049  8.037   1.00 26.02 ? 18   PHE A CB  1 
ATOM   140  C  CG  . PHE A 1 19 ? -9.937  9.914   7.791   1.00 27.82 ? 18   PHE A CG  1 
ATOM   141  C  CD1 . PHE A 1 19 ? -10.589 8.727   8.057   1.00 31.65 ? 18   PHE A CD1 1 
ATOM   142  C  CD2 . PHE A 1 19 ? -10.703 10.987  7.351   1.00 30.49 ? 18   PHE A CD2 1 
ATOM   143  C  CE1 . PHE A 1 19 ? -11.989 8.601   7.842   1.00 29.08 ? 18   PHE A CE1 1 
ATOM   144  C  CE2 . PHE A 1 19 ? -12.085 10.855  7.157   1.00 30.89 ? 18   PHE A CE2 1 
ATOM   145  C  CZ  . PHE A 1 19 ? -12.700 9.643   7.408   1.00 28.89 ? 18   PHE A CZ  1 
ATOM   146  N  N   A LYS A 1 20 ? -7.354  11.511  5.570   0.50 27.04 ? 19   LYS A N   1 
ATOM   147  N  N   B LYS A 1 20 ? -7.376  11.527  5.539   0.50 27.35 ? 19   LYS A N   1 
ATOM   148  C  CA  A LYS A 1 20 ? -7.472  12.344  4.379   0.50 29.32 ? 19   LYS A CA  1 
ATOM   149  C  CA  B LYS A 1 20 ? -7.542  12.313  4.295   0.50 29.26 ? 19   LYS A CA  1 
ATOM   150  C  C   A LYS A 1 20 ? -6.818  11.668  3.170   0.50 27.78 ? 19   LYS A C   1 
ATOM   151  C  C   B LYS A 1 20 ? -6.828  11.630  3.132   0.50 27.83 ? 19   LYS A C   1 
ATOM   152  O  O   A LYS A 1 20 ? -7.395  11.628  2.080   0.50 29.82 ? 19   LYS A O   1 
ATOM   153  O  O   B LYS A 1 20 ? -7.371  11.548  2.025   0.50 28.75 ? 19   LYS A O   1 
ATOM   154  C  CB  A LYS A 1 20 ? -6.820  13.697  4.682   0.50 28.40 ? 19   LYS A CB  1 
ATOM   155  C  CB  B LYS A 1 20 ? -7.025  13.757  4.460   0.50 29.23 ? 19   LYS A CB  1 
ATOM   156  C  CG  A LYS A 1 20 ? -6.834  14.686  3.563   0.50 31.02 ? 19   LYS A CG  1 
ATOM   157  C  CG  B LYS A 1 20 ? -7.889  14.631  5.352   0.50 31.06 ? 19   LYS A CG  1 
ATOM   158  C  CD  A LYS A 1 20 ? -6.313  16.022  4.032   0.50 32.75 ? 19   LYS A CD  1 
ATOM   159  C  CD  B LYS A 1 20 ? -7.342  16.054  5.503   0.50 33.93 ? 19   LYS A CD  1 
ATOM   160  C  CE  A LYS A 1 20 ? -6.302  17.057  2.924   0.50 34.82 ? 19   LYS A CE  1 
ATOM   161  C  CE  B LYS A 1 20 ? -8.255  16.882  6.429   0.50 38.06 ? 19   LYS A CE  1 
ATOM   162  N  NZ  A LYS A 1 20 ? -5.309  16.732  1.905   0.50 38.01 ? 19   LYS A NZ  1 
ATOM   163  N  NZ  B LYS A 1 20 ? -7.814  18.307  6.576   0.50 43.01 ? 19   LYS A NZ  1 
ATOM   164  N  N   . ALA A 1 21 ? -5.629  11.103  3.367   1.00 25.60 ? 20   ALA A N   1 
ATOM   165  C  CA  . ALA A 1 21 ? -4.912  10.425  2.266   1.00 25.88 ? 20   ALA A CA  1 
ATOM   166  C  C   . ALA A 1 21 ? -5.668  9.194   1.770   1.00 24.76 ? 20   ALA A C   1 
ATOM   167  O  O   . ALA A 1 21 ? -5.673  8.898   0.572   1.00 27.24 ? 20   ALA A O   1 
ATOM   168  C  CB  . ALA A 1 21 ? -3.466  10.047  2.650   1.00 26.56 ? 20   ALA A CB  1 
ATOM   169  N  N   . VAL A 1 22 ? -6.314  8.476   2.686   1.00 25.32 ? 21   VAL A N   1 
ATOM   170  C  CA  . VAL A 1 22 ? -7.142  7.342   2.312   1.00 25.25 ? 21   VAL A CA  1 
ATOM   171  C  C   . VAL A 1 22 ? -8.395  7.790   1.529   1.00 26.37 ? 21   VAL A C   1 
ATOM   172  O  O   . VAL A 1 22 ? -8.740  7.249   0.466   1.00 25.93 ? 21   VAL A O   1 
ATOM   173  C  CB  . VAL A 1 22 ? -7.528  6.468   3.536   1.00 24.40 ? 21   VAL A CB  1 
ATOM   174  C  CG1 . VAL A 1 22 ? -8.657  5.483   3.171   1.00 26.51 ? 21   VAL A CG1 1 
ATOM   175  C  CG2 . VAL A 1 22 ? -6.292  5.761   4.113   1.00 27.53 ? 21   VAL A CG2 1 
ATOM   176  N  N   . LYS A 1 23 ? -9.069  8.801   2.047   1.00 28.36 ? 22   LYS A N   1 
ATOM   177  C  CA  . LYS A 1 23 ? -10.273 9.350   1.376   1.00 29.09 ? 22   LYS A CA  1 
ATOM   178  C  C   . LYS A 1 23 ? -10.015 9.882   -0.031  1.00 28.86 ? 22   LYS A C   1 
ATOM   179  O  O   . LYS A 1 23 ? -10.873 9.790   -0.919  1.00 30.08 ? 22   LYS A O   1 
ATOM   180  C  CB  . LYS A 1 23 ? -10.867 10.476  2.232   1.00 32.02 ? 22   LYS A CB  1 
ATOM   181  C  CG  . LYS A 1 23 ? -11.464 10.001  3.495   1.00 36.82 ? 22   LYS A CG  1 
ATOM   182  C  CD  . LYS A 1 23 ? -12.865 9.522   3.308   1.00 46.27 ? 22   LYS A CD  1 
ATOM   183  C  CE  . LYS A 1 23 ? -13.845 10.687  3.300   1.00 51.19 ? 22   LYS A CE  1 
ATOM   184  N  NZ  . LYS A 1 23 ? -15.221 10.184  3.110   1.00 59.26 ? 22   LYS A NZ  1 
ATOM   185  N  N   . GLU A 1 24 ? -8.824  10.447  -0.226  1.00 27.44 ? 23   GLU A N   1 
ATOM   186  C  CA  . GLU A 1 24 ? -8.372  10.996  -1.504  1.00 28.19 ? 23   GLU A CA  1 
ATOM   187  C  C   . GLU A 1 24 ? -7.817  9.916   -2.458  1.00 28.54 ? 23   GLU A C   1 
ATOM   188  O  O   . GLU A 1 24 ? -7.438  10.217  -3.576  1.00 30.25 ? 23   GLU A O   1 
ATOM   189  C  CB  . GLU A 1 24 ? -7.297  12.061  -1.234  1.00 29.48 ? 23   GLU A CB  1 
ATOM   190  C  CG  . GLU A 1 24 ? -7.884  13.320  -0.598  1.00 31.13 ? 23   GLU A CG  1 
ATOM   191  C  CD  . GLU A 1 24 ? -6.854  14.317  -0.101  1.00 31.12 ? 23   GLU A CD  1 
ATOM   192  O  OE1 . GLU A 1 24 ? -5.663  14.232  -0.443  1.00 35.38 ? 23   GLU A OE1 1 
ATOM   193  O  OE2 . GLU A 1 24 ? -7.259  15.226  0.648   1.00 45.54 ? 23   GLU A OE2 1 
ATOM   194  N  N   . ARG A 1 25 ? -7.755  8.673   -1.988  1.00 27.46 ? 24   ARG A N   1 
ATOM   195  C  CA  . ARG A 1 25 ? -7.217  7.540   -2.736  1.00 26.73 ? 24   ARG A CA  1 
ATOM   196  C  C   . ARG A 1 25 ? -5.747  7.753   -3.089  1.00 26.63 ? 24   ARG A C   1 
ATOM   197  O  O   . ARG A 1 25 ? -5.249  7.193   -4.065  1.00 29.12 ? 24   ARG A O   1 
ATOM   198  C  CB  . ARG A 1 25 ? -8.087  7.165   -3.963  1.00 28.39 ? 24   ARG A CB  1 
ATOM   199  C  CG  . ARG A 1 25 ? -9.476  6.670   -3.598  1.00 30.71 ? 24   ARG A CG  1 
ATOM   200  C  CD  . ARG A 1 25 ? -10.268 6.293   -4.829  1.00 33.20 ? 24   ARG A CD  1 
ATOM   201  N  NE  . ARG A 1 25 ? -11.476 5.522   -4.518  1.00 39.50 ? 24   ARG A NE  1 
ATOM   202  C  CZ  . ARG A 1 25 ? -12.638 6.044   -4.133  1.00 48.18 ? 24   ARG A CZ  1 
ATOM   203  N  NH1 . ARG A 1 25 ? -12.797 7.362   -3.991  1.00 53.75 ? 24   ARG A NH1 1 
ATOM   204  N  NH2 . ARG A 1 25 ? -13.660 5.231   -3.874  1.00 50.75 ? 24   ARG A NH2 1 
ATOM   205  N  N   . ARG A 1 26 ? -5.035  8.498   -2.243  1.00 27.45 ? 25   ARG A N   1 
ATOM   206  C  CA  . ARG A 1 26 ? -3.573  8.618   -2.381  1.00 25.61 ? 25   ARG A CA  1 
ATOM   207  C  C   . ARG A 1 26 ? -2.884  7.524   -1.606  1.00 26.72 ? 25   ARG A C   1 
ATOM   208  O  O   . ARG A 1 26 ? -1.881  7.011   -2.054  1.00 27.63 ? 25   ARG A O   1 
ATOM   209  C  CB  . ARG A 1 26 ? -3.043  9.964   -1.893  1.00 28.90 ? 25   ARG A CB  1 
ATOM   210  C  CG  . ARG A 1 26 ? -3.300  11.100  -2.845  1.00 32.10 ? 25   ARG A CG  1 
ATOM   211  C  CD  . ARG A 1 26 ? -2.629  12.383  -2.323  1.00 27.95 ? 25   ARG A CD  1 
ATOM   212  N  NE  . ARG A 1 26 ? -3.214  12.898  -1.095  1.00 31.15 ? 25   ARG A NE  1 
ATOM   213  C  CZ  . ARG A 1 26 ? -2.645  12.873  0.109   1.00 29.75 ? 25   ARG A CZ  1 
ATOM   214  N  NH1 . ARG A 1 26 ? -1.445  12.347  0.332   1.00 30.34 ? 25   ARG A NH1 1 
ATOM   215  N  NH2 . ARG A 1 26 ? -3.291  13.388  1.144   1.00 34.37 ? 25   ARG A NH2 1 
ATOM   216  N  N   . LYS A 1 27 ? -3.432  7.196   -0.432  1.00 26.90 ? 26   LYS A N   1 
ATOM   217  C  CA  . LYS A 1 27 ? -2.938  6.099   0.428   1.00 25.60 ? 26   LYS A CA  1 
ATOM   218  C  C   . LYS A 1 27 ? -3.910  4.910   0.297   1.00 27.02 ? 26   LYS A C   1 
ATOM   219  O  O   . LYS A 1 27 ? -5.052  5.006   0.714   1.00 26.03 ? 26   LYS A O   1 
ATOM   220  C  CB  . LYS A 1 27 ? -2.824  6.554   1.871   1.00 26.30 ? 26   LYS A CB  1 
ATOM   221  C  CG  . LYS A 1 27 ? -2.366  5.466   2.852   1.00 26.47 ? 26   LYS A CG  1 
ATOM   222  C  CD  . LYS A 1 27 ? -2.231  6.036   4.241   1.00 28.85 ? 26   LYS A CD  1 
ATOM   223  C  CE  . LYS A 1 27 ? -2.486  5.007   5.412   1.00 37.60 ? 26   LYS A CE  1 
ATOM   224  N  NZ  . LYS A 1 27 ? -1.476  4.028   5.420   1.00 34.47 ? 26   LYS A NZ  1 
ATOM   225  N  N   . THR A 1 28 ? -3.450  3.815   -0.319  1.00 25.79 ? 27   THR A N   1 
ATOM   226  C  CA  . THR A 1 28 ? -4.304  2.673   -0.649  1.00 24.55 ? 27   THR A CA  1 
ATOM   227  C  C   . THR A 1 28 ? -3.867  1.400   0.095   1.00 25.95 ? 27   THR A C   1 
ATOM   228  O  O   . THR A 1 28 ? -4.120  0.269   -0.346  1.00 25.81 ? 27   THR A O   1 
ATOM   229  C  CB  . THR A 1 28 ? -4.349  2.399   -2.132  1.00 27.27 ? 27   THR A CB  1 
ATOM   230  O  OG1 . THR A 1 28 ? -3.034  2.082   -2.611  1.00 27.53 ? 27   THR A OG1 1 
ATOM   231  C  CG2 . THR A 1 28 ? -4.833  3.615   -2.898  1.00 27.04 ? 27   THR A CG2 1 
ATOM   232  N  N   . PHE A 1 29 ? -3.200  1.602   1.225   1.00 25.62 ? 28   PHE A N   1 
ATOM   233  C  CA  . PHE A 1 29 ? -2.751  0.516   2.088   1.00 25.41 ? 28   PHE A CA  1 
ATOM   234  C  C   . PHE A 1 29 ? -2.695  0.980   3.515   1.00 26.47 ? 28   PHE A C   1 
ATOM   235  O  O   . PHE A 1 29 ? -2.666  2.182   3.796   1.00 27.22 ? 28   PHE A O   1 
ATOM   236  C  CB  . PHE A 1 29 ? -1.355  0.014   1.656   1.00 24.36 ? 28   PHE A CB  1 
ATOM   237  C  CG  . PHE A 1 29 ? -0.323  1.062   1.697   1.00 25.78 ? 28   PHE A CG  1 
ATOM   238  C  CD1 . PHE A 1 29 ? -0.126  1.903   0.610   1.00 27.48 ? 28   PHE A CD1 1 
ATOM   239  C  CD2 . PHE A 1 29 ? 0.440   1.271   2.841   1.00 26.58 ? 28   PHE A CD2 1 
ATOM   240  C  CE1 . PHE A 1 29 ? 0.831   2.889   0.659   1.00 27.63 ? 28   PHE A CE1 1 
ATOM   241  C  CE2 . PHE A 1 29 ? 1.385   2.255   2.885   1.00 26.90 ? 28   PHE A CE2 1 
ATOM   242  C  CZ  . PHE A 1 29 ? 1.557   3.096   1.782   1.00 26.65 ? 28   PHE A CZ  1 
ATOM   243  N  N   A GLU A 1 30 ? -2.705  -0.004  4.433   0.70 27.83 ? 29   GLU A N   1 
ATOM   244  N  N   B GLU A 1 30 ? -2.621  0.005   4.410   0.30 26.75 ? 29   GLU A N   1 
ATOM   245  C  CA  A GLU A 1 30 ? -2.660  0.158   5.909   0.70 29.64 ? 29   GLU A CA  1 
ATOM   246  C  CA  B GLU A 1 30 ? -2.554  0.239   5.833   0.30 27.12 ? 29   GLU A CA  1 
ATOM   247  C  C   A GLU A 1 30 ? -1.611  -0.788  6.514   0.70 27.73 ? 29   GLU A C   1 
ATOM   248  C  C   B GLU A 1 30 ? -1.504  -0.725  6.363   0.30 27.35 ? 29   GLU A C   1 
ATOM   249  O  O   A GLU A 1 30 ? -1.677  -2.001  6.302   0.70 27.18 ? 29   GLU A O   1 
ATOM   250  O  O   B GLU A 1 30 ? -1.406  -1.850  5.886   0.30 26.49 ? 29   GLU A O   1 
ATOM   251  C  CB  A GLU A 1 30 ? -4.019  -0.184  6.552   0.70 29.84 ? 29   GLU A CB  1 
ATOM   252  C  CB  B GLU A 1 30 ? -3.938  0.003   6.443   0.30 27.17 ? 29   GLU A CB  1 
ATOM   253  C  CG  A GLU A 1 30 ? -5.033  0.941   6.643   0.70 32.79 ? 29   GLU A CG  1 
ATOM   254  C  CG  B GLU A 1 30 ? -4.058  0.173   7.934   0.30 20.80 ? 29   GLU A CG  1 
ATOM   255  C  CD  A GLU A 1 30 ? -4.582  2.021   7.597   0.70 33.77 ? 29   GLU A CD  1 
ATOM   256  C  CD  B GLU A 1 30 ? -3.715  1.564   8.428   0.30 29.93 ? 29   GLU A CD  1 
ATOM   257  O  OE1 A GLU A 1 30 ? -4.207  1.673   8.745   0.70 37.19 ? 29   GLU A OE1 1 
ATOM   258  O  OE1 B GLU A 1 30 ? -3.616  2.508   7.617   0.30 29.20 ? 29   GLU A OE1 1 
ATOM   259  O  OE2 A GLU A 1 30 ? -4.576  3.206   7.189   0.70 40.59 ? 29   GLU A OE2 1 
ATOM   260  O  OE2 B GLU A 1 30 ? -3.547  1.715   9.650   0.30 29.81 ? 29   GLU A OE2 1 
ATOM   261  N  N   . ILE A 1 31 ? -0.674  -0.240  7.275   1.00 27.49 ? 30   ILE A N   1 
ATOM   262  C  CA  . ILE A 1 31 ? 0.411   -1.003  7.885   1.00 27.47 ? 30   ILE A CA  1 
ATOM   263  C  C   . ILE A 1 31 ? -0.013  -1.242  9.334   1.00 28.43 ? 30   ILE A C   1 
ATOM   264  O  O   . ILE A 1 31 ? -0.187  -0.289  10.088  1.00 29.05 ? 30   ILE A O   1 
ATOM   265  C  CB  . ILE A 1 31 ? 1.760   -0.233  7.796   1.00 26.59 ? 30   ILE A CB  1 
ATOM   266  C  CG1 . ILE A 1 31 ? 2.097   0.093   6.325   1.00 27.43 ? 30   ILE A CG1 1 
ATOM   267  C  CG2 . ILE A 1 31 ? 2.856   -1.036  8.491   1.00 30.29 ? 30   ILE A CG2 1 
ATOM   268  C  CD1 . ILE A 1 31 ? 3.170   1.148   6.187   1.00 29.03 ? 30   ILE A CD1 1 
ATOM   269  N  N   . ARG A 1 32 ? -0.140  -2.511  9.731   1.00 29.12 ? 31   ARG A N   1 
ATOM   270  C  CA  . ARG A 1 32 ? -0.729  -2.886  11.035  1.00 30.34 ? 31   ARG A CA  1 
ATOM   271  C  C   . ARG A 1 32 ? -0.078  -4.146  11.598  1.00 28.69 ? 31   ARG A C   1 
ATOM   272  O  O   . ARG A 1 32 ? 0.365   -5.003  10.833  1.00 26.63 ? 31   ARG A O   1 
ATOM   273  C  CB  . ARG A 1 32 ? -2.230  -3.213  10.894  1.00 29.27 ? 31   ARG A CB  1 
ATOM   274  C  CG  . ARG A 1 32 ? -3.185  -2.104  10.533  1.00 37.33 ? 31   ARG A CG  1 
ATOM   275  C  CD  . ARG A 1 32 ? -3.623  -1.323  11.715  1.00 39.01 ? 31   ARG A CD  1 
ATOM   276  N  NE  . ARG A 1 32 ? -4.255  -0.081  11.296  1.00 40.53 ? 31   ARG A NE  1 
ATOM   277  C  CZ  . ARG A 1 32 ? -4.792  0.795   12.138  1.00 38.35 ? 31   ARG A CZ  1 
ATOM   278  N  NH1 . ARG A 1 32 ? -4.852  0.560   13.426  1.00 41.94 ? 31   ARG A NH1 1 
ATOM   279  N  NH2 . ARG A 1 32 ? -5.342  1.892   11.642  1.00 41.26 ? 31   ARG A NH2 1 
ATOM   280  N  N   . LYS A 1 33 ? -0.055  -4.283  12.936  1.00 29.59 ? 32   LYS A N   1 
ATOM   281  C  CA  . LYS A 1 33 ? 0.190   -5.582  13.546  1.00 28.96 ? 32   LYS A CA  1 
ATOM   282  C  C   . LYS A 1 33 ? -0.937  -6.503  13.160  1.00 29.06 ? 32   LYS A C   1 
ATOM   283  O  O   . LYS A 1 33 ? -2.117  -6.105  13.154  1.00 31.98 ? 32   LYS A O   1 
ATOM   284  C  CB  . LYS A 1 33 ? 0.221   -5.471  15.082  1.00 29.48 ? 32   LYS A CB  1 
ATOM   285  C  CG  . LYS A 1 33 ? 1.535   -5.174  15.623  1.00 40.32 ? 32   LYS A CG  1 
ATOM   286  C  CD  . LYS A 1 33 ? 2.496   -6.415  15.680  1.00 30.96 ? 32   LYS A CD  1 
ATOM   287  C  CE  . LYS A 1 33 ? 2.643   -7.152  16.994  1.00 42.43 ? 32   LYS A CE  1 
ATOM   288  N  NZ  . LYS A 1 33 ? 3.828   -8.080  16.896  1.00 47.52 ? 32   LYS A NZ  1 
ATOM   289  N  N   . ASN A 1 34 ? -0.619  -7.755  12.793  1.00 26.99 ? 33   ASN A N   1 
ATOM   290  C  CA  . ASN A 1 34 ? -1.663  -8.737  12.503  1.00 24.35 ? 33   ASN A CA  1 
ATOM   291  C  C   . ASN A 1 34 ? -2.036  -9.545  13.762  1.00 29.34 ? 33   ASN A C   1 
ATOM   292  O  O   . ASN A 1 34 ? -1.833  -10.743 13.822  1.00 35.79 ? 33   ASN A O   1 
ATOM   293  C  CB  . ASN A 1 34 ? -1.271  -9.668  11.379  1.00 28.00 ? 33   ASN A CB  1 
ATOM   294  C  CG  . ASN A 1 34 ? -2.426  -10.431 10.840  1.00 26.54 ? 33   ASN A CG  1 
ATOM   295  O  OD1 . ASN A 1 34 ? -3.579  -10.163 11.233  1.00 32.56 ? 33   ASN A OD1 1 
ATOM   296  N  ND2 . ASN A 1 34 ? -2.177  -11.379 9.933   1.00 26.70 ? 33   ASN A ND2 1 
ATOM   297  N  N   . ASP A 1 35 ? -2.591  -8.846  14.728  1.00 26.80 ? 34   ASP A N   1 
ATOM   298  C  CA  . ASP A 1 35 ? -3.162  -9.496  15.874  1.00 29.84 ? 34   ASP A CA  1 
ATOM   299  C  C   . ASP A 1 35 ? -4.678  -9.654  15.742  1.00 30.16 ? 34   ASP A C   1 
ATOM   300  O  O   . ASP A 1 35 ? -5.310  -9.990  16.728  1.00 33.65 ? 34   ASP A O   1 
ATOM   301  C  CB  . ASP A 1 35 ? -2.798  -8.715  17.138  1.00 31.93 ? 34   ASP A CB  1 
ATOM   302  C  CG  . ASP A 1 35 ? -3.332  -7.294  17.142  1.00 31.57 ? 34   ASP A CG  1 
ATOM   303  O  OD1 . ASP A 1 35 ? -3.804  -6.757  16.119  1.00 35.76 ? 34   ASP A OD1 1 
ATOM   304  O  OD2 . ASP A 1 35 ? -3.257  -6.702  18.240  1.00 47.40 ? 34   ASP A OD2 1 
ATOM   305  N  N   A ARG A 1 36 ? -5.228  -9.395  14.541  0.80 26.38 ? 35   ARG A N   1 
ATOM   306  N  N   B ARG A 1 36 ? -5.245  -9.379  14.564  0.20 29.22 ? 35   ARG A N   1 
ATOM   307  C  CA  A ARG A 1 36 ? -6.677  -9.536  14.240  0.80 26.05 ? 35   ARG A CA  1 
ATOM   308  C  CA  B ARG A 1 36 ? -6.684  -9.552  14.319  0.20 28.46 ? 35   ARG A CA  1 
ATOM   309  C  C   A ARG A 1 36 ? -6.964  -10.643 13.261  0.80 27.09 ? 35   ARG A C   1 
ATOM   310  C  C   B ARG A 1 36 ? -6.963  -10.644 13.280  0.20 28.43 ? 35   ARG A C   1 
ATOM   311  O  O   A ARG A 1 36 ? -8.124  -10.871 12.892  0.80 28.08 ? 35   ARG A O   1 
ATOM   312  O  O   B ARG A 1 36 ? -8.119  -10.855 12.906  0.20 28.75 ? 35   ARG A O   1 
ATOM   313  C  CB  A ARG A 1 36 ? -7.251  -8.226  13.623  0.80 26.71 ? 35   ARG A CB  1 
ATOM   314  C  CB  B ARG A 1 36 ? -7.316  -8.226  13.856  0.20 28.89 ? 35   ARG A CB  1 
ATOM   315  C  CG  A ARG A 1 36 ? -6.965  -6.945  14.392  0.80 33.85 ? 35   ARG A CG  1 
ATOM   316  C  CG  B ARG A 1 36 ? -7.287  -7.102  14.890  0.20 28.74 ? 35   ARG A CG  1 
ATOM   317  C  CD  A ARG A 1 36 ? -7.219  -7.075  15.880  0.80 37.91 ? 35   ARG A CD  1 
ATOM   318  C  CD  B ARG A 1 36 ? -7.912  -5.831  14.328  0.20 27.50 ? 35   ARG A CD  1 
ATOM   319  N  NE  A ARG A 1 36 ? -6.797  -5.889  16.627  0.80 41.36 ? 35   ARG A NE  1 
ATOM   320  N  NE  B ARG A 1 36 ? -7.639  -4.641  15.134  0.20 30.34 ? 35   ARG A NE  1 
ATOM   321  C  CZ  A ARG A 1 36 ? -7.536  -4.791  16.786  0.80 48.64 ? 35   ARG A CZ  1 
ATOM   322  C  CZ  B ARG A 1 36 ? -8.274  -4.297  16.258  0.20 35.22 ? 35   ARG A CZ  1 
ATOM   323  N  NH1 A ARG A 1 36 ? -8.732  -4.731  16.215  0.80 53.98 ? 35   ARG A NH1 1 
ATOM   324  N  NH1 B ARG A 1 36 ? -9.211  -5.103  16.747  0.20 38.06 ? 35   ARG A NH1 1 
ATOM   325  N  NH2 A ARG A 1 36 ? -7.103  -3.751  17.506  0.80 51.12 ? 35   ARG A NH2 1 
ATOM   326  N  NH2 B ARG A 1 36 ? -7.995  -3.166  16.904  0.20 37.41 ? 35   ARG A NH2 1 
ATOM   327  N  N   . ASN A 1 37 ? -5.917  -11.347 12.833  1.00 27.74 ? 36   ASN A N   1 
ATOM   328  C  CA  . ASN A 1 37 ? -6.030  -12.368 11.809  1.00 27.79 ? 36   ASN A CA  1 
ATOM   329  C  C   . ASN A 1 37 ? -6.732  -11.786 10.570  1.00 25.68 ? 36   ASN A C   1 
ATOM   330  O  O   . ASN A 1 37 ? -7.735  -12.317 10.100  1.00 28.08 ? 36   ASN A O   1 
ATOM   331  C  CB  . ASN A 1 37 ? -6.700  -13.625 12.345  1.00 28.43 ? 36   ASN A CB  1 
ATOM   332  C  CG  . ASN A 1 37 ? -6.638  -14.789 11.370  1.00 26.61 ? 36   ASN A CG  1 
ATOM   333  O  OD1 . ASN A 1 37 ? -5.785  -14.860 10.476  1.00 31.56 ? 36   ASN A OD1 1 
ATOM   334  N  ND2 . ASN A 1 37 ? -7.576  -15.720 11.534  1.00 35.51 ? 36   ASN A ND2 1 
ATOM   335  N  N   . PHE A 1 38 ? -6.200  -10.688 10.047  1.00 28.45 ? 37   PHE A N   1 
ATOM   336  C  CA  . PHE A 1 38 ? -6.800  -10.056 8.894   1.00 27.15 ? 37   PHE A CA  1 
ATOM   337  C  C   . PHE A 1 38 ? -6.787  -11.022 7.716   1.00 28.95 ? 37   PHE A C   1 
ATOM   338  O  O   . PHE A 1 38 ? -5.803  -11.746 7.531   1.00 31.37 ? 37   PHE A O   1 
ATOM   339  C  CB  . PHE A 1 38 ? -6.012  -8.805  8.482   1.00 30.01 ? 37   PHE A CB  1 
ATOM   340  C  CG  . PHE A 1 38 ? -6.074  -7.651  9.454   1.00 26.42 ? 37   PHE A CG  1 
ATOM   341  C  CD1 . PHE A 1 38 ? -7.217  -6.873  9.549   1.00 33.41 ? 37   PHE A CD1 1 
ATOM   342  C  CD2 . PHE A 1 38 ? -4.978  -7.302  10.206  1.00 27.55 ? 37   PHE A CD2 1 
ATOM   343  C  CE1 . PHE A 1 38 ? -7.248  -5.790  10.388  1.00 28.99 ? 37   PHE A CE1 1 
ATOM   344  C  CE2 . PHE A 1 38 ? -5.007  -6.218  11.061  1.00 29.72 ? 37   PHE A CE2 1 
ATOM   345  C  CZ  . PHE A 1 38 ? -6.163  -5.464  11.128  1.00 28.34 ? 37   PHE A CZ  1 
ATOM   346  N  N   A GLN A 1 39 ? -7.849  -11.005 6.926   0.70 30.99 ? 38   GLN A N   1 
ATOM   347  N  N   B GLN A 1 39 ? -7.895  -11.037 6.967   0.30 29.20 ? 38   GLN A N   1 
ATOM   348  C  CA  A GLN A 1 39 ? -7.951  -11.843 5.751   0.70 32.51 ? 38   GLN A CA  1 
ATOM   349  C  CA  B GLN A 1 39 ? -8.105  -11.877 5.784   0.30 29.35 ? 38   GLN A CA  1 
ATOM   350  C  C   A GLN A 1 39 ? -8.502  -11.047 4.587   0.70 30.68 ? 38   GLN A C   1 
ATOM   351  C  C   B GLN A 1 39 ? -8.477  -11.013 4.590   0.30 29.49 ? 38   GLN A C   1 
ATOM   352  O  O   A GLN A 1 39 ? -9.276  -10.105 4.772   0.70 30.86 ? 38   GLN A O   1 
ATOM   353  O  O   B GLN A 1 39 ? -9.112  -9.972  4.765   0.30 30.14 ? 38   GLN A O   1 
ATOM   354  C  CB  A GLN A 1 39 ? -8.853  -13.035 6.035   0.70 32.73 ? 38   GLN A CB  1 
ATOM   355  C  CB  B GLN A 1 39 ? -9.278  -12.850 5.998   0.30 29.09 ? 38   GLN A CB  1 
ATOM   356  C  CG  A GLN A 1 39 ? -8.209  -14.067 6.917   0.70 34.26 ? 38   GLN A CG  1 
ATOM   357  C  CG  B GLN A 1 39 ? -9.158  -13.772 7.183   0.30 27.25 ? 38   GLN A CG  1 
ATOM   358  C  CD  A GLN A 1 39 ? -9.142  -15.206 7.172   0.70 36.55 ? 38   GLN A CD  1 
ATOM   359  C  CD  B GLN A 1 39 ? -8.033  -14.763 7.031   0.30 24.62 ? 38   GLN A CD  1 
ATOM   360  O  OE1 A GLN A 1 39 ? -10.152 -15.055 7.861   0.70 42.35 ? 38   GLN A OE1 1 
ATOM   361  O  OE1 B GLN A 1 39 ? -7.826  -15.323 5.952   0.30 29.69 ? 38   GLN A OE1 1 
ATOM   362  N  NE2 A GLN A 1 39 ? -8.822  -16.369 6.612   0.70 42.39 ? 38   GLN A NE2 1 
ATOM   363  N  NE2 B GLN A 1 39 ? -7.301  -14.996 8.109   0.30 30.32 ? 38   GLN A NE2 1 
ATOM   364  N  N   . VAL A 1 40 ? -8.090  -11.435 3.383   1.00 30.80 ? 39   VAL A N   1 
ATOM   365  C  CA  . VAL A 1 40 ? -8.588  -10.816 2.169   1.00 28.20 ? 39   VAL A CA  1 
ATOM   366  C  C   . VAL A 1 40 ? -10.091 -10.960 2.185   1.00 29.91 ? 39   VAL A C   1 
ATOM   367  O  O   . VAL A 1 40 ? -10.637 -12.042 2.517   1.00 30.92 ? 39   VAL A O   1 
ATOM   368  C  CB  . VAL A 1 40 ? -7.940  -11.428 0.885   1.00 28.51 ? 39   VAL A CB  1 
ATOM   369  C  CG1 . VAL A 1 40 ? -8.640  -10.945 -0.372  1.00 32.73 ? 39   VAL A CG1 1 
ATOM   370  C  CG2 . VAL A 1 40 ? -6.476  -11.068 0.836   1.00 32.19 ? 39   VAL A CG2 1 
ATOM   371  N  N   . GLY A 1 41 ? -10.781 -9.882  1.851   1.00 29.49 ? 40   GLY A N   1 
ATOM   372  C  CA  . GLY A 1 41 ? -12.221 -9.842  1.894   1.00 28.45 ? 40   GLY A CA  1 
ATOM   373  C  C   . GLY A 1 41 ? -12.778 -9.145  3.120   1.00 28.13 ? 40   GLY A C   1 
ATOM   374  O  O   . GLY A 1 41 ? -13.933 -8.713  3.110   1.00 30.25 ? 40   GLY A O   1 
ATOM   375  N  N   . ASP A 1 42 ? -11.981 -9.051  4.184   1.00 29.88 ? 41   ASP A N   1 
ATOM   376  C  CA  . ASP A 1 42 ? -12.411 -8.373  5.394   1.00 27.39 ? 41   ASP A CA  1 
ATOM   377  C  C   . ASP A 1 42 ? -12.672 -6.890  5.139   1.00 28.85 ? 41   ASP A C   1 
ATOM   378  O  O   . ASP A 1 42 ? -12.138 -6.295  4.200   1.00 28.88 ? 41   ASP A O   1 
ATOM   379  C  CB  . ASP A 1 42 ? -11.400 -8.523  6.535   1.00 27.95 ? 41   ASP A CB  1 
ATOM   380  C  CG  . ASP A 1 42 ? -11.338 -9.941  7.121   1.00 30.78 ? 41   ASP A CG  1 
ATOM   381  O  OD1 . ASP A 1 42 ? -12.076 -10.851 6.675   1.00 34.95 ? 41   ASP A OD1 1 
ATOM   382  O  OD2 . ASP A 1 42 ? -10.472 -10.141 8.008   1.00 32.08 ? 41   ASP A OD2 1 
ATOM   383  N  N   . ILE A 1 43 ? -13.498 -6.306  5.989   1.00 26.60 ? 42   ILE A N   1 
ATOM   384  C  CA  . ILE A 1 43 ? -13.890 -4.909  5.909   1.00 28.76 ? 42   ILE A CA  1 
ATOM   385  C  C   . ILE A 1 43 ? -13.219 -4.141  7.046   1.00 27.99 ? 42   ILE A C   1 
ATOM   386  O  O   . ILE A 1 43 ? -13.197 -4.629  8.182   1.00 28.08 ? 42   ILE A O   1 
ATOM   387  C  CB  . ILE A 1 43 ? -15.426 -4.731  6.017   1.00 29.97 ? 42   ILE A CB  1 
ATOM   388  C  CG1 . ILE A 1 43 ? -16.147 -5.386  4.832   1.00 32.58 ? 42   ILE A CG1 1 
ATOM   389  C  CG2 . ILE A 1 43 ? -15.791 -3.254  6.094   1.00 33.56 ? 42   ILE A CG2 1 
ATOM   390  C  CD1 . ILE A 1 43 ? -15.941 -4.655  3.496   1.00 36.12 ? 42   ILE A CD1 1 
ATOM   391  N  N   . LEU A 1 44 ? -12.637 -2.978  6.733   1.00 26.89 ? 43   LEU A N   1 
ATOM   392  C  CA  . LEU A 1 44 ? -12.095 -2.061  7.740   1.00 25.09 ? 43   LEU A CA  1 
ATOM   393  C  C   . LEU A 1 44 ? -13.009 -0.842  7.825   1.00 28.81 ? 43   LEU A C   1 
ATOM   394  O  O   . LEU A 1 44 ? -13.327 -0.223  6.802   1.00 27.80 ? 43   LEU A O   1 
ATOM   395  C  CB  . LEU A 1 44 ? -10.675 -1.579  7.424   1.00 27.26 ? 43   LEU A CB  1 
ATOM   396  C  CG  . LEU A 1 44 ? -9.670  -2.648  7.055   1.00 26.87 ? 43   LEU A CG  1 
ATOM   397  C  CD1 . LEU A 1 44 ? -8.336  -1.934  6.715   1.00 26.64 ? 43   LEU A CD1 1 
ATOM   398  C  CD2 . LEU A 1 44 ? -9.485  -3.698  8.174   1.00 28.31 ? 43   LEU A CD2 1 
ATOM   399  N  N   . ILE A 1 45 ? -13.429 -0.519  9.043   1.00 26.82 ? 44   ILE A N   1 
ATOM   400  C  CA  . ILE A 1 45 ? -14.115 0.736   9.358   1.00 27.13 ? 44   ILE A CA  1 
ATOM   401  C  C   . ILE A 1 45 ? -12.999 1.613   9.976   1.00 27.36 ? 44   ILE A C   1 
ATOM   402  O  O   . ILE A 1 45 ? -12.493 1.306   11.045  1.00 28.94 ? 44   ILE A O   1 
ATOM   403  C  CB  . ILE A 1 45 ? -15.299 0.569   10.316  1.00 27.69 ? 44   ILE A CB  1 
ATOM   404  C  CG1 . ILE A 1 45 ? -16.346 -0.378  9.709   1.00 27.97 ? 44   ILE A CG1 1 
ATOM   405  C  CG2 . ILE A 1 45 ? -15.908 1.943   10.659  1.00 28.66 ? 44   ILE A CG2 1 
ATOM   406  C  CD1 . ILE A 1 45 ? -17.511 -0.721  10.658  1.00 30.71 ? 44   ILE A CD1 1 
ATOM   407  N  N   . LEU A 1 46 ? -12.610 2.671   9.257   1.00 25.83 ? 45   LEU A N   1 
ATOM   408  C  CA  . LEU A 1 46 ? -11.506 3.531   9.638   1.00 26.94 ? 45   LEU A CA  1 
ATOM   409  C  C   . LEU A 1 46 ? -12.117 4.785   10.208  1.00 26.81 ? 45   LEU A C   1 
ATOM   410  O  O   . LEU A 1 46 ? -12.768 5.529   9.485   1.00 29.71 ? 45   LEU A O   1 
ATOM   411  C  CB  . LEU A 1 46 ? -10.659 3.870   8.413   1.00 27.07 ? 45   LEU A CB  1 
ATOM   412  C  CG  . LEU A 1 46 ? -10.071 2.662   7.688   1.00 29.01 ? 45   LEU A CG  1 
ATOM   413  C  CD1 . LEU A 1 46 ? -9.284  3.155   6.460   1.00 34.42 ? 45   LEU A CD1 1 
ATOM   414  C  CD2 . LEU A 1 46 ? -9.215  1.853   8.574   1.00 30.35 ? 45   LEU A CD2 1 
ATOM   415  N  N   . GLU A 1 47 ? -11.901 5.004   11.500  1.00 29.64 ? 46   GLU A N   1 
ATOM   416  C  CA  . GLU A 1 47 ? -12.507 6.097   12.245  1.00 29.31 ? 46   GLU A CA  1 
ATOM   417  C  C   . GLU A 1 47 ? -11.487 7.245   12.430  1.00 28.17 ? 46   GLU A C   1 
ATOM   418  O  O   . GLU A 1 47 ? -10.358 7.014   12.863  1.00 30.37 ? 46   GLU A O   1 
ATOM   419  C  CB  . GLU A 1 47 ? -13.013 5.545   13.599  1.00 28.59 ? 46   GLU A CB  1 
ATOM   420  C  CG  . GLU A 1 47 ? -14.116 4.507   13.461  1.00 32.40 ? 46   GLU A CG  1 
ATOM   421  C  CD  . GLU A 1 47 ? -14.838 4.194   14.779  1.00 36.34 ? 46   GLU A CD  1 
ATOM   422  O  OE1 . GLU A 1 47 ? -14.153 3.871   15.765  1.00 36.41 ? 46   GLU A OE1 1 
ATOM   423  O  OE2 . GLU A 1 47 ? -16.097 4.256   14.813  1.00 32.73 ? 46   GLU A OE2 1 
ATOM   424  N  N   . GLU A 1 48 ? -11.872 8.466   12.080  1.00 29.86 ? 47   GLU A N   1 
ATOM   425  C  CA  . GLU A 1 48 ? -10.946 9.602   12.105  1.00 26.77 ? 47   GLU A CA  1 
ATOM   426  C  C   . GLU A 1 48 ? -10.719 10.170  13.509  1.00 27.78 ? 47   GLU A C   1 
ATOM   427  O  O   . GLU A 1 48 ? -11.663 10.543  14.183  1.00 27.47 ? 47   GLU A O   1 
ATOM   428  C  CB  . GLU A 1 48 ? -11.444 10.722  11.209  1.00 27.79 ? 47   GLU A CB  1 
ATOM   429  C  CG  . GLU A 1 48 ? -10.412 11.881  11.030  1.00 29.17 ? 47   GLU A CG  1 
ATOM   430  C  CD  . GLU A 1 48 ? -10.895 13.061  10.222  1.00 33.63 ? 47   GLU A CD  1 
ATOM   431  O  OE1 . GLU A 1 48 ? -12.114 13.201  9.982   1.00 32.34 ? 47   GLU A OE1 1 
ATOM   432  O  OE2 . GLU A 1 48 ? -10.039 13.888  9.836   1.00 34.81 ? 47   GLU A OE2 1 
ATOM   433  N  N   . TYR A 1 49 ? -9.444  10.220  13.906  1.00 27.75 ? 48   TYR A N   1 
ATOM   434  C  CA  . TYR A 1 49 ? -9.034  10.792  15.184  1.00 26.52 ? 48   TYR A CA  1 
ATOM   435  C  C   . TYR A 1 49 ? -7.941  11.819  14.962  1.00 26.38 ? 48   TYR A C   1 
ATOM   436  O  O   . TYR A 1 49 ? -7.269  11.822  13.926  1.00 28.94 ? 48   TYR A O   1 
ATOM   437  C  CB  . TYR A 1 49 ? -8.458  9.728   16.099  1.00 28.39 ? 48   TYR A CB  1 
ATOM   438  C  CG  . TYR A 1 49 ? -9.464  8.860   16.830  1.00 25.77 ? 48   TYR A CG  1 
ATOM   439  C  CD1 . TYR A 1 49 ? -10.132 7.834   16.178  1.00 29.10 ? 48   TYR A CD1 1 
ATOM   440  C  CD2 . TYR A 1 49 ? -9.742  9.043   18.174  1.00 31.27 ? 48   TYR A CD2 1 
ATOM   441  C  CE1 . TYR A 1 49 ? -11.091 7.036   16.861  1.00 32.12 ? 48   TYR A CE1 1 
ATOM   442  C  CE2 . TYR A 1 49 ? -10.671 8.255   18.820  1.00 29.36 ? 48   TYR A CE2 1 
ATOM   443  C  CZ  . TYR A 1 49 ? -11.324 7.258   18.171  1.00 35.54 ? 48   TYR A CZ  1 
ATOM   444  O  OH  . TYR A 1 49 ? -12.221 6.470   18.895  1.00 39.64 ? 48   TYR A OH  1 
HETATM 445  N  N   A MSE A 1 50 ? -7.765  12.701  15.928  0.70 26.34 ? 49   MSE A N   1 
HETATM 446  N  N   B MSE A 1 50 ? -7.735  12.673  15.963  0.30 27.28 ? 49   MSE A N   1 
HETATM 447  C  CA  A MSE A 1 50 ? -6.605  13.601  15.935  0.70 27.25 ? 49   MSE A CA  1 
HETATM 448  C  CA  B MSE A 1 50 ? -6.702  13.720  15.932  0.30 28.23 ? 49   MSE A CA  1 
HETATM 449  C  C   A MSE A 1 50 ? -6.241  13.913  17.366  0.70 23.86 ? 49   MSE A C   1 
HETATM 450  C  C   B MSE A 1 50 ? -6.229  14.005  17.359  0.30 26.12 ? 49   MSE A C   1 
HETATM 451  O  O   A MSE A 1 50 ? -7.036  14.473  18.122  0.70 24.32 ? 49   MSE A O   1 
HETATM 452  O  O   B MSE A 1 50 ? -6.963  14.624  18.137  0.30 26.13 ? 49   MSE A O   1 
HETATM 453  C  CB  A MSE A 1 50 ? -6.851  14.904  15.175  0.70 27.69 ? 49   MSE A CB  1 
HETATM 454  C  CB  B MSE A 1 50 ? -7.268  14.998  15.274  0.30 29.45 ? 49   MSE A CB  1 
HETATM 455  C  CG  A MSE A 1 50 ? -5.754  15.946  15.333  0.70 29.46 ? 49   MSE A CG  1 
HETATM 456  C  CG  B MSE A 1 50 ? -6.362  16.261  15.188  0.30 28.47 ? 49   MSE A CG  1 
HETATM 457  SE SE  A MSE A 1 50 ? -6.101  17.600  14.355  0.50 37.92 ? 49   MSE A SE  1 
HETATM 458  SE SE  B MSE A 1 50 ? -5.109  16.375  13.647  0.25 35.93 ? 49   MSE A SE  1 
HETATM 459  C  CE  A MSE A 1 50 ? -7.842  18.174  15.074  0.70 37.86 ? 49   MSE A CE  1 
HETATM 460  C  CE  B MSE A 1 50 ? -4.277  15.067  14.121  0.30 11.07 ? 49   MSE A CE  1 
ATOM   461  N  N   . ASN A 1 51 ? -5.019  13.555  17.704  1.00 25.71 ? 50   ASN A N   1 
ATOM   462  C  CA  . ASN A 1 51 ? -4.418  13.848  19.010  1.00 26.87 ? 50   ASN A CA  1 
ATOM   463  C  C   . ASN A 1 51 ? -5.333  13.442  20.171  1.00 25.37 ? 50   ASN A C   1 
ATOM   464  O  O   . ASN A 1 51 ? -5.556  14.188  21.116  1.00 26.45 ? 50   ASN A O   1 
ATOM   465  C  CB  . ASN A 1 51 ? -4.054  15.331  19.093  1.00 29.28 ? 50   ASN A CB  1 
ATOM   466  C  CG  . ASN A 1 51 ? -2.939  15.724  18.122  1.00 30.46 ? 50   ASN A CG  1 
ATOM   467  O  OD1 . ASN A 1 51 ? -1.970  14.977  17.930  1.00 35.68 ? 50   ASN A OD1 1 
ATOM   468  N  ND2 . ASN A 1 51 ? -3.058  16.904  17.548  1.00 32.94 ? 50   ASN A ND2 1 
ATOM   469  N  N   . GLY A 1 52 ? -5.876  12.239  20.040  1.00 25.51 ? 51   GLY A N   1 
ATOM   470  C  CA  . GLY A 1 52 ? -6.744  11.661  21.050  1.00 26.69 ? 51   GLY A CA  1 
ATOM   471  C  C   . GLY A 1 52 ? -8.213  11.992  20.953  1.00 25.75 ? 51   GLY A C   1 
ATOM   472  O  O   . GLY A 1 52 ? -9.020  11.442  21.682  1.00 27.83 ? 51   GLY A O   1 
HETATM 473  N  N   . MSE A 1 53 ? -8.579  12.892  20.051  1.00 26.10 ? 52   MSE A N   1 
HETATM 474  C  CA  . MSE A 1 53 ? -9.958  13.274  19.895  1.00 24.79 ? 52   MSE A CA  1 
HETATM 475  C  C   . MSE A 1 53 ? -10.577 12.574  18.718  1.00 25.72 ? 52   MSE A C   1 
HETATM 476  O  O   . MSE A 1 53 ? -10.011 12.589  17.633  1.00 26.74 ? 52   MSE A O   1 
HETATM 477  C  CB  . MSE A 1 53 ? -10.045 14.785  19.652  1.00 27.93 ? 52   MSE A CB  1 
HETATM 478  C  CG  . MSE A 1 53 ? -9.304  15.645  20.670  1.00 30.26 ? 52   MSE A CG  1 
HETATM 479  SE SE  . MSE A 1 53 ? -9.965  15.499  22.415  0.75 33.55 ? 52   MSE A SE  1 
HETATM 480  C  CE  . MSE A 1 53 ? -11.714 16.013  22.009  1.00 32.49 ? 52   MSE A CE  1 
ATOM   481  N  N   . TYR A 1 54 ? -11.760 11.998  18.932  1.00 26.03 ? 53   TYR A N   1 
ATOM   482  C  CA  . TYR A 1 54 ? -12.582 11.434  17.846  1.00 25.65 ? 53   TYR A CA  1 
ATOM   483  C  C   . TYR A 1 54 ? -13.214 12.577  17.022  1.00 26.37 ? 53   TYR A C   1 
ATOM   484  O  O   . TYR A 1 54 ? -13.871 13.479  17.580  1.00 28.39 ? 53   TYR A O   1 
ATOM   485  C  CB  . TYR A 1 54 ? -13.673 10.576  18.447  1.00 26.95 ? 53   TYR A CB  1 
ATOM   486  C  CG  . TYR A 1 54 ? -14.738 10.098  17.469  1.00 29.64 ? 53   TYR A CG  1 
ATOM   487  C  CD1 . TYR A 1 54 ? -14.430 9.247   16.427  1.00 29.11 ? 53   TYR A CD1 1 
ATOM   488  C  CD2 . TYR A 1 54 ? -16.067 10.492  17.627  1.00 30.90 ? 53   TYR A CD2 1 
ATOM   489  C  CE1 . TYR A 1 54 ? -15.403 8.816   15.552  1.00 31.60 ? 53   TYR A CE1 1 
ATOM   490  C  CE2 . TYR A 1 54 ? -17.057 10.048  16.753  1.00 31.62 ? 53   TYR A CE2 1 
ATOM   491  C  CZ  . TYR A 1 54 ? -16.715 9.205   15.742  1.00 30.45 ? 53   TYR A CZ  1 
ATOM   492  O  OH  . TYR A 1 54 ? -17.696 8.779   14.874  1.00 31.69 ? 53   TYR A OH  1 
ATOM   493  N  N   . LEU A 1 55 ? -13.066 12.511  15.714  1.00 27.62 ? 54   LEU A N   1 
ATOM   494  C  CA  . LEU A 1 55 ? -13.491 13.596  14.843  1.00 27.69 ? 54   LEU A CA  1 
ATOM   495  C  C   . LEU A 1 55 ? -14.786 13.360  14.066  1.00 29.31 ? 54   LEU A C   1 
ATOM   496  O  O   . LEU A 1 55 ? -15.037 14.014  13.055  1.00 31.52 ? 54   LEU A O   1 
ATOM   497  C  CB  . LEU A 1 55 ? -12.362 14.024  13.909  1.00 30.33 ? 54   LEU A CB  1 
ATOM   498  C  CG  . LEU A 1 55 ? -11.092 14.584  14.538  1.00 31.08 ? 54   LEU A CG  1 
ATOM   499  C  CD1 . LEU A 1 55 ? -10.220 15.117  13.419  1.00 31.77 ? 54   LEU A CD1 1 
ATOM   500  C  CD2 . LEU A 1 55 ? -11.315 15.659  15.565  1.00 31.84 ? 54   LEU A CD2 1 
ATOM   501  N  N   A ASP A 1 56 ? -15.630 12.462  14.552  0.50 27.91 ? 55   ASP A N   1 
ATOM   502  N  N   B ASP A 1 56 ? -15.591 12.413  14.541  0.50 28.64 ? 55   ASP A N   1 
ATOM   503  C  CA  A ASP A 1 56 ? -16.971 12.297  13.989  0.50 29.89 ? 55   ASP A CA  1 
ATOM   504  C  CA  B ASP A 1 56 ? -16.961 12.237  14.057  0.50 31.65 ? 55   ASP A CA  1 
ATOM   505  C  C   A ASP A 1 56 ? -16.979 12.066  12.468  0.50 30.46 ? 55   ASP A C   1 
ATOM   506  C  C   B ASP A 1 56 ? -17.078 11.907  12.555  0.50 31.80 ? 55   ASP A C   1 
ATOM   507  O  O   A ASP A 1 56 ? -17.771 12.666  11.720  0.50 31.54 ? 55   ASP A O   1 
ATOM   508  O  O   B ASP A 1 56 ? -18.097 12.234  11.926  0.50 32.94 ? 55   ASP A O   1 
ATOM   509  C  CB  A ASP A 1 56 ? -17.852 13.512  14.348  0.50 29.98 ? 55   ASP A CB  1 
ATOM   510  C  CB  B ASP A 1 56 ? -17.783 13.494  14.413  0.50 32.68 ? 55   ASP A CB  1 
ATOM   511  C  CG  A ASP A 1 56 ? -19.326 13.226  14.174  0.50 30.76 ? 55   ASP A CG  1 
ATOM   512  C  CG  B ASP A 1 56 ? -17.483 14.011  15.825  0.50 38.12 ? 55   ASP A CG  1 
ATOM   513  O  OD1 A ASP A 1 56 ? -19.723 12.079  14.424  0.50 26.90 ? 55   ASP A OD1 1 
ATOM   514  O  OD1 B ASP A 1 56 ? -17.722 13.279  16.824  0.50 37.05 ? 55   ASP A OD1 1 
ATOM   515  O  OD2 A ASP A 1 56 ? -20.085 14.140  13.788  0.50 31.79 ? 55   ASP A OD2 1 
ATOM   516  O  OD2 B ASP A 1 56 ? -17.009 15.166  15.934  0.50 44.07 ? 55   ASP A OD2 1 
ATOM   517  N  N   . ASP A 1 57 ? -16.065 11.226  12.008  1.00 31.07 ? 56   ASP A N   1 
ATOM   518  C  CA  . ASP A 1 57 ? -16.064 10.803  10.610  1.00 30.69 ? 56   ASP A CA  1 
ATOM   519  C  C   . ASP A 1 57 ? -15.400 9.438   10.509  1.00 31.15 ? 56   ASP A C   1 
ATOM   520  O  O   . ASP A 1 57 ? -14.656 9.009   11.398  1.00 28.79 ? 56   ASP A O   1 
ATOM   521  C  CB  . ASP A 1 57 ? -15.416 11.850  9.690   1.00 29.76 ? 56   ASP A CB  1 
ATOM   522  C  CG  . ASP A 1 57 ? -15.870 11.742  8.230   1.00 33.43 ? 56   ASP A CG  1 
ATOM   523  O  OD1 . ASP A 1 57 ? -16.745 10.891  7.897   1.00 35.68 ? 56   ASP A OD1 1 
ATOM   524  O  OD2 . ASP A 1 57 ? -15.318 12.501  7.401   1.00 35.02 ? 56   ASP A OD2 1 
ATOM   525  N  N   A GLU A 1 58 ? -15.714 8.739   9.428   0.70 30.23 ? 57   GLU A N   1 
ATOM   526  N  N   B GLU A 1 58 ? -15.742 8.726   9.446   0.30 30.55 ? 57   GLU A N   1 
ATOM   527  C  CA  A GLU A 1 58 ? -15.212 7.404   9.204   0.70 31.39 ? 57   GLU A CA  1 
ATOM   528  C  CA  B GLU A 1 58 ? -15.188 7.416   9.195   0.30 31.01 ? 57   GLU A CA  1 
ATOM   529  C  C   A GLU A 1 58 ? -15.392 7.039   7.753   0.70 31.45 ? 57   GLU A C   1 
ATOM   530  C  C   B GLU A 1 58 ? -15.358 7.063   7.734   0.30 31.06 ? 57   GLU A C   1 
ATOM   531  O  O   A GLU A 1 58 ? -16.154 7.699   7.031   0.70 33.48 ? 57   GLU A O   1 
ATOM   532  O  O   B GLU A 1 58 ? -16.060 7.759   6.991   0.30 32.04 ? 57   GLU A O   1 
ATOM   533  C  CB  A GLU A 1 58 ? -15.949 6.380   10.097  0.70 31.67 ? 57   GLU A CB  1 
ATOM   534  C  CB  B GLU A 1 58 ? -15.862 6.344   10.071  0.30 31.12 ? 57   GLU A CB  1 
ATOM   535  C  CG  A GLU A 1 58 ? -17.431 6.136   9.757   0.70 36.04 ? 57   GLU A CG  1 
ATOM   536  C  CG  B GLU A 1 58 ? -17.394 6.339   10.036  0.30 32.58 ? 57   GLU A CG  1 
ATOM   537  C  CD  A GLU A 1 58 ? -18.331 7.325   10.039  0.70 42.55 ? 57   GLU A CD  1 
ATOM   538  C  CD  B GLU A 1 58 ? -18.012 6.986   11.262  0.30 30.16 ? 57   GLU A CD  1 
ATOM   539  O  OE1 A GLU A 1 58 ? -18.274 7.888   11.160  0.70 43.79 ? 57   GLU A OE1 1 
ATOM   540  O  OE1 B GLU A 1 58 ? -18.708 8.016   11.113  0.30 32.66 ? 57   GLU A OE1 1 
ATOM   541  O  OE2 A GLU A 1 58 ? -19.113 7.683   9.134   0.70 39.73 ? 57   GLU A OE2 1 
ATOM   542  O  OE2 B GLU A 1 58 ? -17.804 6.464   12.377  0.30 35.66 ? 57   GLU A OE2 1 
ATOM   543  N  N   . CYS A 1 59 ? -14.688 5.994   7.321   1.00 30.92 ? 58   CYS A N   1 
ATOM   544  C  CA  . CYS A 1 59 ? -14.887 5.448   5.986   1.00 30.03 ? 58   CYS A CA  1 
ATOM   545  C  C   . CYS A 1 59 ? -14.739 3.952   6.085   1.00 27.75 ? 58   CYS A C   1 
ATOM   546  O  O   . CYS A 1 59 ? -14.298 3.407   7.131   1.00 29.58 ? 58   CYS A O   1 
ATOM   547  C  CB  . CYS A 1 59 ? -13.929 6.071   4.974   1.00 29.24 ? 58   CYS A CB  1 
ATOM   548  S  SG  . CYS A 1 59 ? -12.222 5.705   5.226   1.00 33.11 ? 58   CYS A SG  1 
ATOM   549  N  N   . GLU A 1 60 ? -15.111 3.282   4.999   1.00 27.26 ? 59   GLU A N   1 
ATOM   550  C  CA  . GLU A 1 60 ? -15.085 1.836   4.922   1.00 29.05 ? 59   GLU A CA  1 
ATOM   551  C  C   . GLU A 1 60 ? -14.204 1.413   3.757   1.00 27.78 ? 59   GLU A C   1 
ATOM   552  O  O   . GLU A 1 60 ? -14.253 2.031   2.709   1.00 26.57 ? 59   GLU A O   1 
ATOM   553  C  CB  . GLU A 1 60 ? -16.518 1.298   4.756   1.00 29.26 ? 59   GLU A CB  1 
ATOM   554  C  CG  . GLU A 1 60 ? -16.585 -0.189  4.653   1.00 29.86 ? 59   GLU A CG  1 
ATOM   555  C  CD  . GLU A 1 60 ? -18.007 -0.726  4.525   1.00 33.98 ? 59   GLU A CD  1 
ATOM   556  O  OE1 . GLU A 1 60 ? -18.681 -0.768  5.573   1.00 33.42 ? 59   GLU A OE1 1 
ATOM   557  O  OE2 . GLU A 1 60 ? -18.382 -1.149  3.391   1.00 36.53 ? 59   GLU A OE2 1 
ATOM   558  N  N   . ALA A 1 61 ? -13.370 0.385   3.959   1.00 27.01 ? 60   ALA A N   1 
ATOM   559  C  CA  . ALA A 1 61 ? -12.524 -0.160  2.899   1.00 27.41 ? 60   ALA A CA  1 
ATOM   560  C  C   . ALA A 1 61 ? -12.429 -1.673  3.000   1.00 28.91 ? 60   ALA A C   1 
ATOM   561  O  O   . ALA A 1 61 ? -12.447 -2.233  4.104   1.00 34.46 ? 60   ALA A O   1 
ATOM   562  C  CB  . ALA A 1 61 ? -11.114 0.464   2.962   1.00 27.60 ? 60   ALA A CB  1 
ATOM   563  N  N   . GLU A 1 62 ? -12.306 -2.350  1.864   1.00 25.73 ? 61   GLU A N   1 
ATOM   564  C  CA  . GLU A 1 62 ? -12.147 -3.795  1.824   1.00 27.27 ? 61   GLU A CA  1 
ATOM   565  C  C   . GLU A 1 62 ? -10.642 -4.128  1.765   1.00 28.67 ? 61   GLU A C   1 
ATOM   566  O  O   . GLU A 1 62 ? -9.884  -3.461  1.042   1.00 26.97 ? 61   GLU A O   1 
ATOM   567  C  CB  . GLU A 1 62 ? -12.880 -4.414  0.616   1.00 28.31 ? 61   GLU A CB  1 
ATOM   568  C  CG  . GLU A 1 62 ? -12.760 -5.930  0.556   1.00 28.06 ? 61   GLU A CG  1 
ATOM   569  C  CD  . GLU A 1 62 ? -13.366 -6.557  -0.708  1.00 35.89 ? 61   GLU A CD  1 
ATOM   570  O  OE1 . GLU A 1 62 ? -14.112 -5.866  -1.418  1.00 40.21 ? 61   GLU A OE1 1 
ATOM   571  O  OE2 . GLU A 1 62 ? -13.063 -7.738  -0.977  1.00 40.95 ? 61   GLU A OE2 1 
ATOM   572  N  N   . VAL A 1 63 ? -10.222 -5.163  2.510   1.00 26.69 ? 62   VAL A N   1 
ATOM   573  C  CA  . VAL A 1 63 ? -8.882  -5.687  2.425   1.00 25.87 ? 62   VAL A CA  1 
ATOM   574  C  C   . VAL A 1 63 ? -8.837  -6.538  1.169   1.00 27.85 ? 62   VAL A C   1 
ATOM   575  O  O   . VAL A 1 63 ? -9.500  -7.597  1.094   1.00 27.81 ? 62   VAL A O   1 
ATOM   576  C  CB  . VAL A 1 63 ? -8.465  -6.545  3.668   1.00 26.63 ? 62   VAL A CB  1 
ATOM   577  C  CG1 . VAL A 1 63 ? -7.049  -7.144  3.435   1.00 27.53 ? 62   VAL A CG1 1 
ATOM   578  C  CG2 . VAL A 1 63 ? -8.575  -5.694  4.958   1.00 26.49 ? 62   VAL A CG2 1 
ATOM   579  N  N   . ILE A 1 64 ? -8.067  -6.081  0.181   1.00 25.88 ? 63   ILE A N   1 
ATOM   580  C  CA  . ILE A 1 64 ? -7.938  -6.797  -1.081  1.00 24.51 ? 63   ILE A CA  1 
ATOM   581  C  C   . ILE A 1 64 ? -6.615  -7.542  -1.279  1.00 26.15 ? 63   ILE A C   1 
ATOM   582  O  O   . ILE A 1 64 ? -6.490  -8.356  -2.213  1.00 27.76 ? 63   ILE A O   1 
ATOM   583  C  CB  . ILE A 1 64 ? -8.186  -5.861  -2.265  1.00 25.83 ? 63   ILE A CB  1 
ATOM   584  C  CG1 . ILE A 1 64 ? -7.186  -4.702  -2.306  1.00 26.81 ? 63   ILE A CG1 1 
ATOM   585  C  CG2 . ILE A 1 64 ? -9.644  -5.353  -2.189  1.00 26.76 ? 63   ILE A CG2 1 
ATOM   586  C  CD1 . ILE A 1 64 ? -7.233  -3.934  -3.660  1.00 29.65 ? 63   ILE A CD1 1 
ATOM   587  N  N   . TYR A 1 65 ? -5.662  -7.305  -0.390  1.00 25.25 ? 64   TYR A N   1 
ATOM   588  C  CA  . TYR A 1 65 ? -4.344  -7.884  -0.518  1.00 26.74 ? 64   TYR A CA  1 
ATOM   589  C  C   . TYR A 1 65 ? -3.667  -7.831  0.853   1.00 25.72 ? 64   TYR A C   1 
ATOM   590  O  O   . TYR A 1 65 ? -3.921  -6.913  1.635   1.00 25.79 ? 64   TYR A O   1 
ATOM   591  C  CB  . TYR A 1 65 ? -3.546  -7.113  -1.569  1.00 27.52 ? 64   TYR A CB  1 
ATOM   592  C  CG  . TYR A 1 65 ? -2.199  -7.724  -1.925  1.00 23.88 ? 64   TYR A CG  1 
ATOM   593  C  CD1 . TYR A 1 65 ? -2.076  -8.780  -2.842  1.00 25.54 ? 64   TYR A CD1 1 
ATOM   594  C  CD2 . TYR A 1 65 ? -1.035  -7.249  -1.339  1.00 25.82 ? 64   TYR A CD2 1 
ATOM   595  C  CE1 . TYR A 1 65 ? -0.837  -9.357  -3.110  1.00 29.40 ? 64   TYR A CE1 1 
ATOM   596  C  CE2 . TYR A 1 65 ? 0.189   -7.796  -1.611  1.00 28.90 ? 64   TYR A CE2 1 
ATOM   597  C  CZ  . TYR A 1 65 ? 0.301   -8.859  -2.470  1.00 27.45 ? 64   TYR A CZ  1 
ATOM   598  O  OH  . TYR A 1 65 ? 1.539   -9.427  -2.780  1.00 30.89 ? 64   TYR A OH  1 
ATOM   599  N  N   A ILE A 1 66 ? -2.818  -8.816  1.141   0.50 25.04 ? 65   ILE A N   1 
ATOM   600  N  N   B ILE A 1 66 ? -2.859  -8.849  1.156   0.50 25.71 ? 65   ILE A N   1 
ATOM   601  C  CA  A ILE A 1 66 ? -2.093  -8.850  2.407   0.50 24.55 ? 65   ILE A CA  1 
ATOM   602  C  CA  B ILE A 1 66 ? -2.076  -8.892  2.394   0.50 25.00 ? 65   ILE A CA  1 
ATOM   603  C  C   A ILE A 1 66 ? -0.711  -9.464  2.203   0.50 25.53 ? 65   ILE A C   1 
ATOM   604  C  C   B ILE A 1 66 ? -0.675  -9.390  2.084   0.50 24.87 ? 65   ILE A C   1 
ATOM   605  O  O   A ILE A 1 66 ? -0.574  -10.514 1.564   0.50 25.95 ? 65   ILE A O   1 
ATOM   606  O  O   B ILE A 1 66 ? -0.480  -10.269 1.233   0.50 24.59 ? 65   ILE A O   1 
ATOM   607  C  CB  A ILE A 1 66 ? -2.884  -9.632  3.496   0.50 25.13 ? 65   ILE A CB  1 
ATOM   608  C  CB  B ILE A 1 66 ? -2.675  -9.830  3.473   0.50 21.77 ? 65   ILE A CB  1 
ATOM   609  C  CG1 A ILE A 1 66 ? -2.185  -9.531  4.870   0.50 23.40 ? 65   ILE A CG1 1 
ATOM   610  C  CG1 B ILE A 1 66 ? -4.112  -9.427  3.818   0.50 26.93 ? 65   ILE A CG1 1 
ATOM   611  C  CG2 A ILE A 1 66 ? -3.144  -11.079 3.036   0.50 22.62 ? 65   ILE A CG2 1 
ATOM   612  C  CG2 B ILE A 1 66 ? -1.840  -9.794  4.760   0.50 29.45 ? 65   ILE A CG2 1 
ATOM   613  C  CD1 A ILE A 1 66 ? -2.979  -10.091 6.002   0.50 22.35 ? 65   ILE A CD1 1 
ATOM   614  C  CD1 B ILE A 1 66 ? -4.745  -10.291 4.917   0.50 25.47 ? 65   ILE A CD1 1 
ATOM   615  N  N   . THR A 1 67 ? 0.313   -8.816  2.766   1.00 25.11 ? 66   THR A N   1 
ATOM   616  C  CA  . THR A 1 67 ? 1.690   -9.273  2.647   1.00 24.07 ? 66   THR A CA  1 
ATOM   617  C  C   . THR A 1 67 ? 2.474   -8.959  3.909   1.00 25.80 ? 66   THR A C   1 
ATOM   618  O  O   . THR A 1 67 ? 2.189   -7.970  4.597   1.00 27.66 ? 66   THR A O   1 
ATOM   619  C  CB  . THR A 1 67 ? 2.392   -8.638  1.434   1.00 26.65 ? 66   THR A CB  1 
ATOM   620  O  OG1 . THR A 1 67 ? 3.669   -9.264  1.231   1.00 26.28 ? 66   THR A OG1 1 
ATOM   621  C  CG2 . THR A 1 67 ? 2.572   -7.106  1.605   1.00 24.49 ? 66   THR A CG2 1 
ATOM   622  N  N   . ASP A 1 68 ? 3.428   -9.820  4.248   1.00 25.05 ? 67   ASP A N   1 
ATOM   623  C  CA  . ASP A 1 68 ? 4.400   -9.516  5.295   1.00 24.37 ? 67   ASP A CA  1 
ATOM   624  C  C   . ASP A 1 68 ? 5.794   -9.276  4.721   1.00 23.11 ? 67   ASP A C   1 
ATOM   625  O  O   . ASP A 1 68 ? 6.764   -9.291  5.496   1.00 25.65 ? 67   ASP A O   1 
ATOM   626  C  CB  . ASP A 1 68 ? 4.393   -10.577 6.394   1.00 24.43 ? 67   ASP A CB  1 
ATOM   627  C  CG  . ASP A 1 68 ? 4.812   -11.993 5.928   1.00 23.65 ? 67   ASP A CG  1 
ATOM   628  O  OD1 . ASP A 1 68 ? 5.337   -12.095 4.795   1.00 25.98 ? 67   ASP A OD1 1 
ATOM   629  O  OD2 . ASP A 1 68 ? 4.603   -12.965 6.701   1.00 23.16 ? 67   ASP A OD2 1 
ATOM   630  N  N   . TYR A 1 69 ? 5.881   -9.108  3.398   1.00 23.90 ? 68   TYR A N   1 
ATOM   631  C  CA  . TYR A 1 69 ? 7.160   -8.917  2.723   1.00 23.90 ? 68   TYR A CA  1 
ATOM   632  C  C   . TYR A 1 69 ? 7.962   -7.800  3.372   1.00 25.43 ? 68   TYR A C   1 
ATOM   633  O  O   . TYR A 1 69 ? 7.478   -6.670  3.471   1.00 25.12 ? 68   TYR A O   1 
ATOM   634  C  CB  . TYR A 1 69 ? 6.935   -8.617  1.231   1.00 23.44 ? 68   TYR A CB  1 
ATOM   635  C  CG  . TYR A 1 69 ? 8.205   -8.378  0.454   1.00 26.27 ? 68   TYR A CG  1 
ATOM   636  C  CD1 . TYR A 1 69 ? 8.732   -7.098  0.342   1.00 28.52 ? 68   TYR A CD1 1 
ATOM   637  C  CD2 . TYR A 1 69 ? 8.861   -9.417  -0.171  1.00 33.85 ? 68   TYR A CD2 1 
ATOM   638  C  CE1 . TYR A 1 69 ? 9.891   -6.850  -0.369  1.00 32.03 ? 68   TYR A CE1 1 
ATOM   639  C  CE2 . TYR A 1 69 ? 10.046  -9.172  -0.904  1.00 33.45 ? 68   TYR A CE2 1 
ATOM   640  C  CZ  . TYR A 1 69 ? 10.541  -7.874  -0.973  1.00 32.85 ? 68   TYR A CZ  1 
ATOM   641  O  OH  . TYR A 1 69 ? 11.691  -7.532  -1.694  1.00 35.18 ? 68   TYR A OH  1 
ATOM   642  N  N   . ALA A 1 70 ? 9.169   -8.147  3.825   1.00 26.64 ? 69   ALA A N   1 
ATOM   643  C  CA  . ALA A 1 70 ? 10.102  -7.222  4.486   1.00 26.85 ? 69   ALA A CA  1 
ATOM   644  C  C   . ALA A 1 70 ? 9.601   -6.555  5.768   1.00 27.86 ? 69   ALA A C   1 
ATOM   645  O  O   . ALA A 1 70 ? 10.240  -5.647  6.285   1.00 27.12 ? 69   ALA A O   1 
ATOM   646  C  CB  . ALA A 1 70 ? 10.567  -6.138  3.491   1.00 27.29 ? 69   ALA A CB  1 
ATOM   647  N  N   . GLN A 1 71 ? 8.509   -7.064  6.353   1.00 24.94 ? 70   GLN A N   1 
ATOM   648  C  CA  . GLN A 1 71 ? 7.950   -6.427  7.535   1.00 25.40 ? 70   GLN A CA  1 
ATOM   649  C  C   . GLN A 1 71 ? 8.553   -6.958  8.837   1.00 24.83 ? 70   GLN A C   1 
ATOM   650  O  O   . GLN A 1 71 ? 9.111   -8.080  8.919   1.00 25.48 ? 70   GLN A O   1 
ATOM   651  C  CB  . GLN A 1 71 ? 6.416   -6.611  7.554   1.00 25.11 ? 70   GLN A CB  1 
ATOM   652  C  CG  . GLN A 1 71 ? 5.699   -6.015  6.356   1.00 24.08 ? 70   GLN A CG  1 
ATOM   653  C  CD  . GLN A 1 71 ? 6.069   -4.573  6.165   1.00 22.58 ? 70   GLN A CD  1 
ATOM   654  O  OE1 . GLN A 1 71 ? 5.696   -3.693  6.983   1.00 25.03 ? 70   GLN A OE1 1 
ATOM   655  N  NE2 . GLN A 1 71 ? 6.801   -4.282  5.074   1.00 23.37 ? 70   GLN A NE2 1 
ATOM   656  N  N   . ARG A 1 72 ? 8.440   -6.115  9.860   1.00 23.32 ? 71   ARG A N   1 
ATOM   657  C  CA  . ARG A 1 72 ? 8.858   -6.482  11.204  1.00 24.32 ? 71   ARG A CA  1 
ATOM   658  C  C   . ARG A 1 72 ? 7.970   -7.632  11.717  1.00 25.05 ? 71   ARG A C   1 
ATOM   659  O  O   . ARG A 1 72 ? 6.874   -7.833  11.203  1.00 23.52 ? 71   ARG A O   1 
ATOM   660  C  CB  . ARG A 1 72 ? 8.761   -5.240  12.105  1.00 24.64 ? 71   ARG A CB  1 
ATOM   661  C  CG  . ARG A 1 72 ? 9.757   -4.148  11.788  1.00 24.66 ? 71   ARG A CG  1 
ATOM   662  C  CD  . ARG A 1 72 ? 9.582   -2.889  12.634  1.00 26.11 ? 71   ARG A CD  1 
ATOM   663  N  NE  . ARG A 1 72 ? 10.583  -1.884  12.238  1.00 28.73 ? 71   ARG A NE  1 
ATOM   664  C  CZ  . ARG A 1 72 ? 11.846  -1.846  12.650  1.00 23.69 ? 71   ARG A CZ  1 
ATOM   665  N  NH1 . ARG A 1 72 ? 12.345  -2.746  13.507  1.00 26.04 ? 71   ARG A NH1 1 
ATOM   666  N  NH2 . ARG A 1 72 ? 12.641  -0.868  12.194  1.00 30.02 ? 71   ARG A NH2 1 
ATOM   667  N  N   . GLU A 1 73 ? 8.419   -8.388  12.700  1.00 25.95 ? 72   GLU A N   1 
ATOM   668  C  CA  . GLU A 1 73 ? 7.653   -9.528  13.207  1.00 27.35 ? 72   GLU A CA  1 
ATOM   669  C  C   . GLU A 1 73 ? 6.263   -9.115  13.627  1.00 27.17 ? 72   GLU A C   1 
ATOM   670  O  O   . GLU A 1 73 ? 6.078   -8.153  14.368  1.00 25.82 ? 72   GLU A O   1 
ATOM   671  C  CB  . GLU A 1 73 ? 8.371   -10.178 14.391  1.00 26.61 ? 72   GLU A CB  1 
ATOM   672  C  CG  . GLU A 1 73 ? 7.575   -11.315 15.060  1.00 28.58 ? 72   GLU A CG  1 
ATOM   673  C  CD  . GLU A 1 73 ? 8.339   -11.992 16.160  1.00 29.17 ? 72   GLU A CD  1 
ATOM   674  O  OE1 . GLU A 1 73 ? 9.441   -12.464 15.897  1.00 27.48 ? 72   GLU A OE1 1 
ATOM   675  O  OE2 . GLU A 1 73 ? 7.800   -12.068 17.289  1.00 35.52 ? 72   GLU A OE2 1 
ATOM   676  N  N   . GLY A 1 74 ? 5.268   -9.824  13.087  1.00 24.67 ? 73   GLY A N   1 
ATOM   677  C  CA  . GLY A 1 74 ? 3.881   -9.562  13.401  1.00 25.26 ? 73   GLY A CA  1 
ATOM   678  C  C   . GLY A 1 74 ? 3.171   -8.511  12.613  1.00 25.21 ? 73   GLY A C   1 
ATOM   679  O  O   . GLY A 1 74 ? 1.968   -8.341  12.766  1.00 26.21 ? 73   GLY A O   1 
ATOM   680  N  N   . TYR A 1 75 ? 3.904   -7.808  11.776  1.00 24.29 ? 74   TYR A N   1 
ATOM   681  C  CA  . TYR A 1 75 ? 3.372   -6.737  10.939  1.00 21.83 ? 74   TYR A CA  1 
ATOM   682  C  C   . TYR A 1 75 ? 3.025   -7.216  9.521   1.00 24.95 ? 74   TYR A C   1 
ATOM   683  O  O   . TYR A 1 75 ? 3.673   -8.106  8.967   1.00 24.00 ? 74   TYR A O   1 
ATOM   684  C  CB  . TYR A 1 75 ? 4.328   -5.518  10.856  1.00 23.36 ? 74   TYR A CB  1 
ATOM   685  C  CG  . TYR A 1 75 ? 4.386   -4.684  12.138  1.00 23.16 ? 74   TYR A CG  1 
ATOM   686  C  CD1 . TYR A 1 75 ? 5.187   -5.071  13.205  1.00 23.39 ? 74   TYR A CD1 1 
ATOM   687  C  CD2 . TYR A 1 75 ? 3.637   -3.534  12.274  1.00 25.56 ? 74   TYR A CD2 1 
ATOM   688  C  CE1 . TYR A 1 75 ? 5.231   -4.340  14.373  1.00 26.27 ? 74   TYR A CE1 1 
ATOM   689  C  CE2 . TYR A 1 75 ? 3.660   -2.806  13.473  1.00 25.73 ? 74   TYR A CE2 1 
ATOM   690  C  CZ  . TYR A 1 75 ? 4.485   -3.211  14.498  1.00 27.10 ? 74   TYR A CZ  1 
ATOM   691  O  OH  . TYR A 1 75 ? 4.483   -2.467  15.696  1.00 29.67 ? 74   TYR A OH  1 
ATOM   692  N  N   . VAL A 1 76 ? 1.996   -6.581  8.960   1.00 25.47 ? 75   VAL A N   1 
ATOM   693  C  CA  . VAL A 1 76 ? 1.571   -6.786  7.604   1.00 23.51 ? 75   VAL A CA  1 
ATOM   694  C  C   . VAL A 1 76 ? 1.264   -5.421  6.964   1.00 24.85 ? 75   VAL A C   1 
ATOM   695  O  O   . VAL A 1 76 ? 0.954   -4.429  7.644   1.00 25.90 ? 75   VAL A O   1 
ATOM   696  C  CB  . VAL A 1 76 ? 0.335   -7.672  7.510   1.00 24.93 ? 75   VAL A CB  1 
ATOM   697  C  CG1 . VAL A 1 76 ? 0.597   -9.094  8.023   1.00 23.95 ? 75   VAL A CG1 1 
ATOM   698  C  CG2 . VAL A 1 76 ? -0.895  -7.017  8.270   1.00 24.34 ? 75   VAL A CG2 1 
ATOM   699  N  N   . VAL A 1 77 ? 1.305   -5.413  5.641   1.00 24.78 ? 76   VAL A N   1 
ATOM   700  C  CA  . VAL A 1 77 ? 0.760   -4.336  4.849   1.00 24.27 ? 76   VAL A CA  1 
ATOM   701  C  C   . VAL A 1 77 ? -0.516  -4.866  4.232   1.00 25.91 ? 76   VAL A C   1 
ATOM   702  O  O   . VAL A 1 77 ? -0.507  -5.899  3.532   1.00 24.64 ? 76   VAL A O   1 
ATOM   703  C  CB  . VAL A 1 77 ? 1.708   -3.801  3.751   1.00 24.58 ? 76   VAL A CB  1 
ATOM   704  C  CG1 . VAL A 1 77 ? 1.063   -2.562  3.058   1.00 24.10 ? 76   VAL A CG1 1 
ATOM   705  C  CG2 . VAL A 1 77 ? 3.095   -3.515  4.356   1.00 26.88 ? 76   VAL A CG2 1 
ATOM   706  N  N   . LEU A 1 78 ? -1.620  -4.195  4.526   1.00 25.35 ? 77   LEU A N   1 
ATOM   707  C  CA  . LEU A 1 78 ? -2.965  -4.482  4.000   1.00 25.52 ? 77   LEU A CA  1 
ATOM   708  C  C   . LEU A 1 78 ? -3.234  -3.569  2.809   1.00 26.12 ? 77   LEU A C   1 
ATOM   709  O  O   . LEU A 1 78 ? -3.213  -2.353  2.954   1.00 29.01 ? 77   LEU A O   1 
ATOM   710  C  CB  . LEU A 1 78 ? -4.048  -4.164  5.030   1.00 25.54 ? 77   LEU A CB  1 
ATOM   711  C  CG  . LEU A 1 78 ? -3.916  -4.887  6.353   1.00 24.55 ? 77   LEU A CG  1 
ATOM   712  C  CD1 . LEU A 1 78 ? -4.982  -4.382  7.376   1.00 29.16 ? 77   LEU A CD1 1 
ATOM   713  C  CD2 . LEU A 1 78 ? -3.989  -6.410  6.170   1.00 27.37 ? 77   LEU A CD2 1 
ATOM   714  N  N   . GLY A 1 79 ? -3.472  -4.151  1.639   1.00 26.59 ? 78   GLY A N   1 
ATOM   715  C  CA  . GLY A 1 79 ? -3.941  -3.414  0.516   1.00 25.40 ? 78   GLY A CA  1 
ATOM   716  C  C   . GLY A 1 79 ? -5.409  -3.146  0.700   1.00 28.31 ? 78   GLY A C   1 
ATOM   717  O  O   . GLY A 1 79 ? -6.149  -4.084  0.978   1.00 26.93 ? 78   GLY A O   1 
ATOM   718  N  N   . ILE A 1 80 ? -5.841  -1.898  0.572   1.00 27.16 ? 79   ILE A N   1 
ATOM   719  C  CA  . ILE A 1 80 ? -7.241  -1.583  0.871   1.00 28.08 ? 79   ILE A CA  1 
ATOM   720  C  C   . ILE A 1 80 ? -7.947  -0.853  -0.255  1.00 30.00 ? 79   ILE A C   1 
ATOM   721  O  O   . ILE A 1 80 ? -7.354  0.006   -0.905  1.00 30.08 ? 79   ILE A O   1 
ATOM   722  C  CB  . ILE A 1 80 ? -7.375  -0.766  2.172   1.00 27.50 ? 79   ILE A CB  1 
ATOM   723  C  CG1 . ILE A 1 80 ? -6.669  0.597   2.103   1.00 27.63 ? 79   ILE A CG1 1 
ATOM   724  C  CG2 . ILE A 1 80 ? -6.872  -1.595  3.377   1.00 29.51 ? 79   ILE A CG2 1 
ATOM   725  C  CD1 . ILE A 1 80 ? -7.023  1.575   3.256   1.00 29.65 ? 79   ILE A CD1 1 
ATOM   726  N  N   A GLU A 1 81 ? -9.224  -1.154  -0.431  0.70 28.36 ? 80   GLU A N   1 
ATOM   727  N  N   B GLU A 1 81 ? -9.212  -1.203  -0.473  0.30 29.17 ? 80   GLU A N   1 
ATOM   728  C  CA  A GLU A 1 81 ? -10.021 -0.569  -1.491  0.70 29.06 ? 80   GLU A CA  1 
ATOM   729  C  CA  B GLU A 1 81 ? -10.045 -0.588  -1.501  0.30 28.90 ? 80   GLU A CA  1 
ATOM   730  C  C   A GLU A 1 81 ? -11.170 0.198   -0.867  0.70 27.30 ? 80   GLU A C   1 
ATOM   731  C  C   B GLU A 1 81 ? -11.154 0.199   -0.830  0.30 28.37 ? 80   GLU A C   1 
ATOM   732  O  O   A GLU A 1 81 ? -12.096 -0.400  -0.306  0.70 27.01 ? 80   GLU A O   1 
ATOM   733  O  O   B GLU A 1 81 ? -12.051 -0.384  -0.219  0.30 28.24 ? 80   GLU A O   1 
ATOM   734  C  CB  A GLU A 1 81 ? -10.553 -1.655  -2.406  0.70 30.83 ? 80   GLU A CB  1 
ATOM   735  C  CB  B GLU A 1 81 ? -10.651 -1.654  -2.413  0.30 30.07 ? 80   GLU A CB  1 
ATOM   736  C  CG  A GLU A 1 81 ? -11.132 -1.141  -3.690  0.70 30.14 ? 80   GLU A CG  1 
ATOM   737  C  CG  B GLU A 1 81 ? -11.757 -1.170  -3.362  0.30 29.68 ? 80   GLU A CG  1 
ATOM   738  C  CD  A GLU A 1 81 ? -11.588 -2.289  -4.590  0.70 33.61 ? 80   GLU A CD  1 
ATOM   739  C  CD  B GLU A 1 81 ? -11.249 -0.395  -4.577  0.30 35.85 ? 80   GLU A CD  1 
ATOM   740  O  OE1 A GLU A 1 81 ? -12.593 -2.942  -4.248  0.70 42.68 ? 80   GLU A OE1 1 
ATOM   741  O  OE1 B GLU A 1 81 ? -10.109 0.110   -4.558  0.30 39.02 ? 80   GLU A OE1 1 
ATOM   742  O  OE2 A GLU A 1 81 ? -10.938 -2.534  -5.627  0.70 47.36 ? 80   GLU A OE2 1 
ATOM   743  O  OE2 B GLU A 1 81 ? -12.005 -0.293  -5.569  0.30 34.72 ? 80   GLU A OE2 1 
ATOM   744  N  N   . LEU A 1 82 ? -11.080 1.520   -0.944  1.00 28.66 ? 81   LEU A N   1 
ATOM   745  C  CA  . LEU A 1 82 ? -12.073 2.429   -0.392  1.00 28.94 ? 81   LEU A CA  1 
ATOM   746  C  C   . LEU A 1 82 ? -13.423 2.231   -1.043  1.00 30.51 ? 81   LEU A C   1 
ATOM   747  O  O   . LEU A 1 82 ? -13.522 2.116   -2.267  1.00 29.33 ? 81   LEU A O   1 
ATOM   748  C  CB  . LEU A 1 82 ? -11.611 3.874   -0.601  1.00 29.19 ? 81   LEU A CB  1 
ATOM   749  C  CG  . LEU A 1 82 ? -12.530 4.985   -0.063  1.00 28.58 ? 81   LEU A CG  1 
ATOM   750  C  CD1 . LEU A 1 82 ? -12.601 4.970   1.470   1.00 29.34 ? 81   LEU A CD1 1 
ATOM   751  C  CD2 . LEU A 1 82 ? -12.163 6.393   -0.603  1.00 30.52 ? 81   LEU A CD2 1 
ATOM   752  N  N   . HIS A 1 83 ? -14.445 2.202   -0.202  1.00 28.69 ? 82   HIS A N   1 
ATOM   753  C  CA  . HIS A 1 83 ? -15.823 2.096   -0.643  1.00 30.16 ? 82   HIS A CA  1 
ATOM   754  C  C   . HIS A 1 83 ? -16.493 3.450   -0.550  1.00 34.29 ? 82   HIS A C   1 
ATOM   755  O  O   . HIS A 1 83 ? -16.100 4.317   0.235   1.00 35.57 ? 82   HIS A O   1 
ATOM   756  C  CB  . HIS A 1 83 ? -16.601 1.087   0.196   1.00 30.77 ? 82   HIS A CB  1 
ATOM   757  C  CG  . HIS A 1 83 ? -16.207 -0.333  -0.049  1.00 31.68 ? 82   HIS A CG  1 
ATOM   758  N  ND1 . HIS A 1 83 ? -16.549 -1.352  0.813   1.00 42.44 ? 82   HIS A ND1 1 
ATOM   759  C  CD2 . HIS A 1 83 ? -15.430 -0.892  -1.007  1.00 36.56 ? 82   HIS A CD2 1 
ATOM   760  C  CE1 . HIS A 1 83 ? -16.050 -2.489  0.360   1.00 38.77 ? 82   HIS A CE1 1 
ATOM   761  N  NE2 . HIS A 1 83 ? -15.365 -2.236  -0.741  1.00 42.32 ? 82   HIS A NE2 1 
ATOM   762  O  OXT . HIS A 1 83 ? -17.482 3.671   -1.266  1.00 39.32 ? 82   HIS A OXT 1 
ATOM   763  N  N   . GLN B 1 4  ? 8.591   22.803  -12.704 1.00 48.11 ? 3    GLN B N   1 
ATOM   764  C  CA  . GLN B 1 4  ? 7.892   22.485  -11.420 1.00 48.70 ? 3    GLN B CA  1 
ATOM   765  C  C   . GLN B 1 4  ? 7.858   20.975  -11.157 1.00 49.61 ? 3    GLN B C   1 
ATOM   766  O  O   . GLN B 1 4  ? 8.062   20.547  -10.004 1.00 55.05 ? 3    GLN B O   1 
ATOM   767  C  CB  . GLN B 1 4  ? 6.480   23.083  -11.390 1.00 48.39 ? 3    GLN B CB  1 
ATOM   768  N  N   . GLN B 1 5  ? 7.623   20.163  -12.193 1.00 46.59 ? 4    GLN B N   1 
ATOM   769  C  CA  . GLN B 1 5  ? 7.628   18.684  -12.034 1.00 46.32 ? 4    GLN B CA  1 
ATOM   770  C  C   . GLN B 1 5  ? 8.712   17.970  -12.841 1.00 44.05 ? 4    GLN B C   1 
ATOM   771  O  O   . GLN B 1 5  ? 8.763   18.103  -14.070 1.00 40.55 ? 4    GLN B O   1 
ATOM   772  C  CB  . GLN B 1 5  ? 6.262   18.101  -12.415 1.00 46.65 ? 4    GLN B CB  1 
ATOM   773  N  N   . HIS B 1 6  ? 9.557   17.186  -12.153 1.00 42.08 ? 5    HIS B N   1 
ATOM   774  C  CA  . HIS B 1 6  ? 10.590  16.400  -12.805 1.00 39.92 ? 5    HIS B CA  1 
ATOM   775  C  C   . HIS B 1 6  ? 10.652  15.033  -12.209 1.00 37.02 ? 5    HIS B C   1 
ATOM   776  O  O   . HIS B 1 6  ? 11.490  14.750  -11.362 1.00 37.38 ? 5    HIS B O   1 
ATOM   777  C  CB  . HIS B 1 6  ? 11.944  17.038  -12.671 1.00 41.97 ? 5    HIS B CB  1 
ATOM   778  C  CG  . HIS B 1 6  ? 11.998  18.356  -13.326 1.00 41.55 ? 5    HIS B CG  1 
ATOM   779  N  ND1 . HIS B 1 6  ? 11.704  19.510  -12.644 1.00 40.86 ? 5    HIS B ND1 1 
ATOM   780  C  CD2 . HIS B 1 6  ? 12.201  18.702  -14.613 1.00 31.45 ? 5    HIS B CD2 1 
ATOM   781  C  CE1 . HIS B 1 6  ? 11.783  20.528  -13.474 1.00 37.09 ? 5    HIS B CE1 1 
ATOM   782  N  NE2 . HIS B 1 6  ? 12.098  20.071  -14.676 1.00 38.76 ? 5    HIS B NE2 1 
ATOM   783  N  N   . PRO B 1 7  ? 9.726   14.191  -12.633 1.00 31.68 ? 6    PRO B N   1 
ATOM   784  C  CA  . PRO B 1 7  ? 9.782   12.842  -12.111 1.00 30.44 ? 6    PRO B CA  1 
ATOM   785  C  C   . PRO B 1 7  ? 10.987  12.084  -12.618 1.00 26.49 ? 6    PRO B C   1 
ATOM   786  O  O   . PRO B 1 7  ? 11.442  12.295  -13.740 1.00 28.19 ? 6    PRO B O   1 
ATOM   787  C  CB  . PRO B 1 7  ? 8.497   12.217  -12.657 1.00 32.17 ? 6    PRO B CB  1 
ATOM   788  C  CG  . PRO B 1 7  ? 8.212   12.942  -13.883 1.00 37.89 ? 6    PRO B CG  1 
ATOM   789  C  CD  . PRO B 1 7  ? 8.605   14.373  -13.576 1.00 32.97 ? 6    PRO B CD  1 
ATOM   790  N  N   . THR B 1 8  ? 11.504  11.222  -11.756 1.00 27.13 ? 7    THR B N   1 
ATOM   791  C  CA  . THR B 1 8  ? 12.520  10.239  -12.097 1.00 25.86 ? 7    THR B CA  1 
ATOM   792  C  C   . THR B 1 8  ? 11.812  8.942   -12.467 1.00 26.80 ? 7    THR B C   1 
ATOM   793  O  O   . THR B 1 8  ? 10.828  8.536   -11.809 1.00 28.03 ? 7    THR B O   1 
ATOM   794  C  CB  . THR B 1 8  ? 13.479  10.044  -10.914 1.00 25.84 ? 7    THR B CB  1 
ATOM   795  O  OG1 . THR B 1 8  ? 14.206  11.254  -10.708 1.00 31.39 ? 7    THR B OG1 1 
ATOM   796  C  CG2 . THR B 1 8  ? 14.467  8.919   -11.199 1.00 28.96 ? 7    THR B CG2 1 
ATOM   797  N  N   . ILE B 1 9  ? 12.311  8.296   -13.501 1.00 27.31 ? 8    ILE B N   1 
ATOM   798  C  CA  . ILE B 1 9  ? 11.809  6.986   -13.977 1.00 24.21 ? 8    ILE B CA  1 
ATOM   799  C  C   . ILE B 1 9  ? 12.745  5.920   -13.472 1.00 25.40 ? 8    ILE B C   1 
ATOM   800  O  O   . ILE B 1 9  ? 13.959  5.961   -13.742 1.00 26.88 ? 8    ILE B O   1 
ATOM   801  C  CB  . ILE B 1 9  ? 11.734  6.962   -15.505 1.00 27.42 ? 8    ILE B CB  1 
ATOM   802  C  CG1 . ILE B 1 9  ? 10.917  8.137   -16.038 1.00 31.34 ? 8    ILE B CG1 1 
ATOM   803  C  CG2 . ILE B 1 9  ? 11.168  5.594   -15.983 1.00 27.07 ? 8    ILE B CG2 1 
ATOM   804  C  CD1 . ILE B 1 9  ? 11.081  8.349   -17.568 1.00 28.37 ? 8    ILE B CD1 1 
ATOM   805  N  N   . HIS B 1 10 ? 12.183  4.982   -12.717 1.00 26.18 ? 9    HIS B N   1 
ATOM   806  C  CA  . HIS B 1 10 ? 12.945  3.915   -12.151 1.00 26.11 ? 9    HIS B CA  1 
ATOM   807  C  C   . HIS B 1 10 ? 12.500  2.609   -12.799 1.00 28.10 ? 9    HIS B C   1 
ATOM   808  O  O   . HIS B 1 10 ? 11.324  2.288   -12.803 1.00 31.25 ? 9    HIS B O   1 
ATOM   809  C  CB  . HIS B 1 10 ? 12.699  3.772   -10.648 1.00 26.02 ? 9    HIS B CB  1 
ATOM   810  C  CG  . HIS B 1 10 ? 12.877  5.020   -9.850  1.00 25.99 ? 9    HIS B CG  1 
ATOM   811  N  ND1 . HIS B 1 10 ? 14.090  5.417   -9.330  1.00 28.77 ? 9    HIS B ND1 1 
ATOM   812  C  CD2 . HIS B 1 10 ? 11.985  5.977   -9.512  1.00 27.02 ? 9    HIS B CD2 1 
ATOM   813  C  CE1 . HIS B 1 10 ? 13.919  6.536   -8.655  1.00 29.17 ? 9    HIS B CE1 1 
ATOM   814  N  NE2 . HIS B 1 10 ? 12.653  6.910   -8.765  1.00 27.73 ? 9    HIS B NE2 1 
ATOM   815  N  N   A THR B 1 11 ? 13.456  1.834   -13.291 0.50 25.81 ? 10   THR B N   1 
ATOM   816  N  N   B THR B 1 11 ? 13.448  1.843   -13.336 0.50 26.71 ? 10   THR B N   1 
ATOM   817  C  CA  A THR B 1 11 ? 13.157  0.570   -13.922 0.50 27.23 ? 10   THR B CA  1 
ATOM   818  C  CA  B THR B 1 11 ? 13.121  0.536   -13.882 0.50 28.21 ? 10   THR B CA  1 
ATOM   819  C  C   A THR B 1 11 ? 13.535  -0.548  -12.942 0.50 30.02 ? 10   THR B C   1 
ATOM   820  C  C   B THR B 1 11 ? 13.504  -0.496  -12.846 0.50 30.43 ? 10   THR B C   1 
ATOM   821  O  O   A THR B 1 11 ? 14.714  -0.693  -12.609 0.50 32.39 ? 10   THR B O   1 
ATOM   822  O  O   B THR B 1 11 ? 14.638  -0.523  -12.363 0.50 32.68 ? 10   THR B O   1 
ATOM   823  C  CB  A THR B 1 11 ? 13.926  0.465   -15.269 0.50 29.79 ? 10   THR B CB  1 
ATOM   824  C  CB  B THR B 1 11 ? 13.860  0.229   -15.198 0.50 31.60 ? 10   THR B CB  1 
ATOM   825  O  OG1 A THR B 1 11 ? 13.509  1.516   -16.151 0.50 25.80 ? 10   THR B OG1 1 
ATOM   826  O  OG1 B THR B 1 11 ? 15.243  -0.015  -14.926 0.50 29.59 ? 10   THR B OG1 1 
ATOM   827  C  CG2 A THR B 1 11 ? 13.639  -0.829  -15.934 0.50 23.76 ? 10   THR B CG2 1 
ATOM   828  C  CG2 B THR B 1 11 ? 13.703  1.384   -16.163 0.50 28.61 ? 10   THR B CG2 1 
ATOM   829  N  N   . LEU B 1 12 ? 12.541  -1.334  -12.499 1.00 28.17 ? 11   LEU B N   1 
ATOM   830  C  CA  . LEU B 1 12 ? 12.716  -2.354  -11.454 1.00 28.51 ? 11   LEU B CA  1 
ATOM   831  C  C   . LEU B 1 12 ? 12.202  -3.726  -11.911 1.00 30.27 ? 11   LEU B C   1 
ATOM   832  O  O   . LEU B 1 12 ? 11.171  -3.835  -12.576 1.00 30.21 ? 11   LEU B O   1 
ATOM   833  C  CB  . LEU B 1 12 ? 11.906  -1.921  -10.234 1.00 30.13 ? 11   LEU B CB  1 
ATOM   834  C  CG  . LEU B 1 12 ? 12.186  -0.535  -9.665  1.00 30.66 ? 11   LEU B CG  1 
ATOM   835  C  CD1 . LEU B 1 12 ? 11.144  -0.180  -8.572  1.00 32.03 ? 11   LEU B CD1 1 
ATOM   836  C  CD2 . LEU B 1 12 ? 13.617  -0.423  -9.180  1.00 36.74 ? 11   LEU B CD2 1 
ATOM   837  N  N   . LYS B 1 13 ? 12.887  -4.785  -11.478 1.00 29.59 ? 12   LYS B N   1 
ATOM   838  C  CA  . LYS B 1 13 ? 12.358  -6.125  -11.653 1.00 28.29 ? 12   LYS B CA  1 
ATOM   839  C  C   . LYS B 1 13 ? 11.266  -6.418  -10.687 1.00 28.23 ? 12   LYS B C   1 
ATOM   840  O  O   . LYS B 1 13 ? 11.329  -5.961  -9.517  1.00 30.87 ? 12   LYS B O   1 
ATOM   841  C  CB  . LYS B 1 13 ? 13.452  -7.165  -11.378 1.00 29.09 ? 12   LYS B CB  1 
ATOM   842  C  CG  . LYS B 1 13 ? 14.637  -7.125  -12.276 1.00 31.58 ? 12   LYS B CG  1 
ATOM   843  C  CD  . LYS B 1 13 ? 15.648  -8.125  -11.760 1.00 29.90 ? 12   LYS B CD  1 
ATOM   844  C  CE  . LYS B 1 13 ? 16.898  -8.184  -12.574 1.00 33.56 ? 12   LYS B CE  1 
ATOM   845  N  NZ  . LYS B 1 13 ? 17.730  -6.965  -12.349 1.00 34.70 ? 12   LYS B NZ  1 
ATOM   846  N  N   . ILE B 1 14 ? 10.278  -7.200  -11.122 1.00 27.17 ? 13   ILE B N   1 
ATOM   847  C  CA  . ILE B 1 14 ? 9.170   -7.604  -10.269 1.00 27.53 ? 13   ILE B CA  1 
ATOM   848  C  C   . ILE B 1 14 ? 8.825   -9.050  -10.551 1.00 27.97 ? 13   ILE B C   1 
ATOM   849  O  O   . ILE B 1 14 ? 8.552   -9.432  -11.711 1.00 27.23 ? 13   ILE B O   1 
ATOM   850  C  CB  . ILE B 1 14 ? 7.958   -6.663  -10.400 1.00 30.50 ? 13   ILE B CB  1 
ATOM   851  C  CG1 . ILE B 1 14 ? 6.854   -7.094  -9.440  1.00 29.90 ? 13   ILE B CG1 1 
ATOM   852  C  CG2 . ILE B 1 14 ? 7.476   -6.608  -11.856 1.00 32.47 ? 13   ILE B CG2 1 
ATOM   853  C  CD1 . ILE B 1 14 ? 5.681   -6.020  -9.424  1.00 29.84 ? 13   ILE B CD1 1 
ATOM   854  N  N   . GLU B 1 15 ? 8.929   -9.892  -9.517  1.00 30.68 ? 14   GLU B N   1 
ATOM   855  C  CA  . GLU B 1 15 ? 8.710   -11.317 -9.700  1.00 30.90 ? 14   GLU B CA  1 
ATOM   856  C  C   . GLU B 1 15 ? 7.267   -11.550 -10.139 1.00 29.45 ? 14   GLU B C   1 
ATOM   857  O  O   . GLU B 1 15 ? 6.360   -10.808 -9.745  1.00 31.21 ? 14   GLU B O   1 
ATOM   858  C  CB  . GLU B 1 15 ? 9.125   -12.148 -8.454  1.00 33.10 ? 14   GLU B CB  1 
ATOM   859  C  CG  . GLU B 1 15 ? 9.392   -13.693 -8.751  1.00 36.12 ? 14   GLU B CG  1 
ATOM   860  C  CD  . GLU B 1 15 ? 10.719  -14.114 -9.479  1.00 37.17 ? 14   GLU B CD  1 
ATOM   861  O  OE1 . GLU B 1 15 ? 11.649  -13.296 -9.728  1.00 30.45 ? 14   GLU B OE1 1 
ATOM   862  O  OE2 . GLU B 1 15 ? 10.832  -15.347 -9.770  1.00 38.72 ? 14   GLU B OE2 1 
ATOM   863  N  N   A THR B 1 16 ? 7.053   -12.553 -10.998 0.50 30.86 ? 15   THR B N   1 
ATOM   864  N  N   B THR B 1 16 ? 7.062   -12.562 -10.973 0.50 31.01 ? 15   THR B N   1 
ATOM   865  C  CA  A THR B 1 16 ? 5.741   -12.785 -11.649 0.50 30.42 ? 15   THR B CA  1 
ATOM   866  C  CA  B THR B 1 16 ? 5.779   -12.773 -11.662 0.50 30.61 ? 15   THR B CA  1 
ATOM   867  C  C   A THR B 1 16 ? 4.509   -12.743 -10.732 0.50 30.49 ? 15   THR B C   1 
ATOM   868  C  C   B THR B 1 16 ? 4.494   -12.834 -10.783 0.50 31.30 ? 15   THR B C   1 
ATOM   869  O  O   A THR B 1 16 ? 3.527   -12.055 -11.051 0.50 27.86 ? 15   THR B O   1 
ATOM   870  O  O   B THR B 1 16 ? 3.447   -12.326 -11.195 0.50 32.08 ? 15   THR B O   1 
ATOM   871  C  CB  A THR B 1 16 ? 5.704   -14.115 -12.480 0.50 31.41 ? 15   THR B CB  1 
ATOM   872  C  CB  B THR B 1 16 ? 5.873   -14.005 -12.617 0.50 30.41 ? 15   THR B CB  1 
ATOM   873  O  OG1 A THR B 1 16 ? 6.315   -15.178 -11.739 0.50 33.94 ? 15   THR B OG1 1 
ATOM   874  O  OG1 B THR B 1 16 ? 4.728   -14.038 -13.454 0.50 23.79 ? 15   THR B OG1 1 
ATOM   875  C  CG2 A THR B 1 16 ? 6.448   -13.950 -13.755 0.50 31.41 ? 15   THR B CG2 1 
ATOM   876  C  CG2 B THR B 1 16 ? 5.967   -15.296 -11.844 0.50 33.14 ? 15   THR B CG2 1 
ATOM   877  N  N   . GLU B 1 17 ? 4.562   -13.423 -9.591  1.00 31.67 ? 16   GLU B N   1 
ATOM   878  C  CA  . GLU B 1 17 ? 3.406   -13.433 -8.681  1.00 33.41 ? 16   GLU B CA  1 
ATOM   879  C  C   . GLU B 1 17 ? 2.970   -12.009 -8.310  1.00 31.87 ? 16   GLU B C   1 
ATOM   880  O  O   . GLU B 1 17 ? 1.767   -11.682 -8.289  1.00 31.37 ? 16   GLU B O   1 
ATOM   881  C  CB  . GLU B 1 17 ? 3.751   -14.200 -7.392  1.00 33.03 ? 16   GLU B CB  1 
ATOM   882  C  CG  . GLU B 1 17 ? 2.676   -14.165 -6.293  1.00 39.70 ? 16   GLU B CG  1 
ATOM   883  C  CD  . GLU B 1 17 ? 3.239   -14.343 -4.881  1.00 44.66 ? 16   GLU B CD  1 
ATOM   884  O  OE1 . GLU B 1 17 ? 4.259   -15.063 -4.711  1.00 50.47 ? 16   GLU B OE1 1 
ATOM   885  O  OE2 . GLU B 1 17 ? 2.640   -13.756 -3.940  1.00 43.42 ? 16   GLU B OE2 1 
ATOM   886  N  N   . PHE B 1 18 ? 3.941   -11.151 -8.031  1.00 29.71 ? 17   PHE B N   1 
ATOM   887  C  CA  . PHE B 1 18 ? 3.631   -9.777  -7.640  1.00 30.16 ? 17   PHE B CA  1 
ATOM   888  C  C   . PHE B 1 18 ? 3.246   -8.932  -8.858  1.00 28.74 ? 17   PHE B C   1 
ATOM   889  O  O   . PHE B 1 18 ? 2.347   -8.099  -8.787  1.00 28.82 ? 17   PHE B O   1 
ATOM   890  C  CB  . PHE B 1 18 ? 4.818   -9.211  -6.879  1.00 30.64 ? 17   PHE B CB  1 
ATOM   891  C  CG  . PHE B 1 18 ? 5.153   -10.013 -5.663  1.00 32.90 ? 17   PHE B CG  1 
ATOM   892  C  CD1 . PHE B 1 18 ? 4.259   -10.070 -4.614  1.00 38.82 ? 17   PHE B CD1 1 
ATOM   893  C  CD2 . PHE B 1 18 ? 6.335   -10.729 -5.570  1.00 36.48 ? 17   PHE B CD2 1 
ATOM   894  C  CE1 . PHE B 1 18 ? 4.546   -10.813 -3.481  1.00 38.96 ? 17   PHE B CE1 1 
ATOM   895  C  CE2 . PHE B 1 18 ? 6.630   -11.489 -4.436  1.00 41.96 ? 17   PHE B CE2 1 
ATOM   896  C  CZ  . PHE B 1 18 ? 5.730   -11.526 -3.395  1.00 41.59 ? 17   PHE B CZ  1 
ATOM   897  N  N   . PHE B 1 19 ? 3.928   -9.167  -9.991  1.00 28.15 ? 18   PHE B N   1 
ATOM   898  C  CA  . PHE B 1 19 ? 3.571   -8.507  -11.243 1.00 29.04 ? 18   PHE B CA  1 
ATOM   899  C  C   . PHE B 1 19 ? 2.075   -8.692  -11.540 1.00 26.36 ? 18   PHE B C   1 
ATOM   900  O  O   . PHE B 1 19 ? 1.372   -7.744  -11.862 1.00 30.90 ? 18   PHE B O   1 
ATOM   901  C  CB  . PHE B 1 19 ? 4.399   -9.060  -12.398 1.00 28.87 ? 18   PHE B CB  1 
ATOM   902  C  CG  . PHE B 1 19 ? 4.126   -8.410  -13.710 1.00 24.74 ? 18   PHE B CG  1 
ATOM   903  C  CD1 . PHE B 1 19 ? 4.647   -7.148  -13.992 1.00 30.41 ? 18   PHE B CD1 1 
ATOM   904  C  CD2 . PHE B 1 19 ? 3.404   -9.057  -14.694 1.00 28.24 ? 18   PHE B CD2 1 
ATOM   905  C  CE1 . PHE B 1 19 ? 4.403   -6.530  -15.203 1.00 32.64 ? 18   PHE B CE1 1 
ATOM   906  C  CE2 . PHE B 1 19 ? 3.154   -8.432  -15.913 1.00 29.29 ? 18   PHE B CE2 1 
ATOM   907  C  CZ  . PHE B 1 19 ? 3.687   -7.176  -16.161 1.00 29.10 ? 18   PHE B CZ  1 
ATOM   908  N  N   . LYS B 1 20 ? 1.605   -9.945  -11.463 1.00 28.30 ? 19   LYS B N   1 
ATOM   909  C  CA  . LYS B 1 20 ? 0.188   -10.248 -11.720 1.00 26.83 ? 19   LYS B CA  1 
ATOM   910  C  C   . LYS B 1 20 ? -0.745  -9.468  -10.775 1.00 28.40 ? 19   LYS B C   1 
ATOM   911  O  O   . LYS B 1 20 ? -1.762  -8.921  -11.185 1.00 31.37 ? 19   LYS B O   1 
ATOM   912  C  CB  . LYS B 1 20 ? -0.097  -11.750 -11.597 1.00 31.61 ? 19   LYS B CB  1 
ATOM   913  N  N   . ALA B 1 21 ? -0.365  -9.419  -9.505  1.00 29.14 ? 20   ALA B N   1 
ATOM   914  C  CA  . ALA B 1 21 ? -1.171  -8.751  -8.499  1.00 28.75 ? 20   ALA B CA  1 
ATOM   915  C  C   . ALA B 1 21 ? -1.252  -7.242  -8.773  1.00 26.62 ? 20   ALA B C   1 
ATOM   916  O  O   . ALA B 1 21 ? -2.318  -6.622  -8.634  1.00 27.58 ? 20   ALA B O   1 
ATOM   917  C  CB  . ALA B 1 21 ? -0.628  -9.039  -7.118  1.00 28.93 ? 20   ALA B CB  1 
ATOM   918  N  N   . VAL B 1 22 ? -0.122  -6.670  -9.210  1.00 27.49 ? 21   VAL B N   1 
ATOM   919  C  CA  . VAL B 1 22 ? -0.100  -5.253  -9.605  1.00 26.40 ? 21   VAL B CA  1 
ATOM   920  C  C   . VAL B 1 22 ? -0.940  -4.973  -10.854 1.00 28.82 ? 21   VAL B C   1 
ATOM   921  O  O   . VAL B 1 22 ? -1.800  -4.114  -10.854 1.00 27.40 ? 21   VAL B O   1 
ATOM   922  C  CB  . VAL B 1 22 ? 1.352   -4.756  -9.803  1.00 27.53 ? 21   VAL B CB  1 
ATOM   923  C  CG1 . VAL B 1 22 ? 1.376   -3.343  -10.430 1.00 28.90 ? 21   VAL B CG1 1 
ATOM   924  C  CG2 . VAL B 1 22 ? 2.155   -4.851  -8.482  1.00 27.05 ? 21   VAL B CG2 1 
ATOM   925  N  N   . LYS B 1 23 ? -0.726  -5.757  -11.901 1.00 28.41 ? 22   LYS B N   1 
ATOM   926  C  CA  . LYS B 1 23 ? -1.459  -5.590  -13.147 1.00 31.76 ? 22   LYS B CA  1 
ATOM   927  C  C   . LYS B 1 23 ? -2.977  -5.723  -12.937 1.00 30.86 ? 22   LYS B C   1 
ATOM   928  O  O   . LYS B 1 23 ? -3.788  -5.015  -13.581 1.00 32.98 ? 22   LYS B O   1 
ATOM   929  C  CB  . LYS B 1 23 ? -0.925  -6.621  -14.150 1.00 31.81 ? 22   LYS B CB  1 
ATOM   930  C  CG  . LYS B 1 23 ? -1.272  -6.358  -15.562 1.00 38.14 ? 22   LYS B CG  1 
ATOM   931  C  CD  . LYS B 1 23 ? -0.518  -7.301  -16.494 1.00 38.36 ? 22   LYS B CD  1 
ATOM   932  C  CE  . LYS B 1 23 ? -1.049  -7.216  -17.917 1.00 45.47 ? 22   LYS B CE  1 
ATOM   933  N  NZ  . LYS B 1 23 ? -0.216  -7.976  -18.879 1.00 47.61 ? 22   LYS B NZ  1 
ATOM   934  N  N   . GLU B 1 24 ? -3.367  -6.618  -12.019 1.00 30.62 ? 23   GLU B N   1 
ATOM   935  C  CA  . GLU B 1 24 ? -4.764  -6.783  -11.638 1.00 30.35 ? 23   GLU B CA  1 
ATOM   936  C  C   . GLU B 1 24 ? -5.314  -5.749  -10.649 1.00 32.17 ? 23   GLU B C   1 
ATOM   937  O  O   . GLU B 1 24 ? -6.493  -5.811  -10.281 1.00 31.14 ? 23   GLU B O   1 
ATOM   938  C  CB  . GLU B 1 24 ? -4.985  -8.199  -11.075 1.00 32.34 ? 23   GLU B CB  1 
ATOM   939  C  CG  . GLU B 1 24 ? -4.801  -9.281  -12.166 1.00 35.86 ? 23   GLU B CG  1 
ATOM   940  C  CD  . GLU B 1 24 ? -4.533  -10.663 -11.627 1.00 38.36 ? 23   GLU B CD  1 
ATOM   941  O  OE1 . GLU B 1 24 ? -4.859  -10.916 -10.453 1.00 42.40 ? 23   GLU B OE1 1 
ATOM   942  O  OE2 . GLU B 1 24 ? -4.002  -11.507 -12.393 1.00 49.34 ? 23   GLU B OE2 1 
ATOM   943  N  N   . ARG B 1 25 ? -4.503  -4.778  -10.244 1.00 30.52 ? 24   ARG B N   1 
ATOM   944  C  CA  . ARG B 1 25 ? -4.917  -3.769  -9.247  1.00 30.30 ? 24   ARG B CA  1 
ATOM   945  C  C   . ARG B 1 25 ? -5.337  -4.376  -7.894  1.00 28.41 ? 24   ARG B C   1 
ATOM   946  O  O   . ARG B 1 25 ? -6.057  -3.752  -7.133  1.00 29.61 ? 24   ARG B O   1 
ATOM   947  C  CB  . ARG B 1 25 ? -5.996  -2.833  -9.810  1.00 34.10 ? 24   ARG B CB  1 
ATOM   948  C  CG  . ARG B 1 25 ? -5.496  -1.988  -10.957 1.00 36.12 ? 24   ARG B CG  1 
ATOM   949  C  CD  . ARG B 1 25 ? -6.604  -1.049  -11.414 1.00 37.02 ? 24   ARG B CD  1 
ATOM   950  N  NE  . ARG B 1 25 ? -6.090  0.024   -12.269 1.00 48.78 ? 24   ARG B NE  1 
ATOM   951  C  CZ  . ARG B 1 25 ? -5.936  -0.048  -13.590 1.00 48.47 ? 24   ARG B CZ  1 
ATOM   952  N  NH1 . ARG B 1 25 ? -6.270  -1.144  -14.277 1.00 55.50 ? 24   ARG B NH1 1 
ATOM   953  N  NH2 . ARG B 1 25 ? -5.450  1.006   -14.246 1.00 51.67 ? 24   ARG B NH2 1 
ATOM   954  N  N   . ARG B 1 26 ? -4.830  -5.567  -7.574  1.00 28.98 ? 25   ARG B N   1 
ATOM   955  C  CA  . ARG B 1 26 ? -5.003  -6.129  -6.222  1.00 29.53 ? 25   ARG B CA  1 
ATOM   956  C  C   . ARG B 1 26 ? -3.910  -5.637  -5.299  1.00 26.58 ? 25   ARG B C   1 
ATOM   957  O  O   . ARG B 1 26 ? -4.157  -5.438  -4.129  1.00 27.30 ? 25   ARG B O   1 
ATOM   958  C  CB  . ARG B 1 26 ? -4.970  -7.656  -6.224  1.00 29.63 ? 25   ARG B CB  1 
ATOM   959  C  CG  . ARG B 1 26 ? -6.169  -8.297  -6.826  1.00 32.89 ? 25   ARG B CG  1 
ATOM   960  C  CD  . ARG B 1 26 ? -6.146  -9.811  -6.645  1.00 30.54 ? 25   ARG B CD  1 
ATOM   961  N  NE  . ARG B 1 26 ? -5.137  -10.473 -7.460  1.00 32.92 ? 25   ARG B NE  1 
ATOM   962  C  CZ  . ARG B 1 26 ? -4.011  -11.018 -7.007  1.00 31.70 ? 25   ARG B CZ  1 
ATOM   963  N  NH1 . ARG B 1 26 ? -3.696  -11.020 -5.714  1.00 31.71 ? 25   ARG B NH1 1 
ATOM   964  N  NH2 . ARG B 1 26 ? -3.176  -11.603 -7.867  1.00 35.03 ? 25   ARG B NH2 1 
ATOM   965  N  N   . LYS B 1 27 ? -2.705  -5.463  -5.827  1.00 27.42 ? 26   LYS B N   1 
ATOM   966  C  CA  . LYS B 1 27 ? -1.543  -4.953  -5.086  1.00 25.63 ? 26   LYS B CA  1 
ATOM   967  C  C   . LYS B 1 27 ? -1.238  -3.550  -5.604  1.00 26.81 ? 26   LYS B C   1 
ATOM   968  O  O   . LYS B 1 27 ? -0.817  -3.361  -6.758  1.00 27.46 ? 26   LYS B O   1 
ATOM   969  C  CB  . LYS B 1 27 ? -0.338  -5.880  -5.237  1.00 26.04 ? 26   LYS B CB  1 
ATOM   970  C  CG  . LYS B 1 27 ? 0.964   -5.359  -4.676  1.00 25.60 ? 26   LYS B CG  1 
ATOM   971  C  CD  . LYS B 1 27 ? 2.099   -6.403  -4.788  1.00 25.83 ? 26   LYS B CD  1 
ATOM   972  C  CE  . LYS B 1 27 ? 3.540   -5.788  -4.617  1.00 31.11 ? 26   LYS B CE  1 
ATOM   973  N  NZ  . LYS B 1 27 ? 3.802   -5.288  -3.295  1.00 31.89 ? 26   LYS B NZ  1 
ATOM   974  N  N   . THR B 1 28 ? -1.496  -2.557  -4.752  1.00 23.97 ? 27   THR B N   1 
ATOM   975  C  CA  . THR B 1 28 ? -1.410  -1.128  -5.151  1.00 24.37 ? 27   THR B CA  1 
ATOM   976  C  C   . THR B 1 28 ? -0.245  -0.398  -4.443  1.00 27.21 ? 27   THR B C   1 
ATOM   977  O  O   . THR B 1 28 ? -0.251  0.828   -4.281  1.00 25.00 ? 27   THR B O   1 
ATOM   978  C  CB  . THR B 1 28 ? -2.734  -0.392  -4.915  1.00 27.00 ? 27   THR B CB  1 
ATOM   979  O  OG1 . THR B 1 28 ? -3.030  -0.372  -3.506  1.00 25.09 ? 27   THR B OG1 1 
ATOM   980  C  CG2 . THR B 1 28 ? -3.874  -1.078  -5.711  1.00 25.89 ? 27   THR B CG2 1 
ATOM   981  N  N   . PHE B 1 29 ? 0.754   -1.167  -4.064  1.00 25.42 ? 28   PHE B N   1 
ATOM   982  C  CA  . PHE B 1 29 ? 1.970   -0.663  -3.436  1.00 26.81 ? 28   PHE B CA  1 
ATOM   983  C  C   . PHE B 1 29 ? 3.148   -1.603  -3.717  1.00 25.93 ? 28   PHE B C   1 
ATOM   984  O  O   . PHE B 1 29 ? 2.992   -2.834  -4.016  1.00 27.51 ? 28   PHE B O   1 
ATOM   985  C  CB  . PHE B 1 29 ? 1.753   -0.494  -1.929  1.00 26.40 ? 28   PHE B CB  1 
ATOM   986  C  CG  . PHE B 1 29 ? 1.427   -1.793  -1.247  1.00 24.89 ? 28   PHE B CG  1 
ATOM   987  C  CD1 . PHE B 1 29 ? 0.098   -2.211  -1.135  1.00 25.85 ? 28   PHE B CD1 1 
ATOM   988  C  CD2 . PHE B 1 29 ? 2.417   -2.619  -0.754  1.00 26.94 ? 28   PHE B CD2 1 
ATOM   989  C  CE1 . PHE B 1 29 ? -0.211  -3.432  -0.586  1.00 25.61 ? 28   PHE B CE1 1 
ATOM   990  C  CE2 . PHE B 1 29 ? 2.116   -3.826  -0.193  1.00 24.92 ? 28   PHE B CE2 1 
ATOM   991  C  CZ  . PHE B 1 29 ? 0.810   -4.244  -0.084  1.00 26.21 ? 28   PHE B CZ  1 
ATOM   992  N  N   . GLU B 1 30 ? 4.339   -1.024  -3.581  1.00 27.58 ? 29   GLU B N   1 
ATOM   993  C  CA  . GLU B 1 30 ? 5.622   -1.717  -3.718  1.00 27.37 ? 29   GLU B CA  1 
ATOM   994  C  C   . GLU B 1 30 ? 6.484   -1.465  -2.488  1.00 26.77 ? 29   GLU B C   1 
ATOM   995  O  O   . GLU B 1 30 ? 6.568   -0.313  -2.036  1.00 28.36 ? 29   GLU B O   1 
ATOM   996  C  CB  . GLU B 1 30 ? 6.342   -1.221  -4.971  1.00 26.82 ? 29   GLU B CB  1 
ATOM   997  C  CG  . GLU B 1 30 ? 5.904   -1.896  -6.265  1.00 29.79 ? 29   GLU B CG  1 
ATOM   998  C  CD  . GLU B 1 30 ? 6.486   -3.332  -6.337  1.00 29.16 ? 29   GLU B CD  1 
ATOM   999  O  OE1 . GLU B 1 30 ? 7.717   -3.469  -6.145  1.00 36.75 ? 29   GLU B OE1 1 
ATOM   1000 O  OE2 . GLU B 1 30 ? 5.696   -4.282  -6.547  1.00 36.12 ? 29   GLU B OE2 1 
ATOM   1001 N  N   . ILE B 1 31 ? 7.053   -2.517  -1.928  1.00 26.39 ? 30   ILE B N   1 
ATOM   1002 C  CA  . ILE B 1 31 ? 7.881   -2.438  -0.714  1.00 26.89 ? 30   ILE B CA  1 
ATOM   1003 C  C   . ILE B 1 31 ? 9.334   -2.519  -1.231  1.00 28.46 ? 30   ILE B C   1 
ATOM   1004 O  O   . ILE B 1 31 ? 9.738   -3.570  -1.729  1.00 30.03 ? 30   ILE B O   1 
ATOM   1005 C  CB  . ILE B 1 31 ? 7.548   -3.528  0.267   1.00 27.73 ? 30   ILE B CB  1 
ATOM   1006 C  CG1 . ILE B 1 31 ? 6.077   -3.396  0.724   1.00 29.50 ? 30   ILE B CG1 1 
ATOM   1007 C  CG2 . ILE B 1 31 ? 8.508   -3.502  1.449   1.00 28.17 ? 30   ILE B CG2 1 
ATOM   1008 C  CD1 . ILE B 1 31 ? 5.503   -4.713  1.322   1.00 27.67 ? 30   ILE B CD1 1 
ATOM   1009 N  N   . ARG B 1 32 ? 10.110  -1.448  -1.087  1.00 29.04 ? 31   ARG B N   1 
ATOM   1010 C  CA  . ARG B 1 32 ? 11.441  -1.324  -1.718  1.00 31.96 ? 31   ARG B CA  1 
ATOM   1011 C  C   . ARG B 1 32 ? 12.446  -0.649  -0.782  1.00 29.66 ? 31   ARG B C   1 
ATOM   1012 O  O   . ARG B 1 32 ? 12.065  0.218   -0.002  1.00 28.42 ? 31   ARG B O   1 
ATOM   1013 C  CB  . ARG B 1 32 ? 11.314  -0.427  -2.970  1.00 29.01 ? 31   ARG B CB  1 
ATOM   1014 C  CG  . ARG B 1 32 ? 10.487  -0.995  -4.085  1.00 31.49 ? 31   ARG B CG  1 
ATOM   1015 C  CD  . ARG B 1 32 ? 11.323  -1.958  -4.933  1.00 34.29 ? 31   ARG B CD  1 
ATOM   1016 N  NE  . ARG B 1 32 ? 10.495  -2.780  -5.783  1.00 36.58 ? 31   ARG B NE  1 
ATOM   1017 C  CZ  . ARG B 1 32 ? 10.985  -3.588  -6.729  1.00 37.27 ? 31   ARG B CZ  1 
ATOM   1018 N  NH1 . ARG B 1 32 ? 12.282  -3.646  -6.961  1.00 38.70 ? 31   ARG B NH1 1 
ATOM   1019 N  NH2 . ARG B 1 32 ? 10.167  -4.321  -7.446  1.00 35.75 ? 31   ARG B NH2 1 
ATOM   1020 N  N   . LYS B 1 33 ? 13.728  -1.030  -0.878  1.00 31.15 ? 32   LYS B N   1 
ATOM   1021 C  CA  . LYS B 1 33 ? 14.783  -0.268  -0.230  1.00 33.82 ? 32   LYS B CA  1 
ATOM   1022 C  C   . LYS B 1 33 ? 14.829  1.101   -0.896  1.00 28.33 ? 32   LYS B C   1 
ATOM   1023 O  O   . LYS B 1 33 ? 14.741  1.182   -2.132  1.00 31.63 ? 32   LYS B O   1 
ATOM   1024 C  CB  . LYS B 1 33 ? 16.127  -0.971  -0.385  1.00 35.78 ? 32   LYS B CB  1 
ATOM   1025 C  CG  . LYS B 1 33 ? 17.240  -0.340  0.424   1.00 44.28 ? 32   LYS B CG  1 
ATOM   1026 C  CD  . LYS B 1 33 ? 18.494  -1.217  0.415   1.00 45.65 ? 32   LYS B CD  1 
ATOM   1027 C  CE  . LYS B 1 33 ? 19.781  -0.397  0.684   1.00 50.65 ? 32   LYS B CE  1 
ATOM   1028 N  NZ  . LYS B 1 33 ? 20.991  -1.282  0.750   1.00 56.05 ? 32   LYS B NZ  1 
ATOM   1029 N  N   . ASN B 1 34 ? 14.943  2.165   -0.114  1.00 28.70 ? 33   ASN B N   1 
ATOM   1030 C  CA  . ASN B 1 34 ? 14.995  3.501   -0.651  1.00 27.68 ? 33   ASN B CA  1 
ATOM   1031 C  C   . ASN B 1 34 ? 16.457  3.885   -0.988  1.00 30.55 ? 33   ASN B C   1 
ATOM   1032 O  O   . ASN B 1 34 ? 16.990  4.830   -0.448  1.00 37.25 ? 33   ASN B O   1 
ATOM   1033 C  CB  . ASN B 1 34 ? 14.354  4.532   0.276   1.00 29.09 ? 33   ASN B CB  1 
ATOM   1034 C  CG  . ASN B 1 34 ? 14.126  5.864   -0.423  1.00 26.82 ? 33   ASN B CG  1 
ATOM   1035 O  OD1 . ASN B 1 34 ? 14.200  5.926   -1.662  1.00 34.49 ? 33   ASN B OD1 1 
ATOM   1036 N  ND2 . ASN B 1 34 ? 13.925  6.917   0.335   1.00 34.06 ? 33   ASN B ND2 1 
ATOM   1037 N  N   . ASP B 1 35 ? 17.053  3.144   -1.898  1.00 28.45 ? 34   ASP B N   1 
ATOM   1038 C  CA  . ASP B 1 35 ? 18.417  3.465   -2.364  1.00 31.17 ? 34   ASP B CA  1 
ATOM   1039 C  C   . ASP B 1 35 ? 18.411  4.304   -3.637  1.00 31.56 ? 34   ASP B C   1 
ATOM   1040 O  O   . ASP B 1 35 ? 19.487  4.656   -4.148  1.00 33.01 ? 34   ASP B O   1 
ATOM   1041 C  CB  . ASP B 1 35 ? 19.226  2.185   -2.560  1.00 32.98 ? 34   ASP B CB  1 
ATOM   1042 C  CG  . ASP B 1 35 ? 18.577  1.184   -3.483  1.00 38.30 ? 34   ASP B CG  1 
ATOM   1043 O  OD1 . ASP B 1 35 ? 17.541  1.451   -4.096  1.00 37.47 ? 34   ASP B OD1 1 
ATOM   1044 O  OD2 . ASP B 1 35 ? 19.114  0.062   -3.604  1.00 53.16 ? 34   ASP B OD2 1 
ATOM   1045 N  N   A ARG B 1 36 ? 17.221  4.655   -4.112  0.80 26.42 ? 35   ARG B N   1 
ATOM   1046 N  N   B ARG B 1 36 ? 17.209  4.597   -4.150  0.20 29.56 ? 35   ARG B N   1 
ATOM   1047 C  CA  A ARG B 1 36 ? 17.013  5.399   -5.342  0.80 29.97 ? 35   ARG B CA  1 
ATOM   1048 C  CA  B ARG B 1 36 ? 17.006  5.384   -5.368  0.20 29.28 ? 35   ARG B CA  1 
ATOM   1049 C  C   A ARG B 1 36 ? 16.318  6.738   -5.091  0.80 27.49 ? 35   ARG B C   1 
ATOM   1050 C  C   B ARG B 1 36 ? 16.362  6.753   -5.101  0.20 28.98 ? 35   ARG B C   1 
ATOM   1051 O  O   A ARG B 1 36 ? 15.862  7.390   -6.033  0.80 26.77 ? 35   ARG B O   1 
ATOM   1052 O  O   B ARG B 1 36 ? 15.952  7.429   -6.047  0.20 28.79 ? 35   ARG B O   1 
ATOM   1053 C  CB  A ARG B 1 36 ? 16.163  4.549   -6.289  0.80 30.51 ? 35   ARG B CB  1 
ATOM   1054 C  CB  B ARG B 1 36 ? 16.113  4.621   -6.363  0.20 29.30 ? 35   ARG B CB  1 
ATOM   1055 C  CG  A ARG B 1 36 ? 16.852  3.360   -6.872  0.80 37.55 ? 35   ARG B CG  1 
ATOM   1056 C  CG  B ARG B 1 36 ? 16.431  3.151   -6.583  0.20 28.40 ? 35   ARG B CG  1 
ATOM   1057 C  CD  A ARG B 1 36 ? 15.870  2.573   -7.670  0.80 39.64 ? 35   ARG B CD  1 
ATOM   1058 C  CD  B ARG B 1 36 ? 17.885  2.913   -6.965  0.20 20.19 ? 35   ARG B CD  1 
ATOM   1059 N  NE  A ARG B 1 36 ? 16.315  1.206   -7.941  0.80 53.06 ? 35   ARG B NE  1 
ATOM   1060 N  NE  B ARG B 1 36 ? 18.211  1.484   -7.061  0.20 26.60 ? 35   ARG B NE  1 
ATOM   1061 C  CZ  A ARG B 1 36 ? 17.243  0.847   -8.827  0.80 57.11 ? 35   ARG B CZ  1 
ATOM   1062 C  CZ  B ARG B 1 36 ? 18.023  0.724   -8.138  0.20 26.80 ? 35   ARG B CZ  1 
ATOM   1063 N  NH1 A ARG B 1 36 ? 17.890  1.791   -9.502  0.80 56.25 ? 35   ARG B NH1 1 
ATOM   1064 N  NH1 B ARG B 1 36 ? 17.474  1.264   -9.220  0.20 32.43 ? 35   ARG B NH1 1 
ATOM   1065 N  NH2 A ARG B 1 36 ? 17.528  -0.432  -9.062  0.80 60.91 ? 35   ARG B NH2 1 
ATOM   1066 N  NH2 B ARG B 1 36 ? 18.371  -0.565  -8.157  0.20 31.93 ? 35   ARG B NH2 1 
ATOM   1067 N  N   . ASN B 1 37 ? 16.277  7.162   -3.834  1.00 29.46 ? 36   ASN B N   1 
ATOM   1068 C  CA  . ASN B 1 37 ? 15.689  8.444   -3.453  1.00 29.88 ? 36   ASN B CA  1 
ATOM   1069 C  C   . ASN B 1 37 ? 14.288  8.664   -4.057  1.00 28.10 ? 36   ASN B C   1 
ATOM   1070 O  O   . ASN B 1 37 ? 14.040  9.692   -4.679  1.00 27.64 ? 36   ASN B O   1 
ATOM   1071 C  CB  . ASN B 1 37 ? 16.669  9.549   -3.836  1.00 31.91 ? 36   ASN B CB  1 
ATOM   1072 C  CG  . ASN B 1 37 ? 16.294  10.941  -3.297  1.00 35.86 ? 36   ASN B CG  1 
ATOM   1073 O  OD1 . ASN B 1 37 ? 15.732  11.077  -2.220  1.00 44.15 ? 36   ASN B OD1 1 
ATOM   1074 N  ND2 . ASN B 1 37 ? 16.644  11.972  -4.065  1.00 44.32 ? 36   ASN B ND2 1 
ATOM   1075 N  N   . PHE B 1 38 ? 13.414  7.686   -3.901  1.00 28.00 ? 37   PHE B N   1 
ATOM   1076 C  CA  . PHE B 1 38 ? 12.091  7.741   -4.475  1.00 26.43 ? 37   PHE B CA  1 
ATOM   1077 C  C   . PHE B 1 38 ? 11.334  8.977   -3.996  1.00 25.66 ? 37   PHE B C   1 
ATOM   1078 O  O   . PHE B 1 38 ? 11.447  9.382   -2.818  1.00 26.47 ? 37   PHE B O   1 
ATOM   1079 C  CB  . PHE B 1 38 ? 11.272  6.518   -4.097  1.00 27.76 ? 37   PHE B CB  1 
ATOM   1080 C  CG  . PHE B 1 38 ? 11.782  5.241   -4.674  1.00 27.63 ? 37   PHE B CG  1 
ATOM   1081 C  CD1 . PHE B 1 38 ? 11.606  4.925   -6.013  1.00 27.25 ? 37   PHE B CD1 1 
ATOM   1082 C  CD2 . PHE B 1 38 ? 12.382  4.305   -3.846  1.00 30.29 ? 37   PHE B CD2 1 
ATOM   1083 C  CE1 . PHE B 1 38 ? 12.046  3.728   -6.508  1.00 29.68 ? 37   PHE B CE1 1 
ATOM   1084 C  CE2 . PHE B 1 38 ? 12.836  3.092   -4.343  1.00 31.08 ? 37   PHE B CE2 1 
ATOM   1085 C  CZ  . PHE B 1 38 ? 12.676  2.811   -5.672  1.00 30.37 ? 37   PHE B CZ  1 
ATOM   1086 N  N   A GLN B 1 39 ? 10.563  9.574   -4.908  0.70 27.62 ? 38   GLN B N   1 
ATOM   1087 N  N   B GLN B 1 39 ? 10.578  9.596   -4.897  0.30 27.18 ? 38   GLN B N   1 
ATOM   1088 C  CA  A GLN B 1 39 ? 9.777   10.761  -4.627  0.70 27.17 ? 38   GLN B CA  1 
ATOM   1089 C  CA  B GLN B 1 39 ? 9.767   10.758  -4.560  0.30 27.22 ? 38   GLN B CA  1 
ATOM   1090 C  C   A GLN B 1 39 ? 8.371   10.583  -5.184  0.70 25.90 ? 38   GLN B C   1 
ATOM   1091 C  C   B GLN B 1 39 ? 8.384   10.594  -5.173  0.30 27.02 ? 38   GLN B C   1 
ATOM   1092 O  O   A GLN B 1 39 ? 8.172   9.921   -6.196  0.70 25.31 ? 38   GLN B O   1 
ATOM   1093 O  O   B GLN B 1 39 ? 8.222   9.920   -6.188  0.30 27.30 ? 38   GLN B O   1 
ATOM   1094 C  CB  A GLN B 1 39 ? 10.392  12.006  -5.267  0.70 27.54 ? 38   GLN B CB  1 
ATOM   1095 C  CB  B GLN B 1 39 ? 10.417  12.059  -5.049  0.30 26.89 ? 38   GLN B CB  1 
ATOM   1096 C  CG  A GLN B 1 39 ? 11.811  12.343  -4.840  0.70 31.45 ? 38   GLN B CG  1 
ATOM   1097 C  CG  B GLN B 1 39 ? 11.708  12.443  -4.331  0.30 27.44 ? 38   GLN B CG  1 
ATOM   1098 C  CD  A GLN B 1 39 ? 11.915  12.762  -3.389  0.70 38.45 ? 38   GLN B CD  1 
ATOM   1099 C  CD  B GLN B 1 39 ? 12.343  13.729  -4.874  0.30 28.15 ? 38   GLN B CD  1 
ATOM   1100 O  OE1 A GLN B 1 39 ? 11.068  13.492  -2.884  0.70 39.50 ? 38   GLN B OE1 1 
ATOM   1101 O  OE1 B GLN B 1 39 ? 11.658  14.720  -5.125  0.30 34.74 ? 38   GLN B OE1 1 
ATOM   1102 N  NE2 A GLN B 1 39 ? 12.971  12.321  -2.715  0.70 35.66 ? 38   GLN B NE2 1 
ATOM   1103 N  NE2 B GLN B 1 39 ? 13.663  13.714  -5.030  0.30 34.43 ? 38   GLN B NE2 1 
ATOM   1104 N  N   . VAL B 1 40 ? 7.381   11.195  -4.542  1.00 28.00 ? 39   VAL B N   1 
ATOM   1105 C  CA  . VAL B 1 40 ? 6.037   11.206  -5.077  1.00 27.69 ? 39   VAL B CA  1 
ATOM   1106 C  C   . VAL B 1 40 ? 6.090   11.867  -6.467  1.00 27.33 ? 39   VAL B C   1 
ATOM   1107 O  O   . VAL B 1 40 ? 6.783   12.874  -6.665  1.00 26.81 ? 39   VAL B O   1 
ATOM   1108 C  CB  . VAL B 1 40 ? 5.071   11.946  -4.125  1.00 28.02 ? 39   VAL B CB  1 
ATOM   1109 C  CG1 . VAL B 1 40 ? 3.718   12.205  -4.779  1.00 30.75 ? 39   VAL B CG1 1 
ATOM   1110 C  CG2 . VAL B 1 40 ? 4.900   11.123  -2.872  1.00 30.10 ? 39   VAL B CG2 1 
ATOM   1111 N  N   . GLY B 1 41 ? 5.392   11.256  -7.420  1.00 25.62 ? 40   GLY B N   1 
ATOM   1112 C  CA  . GLY B 1 41 ? 5.404   11.675  -8.813  1.00 24.23 ? 40   GLY B CA  1 
ATOM   1113 C  C   . GLY B 1 41 ? 6.344   10.885  -9.693  1.00 26.27 ? 40   GLY B C   1 
ATOM   1114 O  O   . GLY B 1 41 ? 6.215   10.917  -10.913 1.00 26.61 ? 40   GLY B O   1 
ATOM   1115 N  N   . ASP B 1 42 ? 7.280   10.157  -9.071  1.00 25.11 ? 41   ASP B N   1 
ATOM   1116 C  CA  . ASP B 1 42 ? 8.201   9.283   -9.805  1.00 23.79 ? 41   ASP B CA  1 
ATOM   1117 C  C   . ASP B 1 42 ? 7.413   8.186   -10.533 1.00 24.95 ? 41   ASP B C   1 
ATOM   1118 O  O   . ASP B 1 42 ? 6.273   7.859   -10.170 1.00 26.46 ? 41   ASP B O   1 
ATOM   1119 C  CB  . ASP B 1 42 ? 9.301   8.643   -8.936  1.00 24.89 ? 41   ASP B CB  1 
ATOM   1120 C  CG  . ASP B 1 42 ? 10.417  9.622   -8.512  1.00 25.70 ? 41   ASP B CG  1 
ATOM   1121 O  OD1 . ASP B 1 42 ? 10.432  10.756  -9.003  1.00 26.91 ? 41   ASP B OD1 1 
ATOM   1122 O  OD2 . ASP B 1 42 ? 11.277  9.176   -7.684  1.00 28.24 ? 41   ASP B OD2 1 
ATOM   1123 N  N   . ILE B 1 43 ? 8.010   7.674   -11.590 1.00 25.72 ? 42   ILE B N   1 
ATOM   1124 C  CA  . ILE B 1 43 ? 7.415   6.627   -12.403 1.00 26.81 ? 42   ILE B CA  1 
ATOM   1125 C  C   . ILE B 1 43 ? 8.206   5.330   -12.223 1.00 26.48 ? 42   ILE B C   1 
ATOM   1126 O  O   . ILE B 1 43 ? 9.456   5.314   -12.242 1.00 26.42 ? 42   ILE B O   1 
ATOM   1127 C  CB  . ILE B 1 43 ? 7.336   7.031   -13.906 1.00 25.25 ? 42   ILE B CB  1 
ATOM   1128 C  CG1 . ILE B 1 43 ? 6.437   8.266   -14.110 1.00 29.20 ? 42   ILE B CG1 1 
ATOM   1129 C  CG2 . ILE B 1 43 ? 6.838   5.851   -14.783 1.00 28.56 ? 42   ILE B CG2 1 
ATOM   1130 C  CD1 . ILE B 1 43 ? 4.958   8.040   -13.781 1.00 40.17 ? 42   ILE B CD1 1 
ATOM   1131 N  N   . LEU B 1 44 ? 7.502   4.227   -11.985 1.00 24.65 ? 43   LEU B N   1 
ATOM   1132 C  CA  . LEU B 1 44 ? 8.116   2.915   -11.911 1.00 25.73 ? 43   LEU B CA  1 
ATOM   1133 C  C   . LEU B 1 44 ? 7.773   2.159   -13.170 1.00 26.76 ? 43   LEU B C   1 
ATOM   1134 O  O   . LEU B 1 44 ? 6.616   2.089   -13.556 1.00 26.62 ? 43   LEU B O   1 
ATOM   1135 C  CB  . LEU B 1 44 ? 7.601   2.098   -10.728 1.00 27.28 ? 43   LEU B CB  1 
ATOM   1136 C  CG  . LEU B 1 44 ? 7.632   2.765   -9.370  1.00 25.13 ? 43   LEU B CG  1 
ATOM   1137 C  CD1 . LEU B 1 44 ? 7.270   1.737   -8.263  1.00 26.17 ? 43   LEU B CD1 1 
ATOM   1138 C  CD2 . LEU B 1 44 ? 9.011   3.368   -9.069  1.00 27.37 ? 43   LEU B CD2 1 
ATOM   1139 N  N   . ILE B 1 45 ? 8.802   1.618   -13.825 1.00 24.91 ? 44   ILE B N   1 
ATOM   1140 C  CA  . ILE B 1 45 ? 8.621   0.707   -14.924 1.00 26.45 ? 44   ILE B CA  1 
ATOM   1141 C  C   . ILE B 1 45 ? 8.902   -0.665  -14.315 1.00 26.91 ? 44   ILE B C   1 
ATOM   1142 O  O   . ILE B 1 45 ? 10.055  -1.002  -14.005 1.00 28.14 ? 44   ILE B O   1 
ATOM   1143 C  CB  . ILE B 1 45 ? 9.592   0.999   -16.075 1.00 25.91 ? 44   ILE B CB  1 
ATOM   1144 C  CG1 . ILE B 1 45 ? 9.466   2.443   -16.555 1.00 30.06 ? 44   ILE B CG1 1 
ATOM   1145 C  CG2 . ILE B 1 45 ? 9.365   0.000   -17.176 1.00 26.65 ? 44   ILE B CG2 1 
ATOM   1146 C  CD1 . ILE B 1 45 ? 8.138   2.790   -17.141 1.00 34.54 ? 44   ILE B CD1 1 
ATOM   1147 N  N   . LEU B 1 46 ? 7.845   -1.442  -14.110 1.00 26.28 ? 45   LEU B N   1 
ATOM   1148 C  CA  . LEU B 1 46 ? 7.928   -2.712  -13.395 1.00 27.42 ? 45   LEU B CA  1 
ATOM   1149 C  C   . LEU B 1 46 ? 7.968   -3.828  -14.423 1.00 27.84 ? 45   LEU B C   1 
ATOM   1150 O  O   . LEU B 1 46 ? 7.017   -4.023  -15.191 1.00 27.18 ? 45   LEU B O   1 
ATOM   1151 C  CB  . LEU B 1 46 ? 6.743   -2.869  -12.463 1.00 27.38 ? 45   LEU B CB  1 
ATOM   1152 C  CG  . LEU B 1 46 ? 6.627   -1.746  -11.383 1.00 26.25 ? 45   LEU B CG  1 
ATOM   1153 C  CD1 . LEU B 1 46 ? 5.241   -1.846  -10.774 1.00 34.11 ? 45   LEU B CD1 1 
ATOM   1154 C  CD2 . LEU B 1 46 ? 7.719   -1.910  -10.321 1.00 30.81 ? 45   LEU B CD2 1 
ATOM   1155 N  N   . GLU B 1 47 ? 9.116   -4.504  -14.477 1.00 25.97 ? 46   GLU B N   1 
ATOM   1156 C  CA  . GLU B 1 47 ? 9.421   -5.493  -15.518 1.00 26.29 ? 46   GLU B CA  1 
ATOM   1157 C  C   . GLU B 1 47 ? 9.269   -6.909  -14.964 1.00 24.37 ? 46   GLU B C   1 
ATOM   1158 O  O   . GLU B 1 47 ? 9.939   -7.329  -13.969 1.00 25.66 ? 46   GLU B O   1 
ATOM   1159 C  CB  . GLU B 1 47 ? 10.802  -5.195  -16.078 1.00 23.60 ? 46   GLU B CB  1 
ATOM   1160 C  CG  . GLU B 1 47 ? 10.960  -3.792  -16.685 1.00 28.19 ? 46   GLU B CG  1 
ATOM   1161 C  CD  . GLU B 1 47 ? 12.290  -3.593  -17.388 1.00 30.61 ? 46   GLU B CD  1 
ATOM   1162 O  OE1 . GLU B 1 47 ? 13.354  -3.800  -16.784 1.00 31.45 ? 46   GLU B OE1 1 
ATOM   1163 O  OE2 . GLU B 1 47 ? 12.272  -3.181  -18.558 1.00 40.21 ? 46   GLU B OE2 1 
ATOM   1164 N  N   . GLU B 1 48 ? 8.368   -7.672  -15.593 1.00 24.83 ? 47   GLU B N   1 
ATOM   1165 C  CA  . GLU B 1 48 ? 8.083   -9.041  -15.154 1.00 25.09 ? 47   GLU B CA  1 
ATOM   1166 C  C   . GLU B 1 48 ? 9.331   -9.915  -15.255 1.00 24.15 ? 47   GLU B C   1 
ATOM   1167 O  O   . GLU B 1 48 ? 9.989   -9.957  -16.325 1.00 24.66 ? 47   GLU B O   1 
ATOM   1168 C  CB  . GLU B 1 48 ? 6.931   -9.671  -15.945 1.00 24.35 ? 47   GLU B CB  1 
ATOM   1169 C  CG  . GLU B 1 48 ? 6.443   -10.952 -15.304 1.00 23.77 ? 47   GLU B CG  1 
ATOM   1170 C  CD  . GLU B 1 48 ? 5.316   -11.617 -16.069 1.00 32.29 ? 47   GLU B CD  1 
ATOM   1171 O  OE1 . GLU B 1 48 ? 5.084   -11.271 -17.257 1.00 30.88 ? 47   GLU B OE1 1 
ATOM   1172 O  OE2 . GLU B 1 48 ? 4.675   -12.497 -15.479 1.00 32.47 ? 47   GLU B OE2 1 
ATOM   1173 N  N   . TYR B 1 49 ? 9.606   -10.629 -14.167 1.00 24.10 ? 48   TYR B N   1 
ATOM   1174 C  CA  . TYR B 1 49 ? 10.834  -11.410 -14.012 1.00 22.50 ? 48   TYR B CA  1 
ATOM   1175 C  C   . TYR B 1 49 ? 10.485  -12.721 -13.331 1.00 25.94 ? 48   TYR B C   1 
ATOM   1176 O  O   . TYR B 1 49 ? 9.697   -12.731 -12.393 1.00 27.85 ? 48   TYR B O   1 
ATOM   1177 C  CB  . TYR B 1 49 ? 11.832  -10.592 -13.186 1.00 24.08 ? 48   TYR B CB  1 
ATOM   1178 C  CG  . TYR B 1 49 ? 13.274  -11.051 -13.144 1.00 20.29 ? 48   TYR B CG  1 
ATOM   1179 C  CD1 . TYR B 1 49 ? 14.172  -10.719 -14.159 1.00 22.72 ? 48   TYR B CD1 1 
ATOM   1180 C  CD2 . TYR B 1 49 ? 13.774  -11.669 -12.015 1.00 26.62 ? 48   TYR B CD2 1 
ATOM   1181 C  CE1 . TYR B 1 49 ? 15.487  -11.096 -14.067 1.00 23.59 ? 48   TYR B CE1 1 
ATOM   1182 C  CE2 . TYR B 1 49 ? 15.077  -12.001 -11.917 1.00 26.78 ? 48   TYR B CE2 1 
ATOM   1183 C  CZ  . TYR B 1 49 ? 15.926  -11.736 -12.927 1.00 27.96 ? 48   TYR B CZ  1 
ATOM   1184 O  OH  . TYR B 1 49 ? 17.245  -12.119 -12.731 1.00 33.11 ? 48   TYR B OH  1 
HETATM 1185 N  N   A MSE B 1 50 ? 11.093  -13.813 -13.770 0.70 21.00 ? 49   MSE B N   1 
HETATM 1186 N  N   B MSE B 1 50 ? 11.048  -13.828 -13.800 0.30 24.77 ? 49   MSE B N   1 
HETATM 1187 C  CA  A MSE B 1 50 ? 10.826  -15.112 -13.155 0.70 23.86 ? 49   MSE B CA  1 
HETATM 1188 C  CA  B MSE B 1 50 ? 10.799  -15.128 -13.175 0.30 25.76 ? 49   MSE B CA  1 
HETATM 1189 C  C   A MSE B 1 50 ? 12.041  -15.999 -13.304 0.70 21.50 ? 49   MSE B C   1 
HETATM 1190 C  C   B MSE B 1 50 ? 12.004  -16.030 -13.316 0.30 23.81 ? 49   MSE B C   1 
HETATM 1191 O  O   A MSE B 1 50 ? 12.576  -16.156 -14.393 0.70 20.21 ? 49   MSE B O   1 
HETATM 1192 O  O   B MSE B 1 50 ? 12.505  -16.227 -14.423 0.30 23.41 ? 49   MSE B O   1 
HETATM 1193 C  CB  A MSE B 1 50 ? 9.626   -15.783 -13.811 0.70 26.20 ? 49   MSE B CB  1 
HETATM 1194 C  CB  B MSE B 1 50 ? 9.577   -15.822 -13.787 0.30 27.79 ? 49   MSE B CB  1 
HETATM 1195 C  CG  A MSE B 1 50 ? 9.262   -17.114 -13.222 0.70 21.36 ? 49   MSE B CG  1 
HETATM 1196 C  CG  B MSE B 1 50 ? 8.231   -15.306 -13.293 0.30 32.77 ? 49   MSE B CG  1 
HETATM 1197 SE SE  A MSE B 1 50 ? 7.897   -18.073 -14.242 0.50 31.34 ? 49   MSE B SE  1 
HETATM 1198 SE SE  B MSE B 1 50 ? 8.034   -15.411 -11.358 0.25 45.55 ? 49   MSE B SE  1 
HETATM 1199 C  CE  A MSE B 1 50 ? 8.093   -19.830 -13.479 0.70 32.23 ? 49   MSE B CE  1 
HETATM 1200 C  CE  B MSE B 1 50 ? 8.206   -17.284 -11.241 0.30 25.62 ? 49   MSE B CE  1 
ATOM   1201 N  N   . ASN B 1 51 ? 12.459  -16.581 -12.193 1.00 21.65 ? 50   ASN B N   1 
ATOM   1202 C  CA  . ASN B 1 51 ? 13.570  -17.507 -12.209 1.00 20.36 ? 50   ASN B CA  1 
ATOM   1203 C  C   . ASN B 1 51 ? 14.779  -16.968 -13.007 1.00 20.17 ? 50   ASN B C   1 
ATOM   1204 O  O   . ASN B 1 51 ? 15.352  -17.665 -13.840 1.00 20.87 ? 50   ASN B O   1 
ATOM   1205 C  CB  . ASN B 1 51 ? 13.131  -18.862 -12.742 1.00 22.39 ? 50   ASN B CB  1 
ATOM   1206 C  CG  . ASN B 1 51 ? 12.196  -19.607 -11.766 1.00 26.67 ? 50   ASN B CG  1 
ATOM   1207 O  OD1 . ASN B 1 51 ? 12.255  -19.384 -10.548 1.00 31.25 ? 50   ASN B OD1 1 
ATOM   1208 N  ND2 . ASN B 1 51 ? 11.321  -20.445 -12.297 1.00 31.26 ? 50   ASN B ND2 1 
ATOM   1209 N  N   . GLY B 1 52 ? 15.179  -15.752 -12.690 1.00 19.82 ? 51   GLY B N   1 
ATOM   1210 C  CA  . GLY B 1 52 ? 16.344  -15.127 -13.296 1.00 21.78 ? 51   GLY B CA  1 
ATOM   1211 C  C   . GLY B 1 52 ? 16.240  -14.713 -14.755 1.00 22.83 ? 51   GLY B C   1 
ATOM   1212 O  O   . GLY B 1 52 ? 17.248  -14.462 -15.390 1.00 25.21 ? 51   GLY B O   1 
HETATM 1213 N  N   . MSE B 1 53 ? 15.024  -14.647 -15.280 1.00 20.53 ? 52   MSE B N   1 
HETATM 1214 C  CA  . MSE B 1 53 ? 14.769  -14.301 -16.659 1.00 22.35 ? 52   MSE B CA  1 
HETATM 1215 C  C   . MSE B 1 53 ? 13.697  -13.236 -16.731 1.00 22.39 ? 52   MSE B C   1 
HETATM 1216 O  O   . MSE B 1 53 ? 12.669  -13.323 -16.071 1.00 22.21 ? 52   MSE B O   1 
HETATM 1217 C  CB  . MSE B 1 53 ? 14.270  -15.507 -17.488 1.00 22.59 ? 52   MSE B CB  1 
HETATM 1218 C  CG  . MSE B 1 53 ? 15.117  -16.667 -17.448 1.00 22.65 ? 52   MSE B CG  1 
HETATM 1219 SE SE  . MSE B 1 53 ? 14.322  -18.165 -18.425 0.75 28.00 ? 52   MSE B SE  1 
HETATM 1220 C  CE  . MSE B 1 53 ? 13.232  -17.300 -19.554 1.00 26.50 ? 52   MSE B CE  1 
ATOM   1221 N  N   . TYR B 1 54 ? 13.930  -12.229 -17.580 1.00 21.74 ? 53   TYR B N   1 
ATOM   1222 C  CA  . TYR B 1 54 ? 12.918  -11.279 -17.916 1.00 22.67 ? 53   TYR B CA  1 
ATOM   1223 C  C   . TYR B 1 54 ? 11.897  -11.976 -18.819 1.00 25.13 ? 53   TYR B C   1 
ATOM   1224 O  O   . TYR B 1 54 ? 12.275  -12.670 -19.788 1.00 25.63 ? 53   TYR B O   1 
ATOM   1225 C  CB  . TYR B 1 54 ? 13.520  -10.071 -18.667 1.00 22.19 ? 53   TYR B CB  1 
ATOM   1226 C  CG  . TYR B 1 54 ? 14.201  -9.091  -17.761 1.00 24.37 ? 53   TYR B CG  1 
ATOM   1227 C  CD1 . TYR B 1 54 ? 13.460  -8.138  -17.055 1.00 28.45 ? 53   TYR B CD1 1 
ATOM   1228 C  CD2 . TYR B 1 54 ? 15.592  -9.116  -17.604 1.00 24.03 ? 53   TYR B CD2 1 
ATOM   1229 C  CE1 . TYR B 1 54 ? 14.080  -7.210  -16.189 1.00 27.61 ? 53   TYR B CE1 1 
ATOM   1230 C  CE2 . TYR B 1 54 ? 16.232  -8.210  -16.729 1.00 27.47 ? 53   TYR B CE2 1 
ATOM   1231 C  CZ  . TYR B 1 54 ? 15.472  -7.248  -16.057 1.00 28.61 ? 53   TYR B CZ  1 
ATOM   1232 O  OH  . TYR B 1 54 ? 16.104  -6.359  -15.225 1.00 31.20 ? 53   TYR B OH  1 
ATOM   1233 N  N   . LEU B 1 55 ? 10.621  -11.771 -18.522 1.00 25.10 ? 54   LEU B N   1 
ATOM   1234 C  CA  . LEU B 1 55 ? 9.551   -12.395 -19.298 1.00 27.79 ? 54   LEU B CA  1 
ATOM   1235 C  C   . LEU B 1 55 ? 8.940   -11.467 -20.357 1.00 28.46 ? 54   LEU B C   1 
ATOM   1236 O  O   . LEU B 1 55 ? 7.932   -11.814 -20.977 1.00 31.92 ? 54   LEU B O   1 
ATOM   1237 C  CB  . LEU B 1 55 ? 8.461   -12.946 -18.384 1.00 29.19 ? 54   LEU B CB  1 
ATOM   1238 C  CG  . LEU B 1 55 ? 8.896   -14.033 -17.390 1.00 29.65 ? 54   LEU B CG  1 
ATOM   1239 C  CD1 . LEU B 1 55 ? 7.648   -14.598 -16.701 1.00 30.83 ? 54   LEU B CD1 1 
ATOM   1240 C  CD2 . LEU B 1 55 ? 9.726   -15.137 -18.054 1.00 25.77 ? 54   LEU B CD2 1 
ATOM   1241 N  N   . ASP B 1 56 ? 9.551   -10.323 -20.609 1.00 30.09 ? 55   ASP B N   1 
ATOM   1242 C  CA  . ASP B 1 56 ? 9.076   -9.415  -21.680 1.00 31.53 ? 55   ASP B CA  1 
ATOM   1243 C  C   . ASP B 1 56 ? 7.616   -8.917  -21.511 1.00 32.95 ? 55   ASP B C   1 
ATOM   1244 O  O   . ASP B 1 56 ? 6.836   -8.878  -22.474 1.00 34.35 ? 55   ASP B O   1 
ATOM   1245 C  CB  . ASP B 1 56 ? 9.280   -10.062 -23.069 1.00 35.26 ? 55   ASP B CB  1 
ATOM   1246 C  CG  . ASP B 1 56 ? 10.721  -10.540 -23.301 1.00 43.67 ? 55   ASP B CG  1 
ATOM   1247 O  OD1 . ASP B 1 56 ? 11.669  -9.933  -22.738 1.00 54.36 ? 55   ASP B OD1 1 
ATOM   1248 O  OD2 . ASP B 1 56 ? 10.906  -11.529 -24.045 1.00 54.39 ? 55   ASP B OD2 1 
ATOM   1249 N  N   . ASP B 1 57 ? 7.246   -8.550  -20.287 1.00 29.96 ? 56   ASP B N   1 
ATOM   1250 C  CA  . ASP B 1 57 ? 5.981   -7.853  -20.044 1.00 30.69 ? 56   ASP B CA  1 
ATOM   1251 C  C   . ASP B 1 57 ? 6.299   -6.851  -18.952 1.00 30.20 ? 56   ASP B C   1 
ATOM   1252 O  O   . ASP B 1 57 ? 7.200   -7.084  -18.132 1.00 30.33 ? 56   ASP B O   1 
ATOM   1253 C  CB  . ASP B 1 57 ? 4.849   -8.787  -19.630 1.00 29.81 ? 56   ASP B CB  1 
ATOM   1254 C  CG  . ASP B 1 57 ? 3.460   -8.123  -19.712 1.00 35.05 ? 56   ASP B CG  1 
ATOM   1255 O  OD1 . ASP B 1 57 ? 3.346   -6.997  -20.242 1.00 37.88 ? 56   ASP B OD1 1 
ATOM   1256 O  OD2 . ASP B 1 57 ? 2.477   -8.715  -19.224 1.00 41.27 ? 56   ASP B OD2 1 
ATOM   1257 N  N   . GLU B 1 58 ? 5.596   -5.721  -18.973 1.00 29.08 ? 57   GLU B N   1 
ATOM   1258 C  CA  . GLU B 1 58 ? 5.818   -4.662  -18.006 1.00 32.42 ? 57   GLU B CA  1 
ATOM   1259 C  C   . GLU B 1 58 ? 4.565   -3.831  -17.736 1.00 32.03 ? 57   GLU B C   1 
ATOM   1260 O  O   . GLU B 1 58 ? 3.581   -3.911  -18.469 1.00 33.03 ? 57   GLU B O   1 
ATOM   1261 C  CB  . GLU B 1 58 ? 6.955   -3.727  -18.471 1.00 32.76 ? 57   GLU B CB  1 
ATOM   1262 C  CG  . GLU B 1 58 ? 6.663   -2.968  -19.757 1.00 37.84 ? 57   GLU B CG  1 
ATOM   1263 C  CD  . GLU B 1 58 ? 7.853   -2.111  -20.245 1.00 42.05 ? 57   GLU B CD  1 
ATOM   1264 O  OE1 . GLU B 1 58 ? 8.993   -2.633  -20.342 1.00 63.50 ? 57   GLU B OE1 1 
ATOM   1265 O  OE2 . GLU B 1 58 ? 7.640   -0.907  -20.518 1.00 52.82 ? 57   GLU B OE2 1 
ATOM   1266 N  N   A CYS B 1 59 ? 4.638   -2.987  -16.733 0.50 31.83 ? 58   CYS B N   1 
ATOM   1267 N  N   B CYS B 1 59 ? 4.621   -3.113  -16.608 0.50 32.03 ? 58   CYS B N   1 
ATOM   1268 C  CA  A CYS B 1 59 ? 3.579   -2.032  -16.508 0.50 30.74 ? 58   CYS B CA  1 
ATOM   1269 C  CA  B CYS B 1 59 ? 3.610   -2.150  -16.133 0.50 31.18 ? 58   CYS B CA  1 
ATOM   1270 C  C   A CYS B 1 59 ? 4.171   -0.833  -15.788 0.50 30.26 ? 58   CYS B C   1 
ATOM   1271 C  C   B CYS B 1 59 ? 4.299   -0.800  -15.978 0.50 29.56 ? 58   CYS B C   1 
ATOM   1272 O  O   A CYS B 1 59 ? 5.143   -0.919  -15.020 0.50 31.18 ? 58   CYS B O   1 
ATOM   1273 O  O   B CYS B 1 59 ? 5.518   -0.754  -15.821 0.50 25.91 ? 58   CYS B O   1 
ATOM   1274 C  CB  A CYS B 1 59 ? 2.431   -2.654  -15.729 0.50 29.09 ? 58   CYS B CB  1 
ATOM   1275 C  CB  B CYS B 1 59 ? 3.072   -2.532  -14.747 0.50 30.76 ? 58   CYS B CB  1 
ATOM   1276 S  SG  A CYS B 1 59 ? 2.918   -3.015  -14.056 0.50 27.60 ? 58   CYS B SG  1 
ATOM   1277 S  SG  B CYS B 1 59 ? 1.932   -3.919  -14.668 0.50 35.51 ? 58   CYS B SG  1 
ATOM   1278 N  N   . GLU B 1 60 ? 3.528   0.285   -16.037 1.00 28.32 ? 59   GLU B N   1 
ATOM   1279 C  CA  . GLU B 1 60 ? 4.026   1.586   -15.662 1.00 29.99 ? 59   GLU B CA  1 
ATOM   1280 C  C   . GLU B 1 60 ? 3.115   2.078   -14.548 1.00 28.48 ? 59   GLU B C   1 
ATOM   1281 O  O   . GLU B 1 60 ? 1.888   2.003   -14.663 1.00 28.07 ? 59   GLU B O   1 
ATOM   1282 C  CB  . GLU B 1 60 ? 3.999   2.526   -16.862 1.00 28.47 ? 59   GLU B CB  1 
ATOM   1283 C  CG  . GLU B 1 60 ? 4.281   4.000   -16.540 1.00 31.22 ? 59   GLU B CG  1 
ATOM   1284 C  CD  . GLU B 1 60 ? 4.120   4.960   -17.708 1.00 36.29 ? 59   GLU B CD  1 
ATOM   1285 O  OE1 . GLU B 1 60 ? 4.606   4.631   -18.805 1.00 42.64 ? 59   GLU B OE1 1 
ATOM   1286 O  OE2 . GLU B 1 60 ? 3.518   6.030   -17.484 1.00 41.40 ? 59   GLU B OE2 1 
ATOM   1287 N  N   . ALA B 1 61 ? 3.704   2.594   -13.478 1.00 25.33 ? 60   ALA B N   1 
ATOM   1288 C  CA  . ALA B 1 61 ? 2.897   3.090   -12.371 1.00 25.05 ? 60   ALA B CA  1 
ATOM   1289 C  C   . ALA B 1 61 ? 3.519   4.349   -11.807 1.00 28.24 ? 60   ALA B C   1 
ATOM   1290 O  O   . ALA B 1 61 ? 4.736   4.483   -11.817 1.00 33.93 ? 60   ALA B O   1 
ATOM   1291 C  CB  . ALA B 1 61 ? 2.790   1.983   -11.265 1.00 26.54 ? 60   ALA B CB  1 
ATOM   1292 N  N   . GLU B 1 62 ? 2.693   5.286   -11.356 1.00 25.39 ? 61   GLU B N   1 
ATOM   1293 C  CA  . GLU B 1 62 ? 3.140   6.467   -10.688 1.00 25.09 ? 61   GLU B CA  1 
ATOM   1294 C  C   . GLU B 1 62 ? 3.192   6.254   -9.193  1.00 24.25 ? 61   GLU B C   1 
ATOM   1295 O  O   . GLU B 1 62 ? 2.265   5.696   -8.594  1.00 25.76 ? 61   GLU B O   1 
ATOM   1296 C  CB  . GLU B 1 62 ? 2.194   7.636   -11.036 1.00 25.41 ? 61   GLU B CB  1 
ATOM   1297 C  CG  . GLU B 1 62 ? 2.592   8.924   -10.369 1.00 28.86 ? 61   GLU B CG  1 
ATOM   1298 C  CD  . GLU B 1 62 ? 1.702   10.101  -10.748 1.00 35.44 ? 61   GLU B CD  1 
ATOM   1299 O  OE1 . GLU B 1 62 ? 1.071   10.063  -11.814 1.00 41.17 ? 61   GLU B OE1 1 
ATOM   1300 O  OE2 . GLU B 1 62 ? 1.688   11.046  -9.974  1.00 34.71 ? 61   GLU B OE2 1 
ATOM   1301 N  N   . VAL B 1 63 ? 4.273   6.707   -8.564  1.00 24.50 ? 62   VAL B N   1 
ATOM   1302 C  CA  . VAL B 1 63 ? 4.361   6.737   -7.099  1.00 24.62 ? 62   VAL B CA  1 
ATOM   1303 C  C   . VAL B 1 63 ? 3.474   7.904   -6.598  1.00 25.38 ? 62   VAL B C   1 
ATOM   1304 O  O   . VAL B 1 63 ? 3.718   9.066   -6.909  1.00 26.62 ? 62   VAL B O   1 
ATOM   1305 C  CB  . VAL B 1 63 ? 5.832   6.883   -6.606  1.00 23.07 ? 62   VAL B CB  1 
ATOM   1306 C  CG1 . VAL B 1 63 ? 5.858   7.060   -5.061  1.00 23.81 ? 62   VAL B CG1 1 
ATOM   1307 C  CG2 . VAL B 1 63 ? 6.718   5.695   -7.102  1.00 25.31 ? 62   VAL B CG2 1 
ATOM   1308 N  N   . ILE B 1 64 ? 2.400   7.564   -5.895  1.00 25.35 ? 63   ILE B N   1 
ATOM   1309 C  CA  . ILE B 1 64 ? 1.448   8.591   -5.428  1.00 24.70 ? 63   ILE B CA  1 
ATOM   1310 C  C   . ILE B 1 64 ? 1.538   8.861   -3.919  1.00 24.44 ? 63   ILE B C   1 
ATOM   1311 O  O   . ILE B 1 64 ? 0.928   9.830   -3.449  1.00 27.10 ? 63   ILE B O   1 
ATOM   1312 C  CB  . ILE B 1 64 ? -0.020  8.259   -5.821  1.00 26.28 ? 63   ILE B CB  1 
ATOM   1313 C  CG1 . ILE B 1 64 ? -0.456  6.898   -5.274  1.00 26.31 ? 63   ILE B CG1 1 
ATOM   1314 C  CG2 . ILE B 1 64 ? -0.199  8.253   -7.352  1.00 27.71 ? 63   ILE B CG2 1 
ATOM   1315 C  CD1 . ILE B 1 64 ? -1.981  6.593   -5.505  1.00 28.39 ? 63   ILE B CD1 1 
ATOM   1316 N  N   . TYR B 1 65 ? 2.287   8.006   -3.191  1.00 23.39 ? 64   TYR B N   1 
ATOM   1317 C  CA  . TYR B 1 65 ? 2.402   8.093   -1.725  1.00 24.85 ? 64   TYR B CA  1 
ATOM   1318 C  C   . TYR B 1 65 ? 3.638   7.342   -1.278  1.00 23.98 ? 64   TYR B C   1 
ATOM   1319 O  O   . TYR B 1 65 ? 3.984   6.331   -1.889  1.00 24.28 ? 64   TYR B O   1 
ATOM   1320 C  CB  . TYR B 1 65 ? 1.146   7.512   -1.095  1.00 23.82 ? 64   TYR B CB  1 
ATOM   1321 C  CG  . TYR B 1 65 ? 1.018   7.745   0.371   1.00 24.70 ? 64   TYR B CG  1 
ATOM   1322 C  CD1 . TYR B 1 65 ? 0.459   8.913   0.857   1.00 27.30 ? 64   TYR B CD1 1 
ATOM   1323 C  CD2 . TYR B 1 65 ? 1.446   6.786   1.279   1.00 28.57 ? 64   TYR B CD2 1 
ATOM   1324 C  CE1 . TYR B 1 65 ? 0.353   9.143   2.230   1.00 26.60 ? 64   TYR B CE1 1 
ATOM   1325 C  CE2 . TYR B 1 65 ? 1.337   6.990   2.620   1.00 29.52 ? 64   TYR B CE2 1 
ATOM   1326 C  CZ  . TYR B 1 65 ? 0.809   8.178   3.104   1.00 25.41 ? 64   TYR B CZ  1 
ATOM   1327 O  OH  . TYR B 1 65 ? 0.698   8.396   4.446   1.00 26.51 ? 64   TYR B OH  1 
ATOM   1328 N  N   . ILE B 1 66 ? 4.351   7.863   -0.293  1.00 24.44 ? 65   ILE B N   1 
ATOM   1329 C  CA  . ILE B 1 66 ? 5.501   7.154   0.268   1.00 25.43 ? 65   ILE B CA  1 
ATOM   1330 C  C   . ILE B 1 66 ? 5.449   7.221   1.794   1.00 25.02 ? 65   ILE B C   1 
ATOM   1331 O  O   . ILE B 1 66 ? 5.164   8.292   2.378   1.00 25.90 ? 65   ILE B O   1 
ATOM   1332 C  CB  . ILE B 1 66 ? 6.823   7.760   -0.202  1.00 26.11 ? 65   ILE B CB  1 
ATOM   1333 C  CG1 . ILE B 1 66 ? 6.949   7.729   -1.711  1.00 27.73 ? 65   ILE B CG1 1 
ATOM   1334 C  CG2 . ILE B 1 66 ? 7.979   6.941   0.352   1.00 27.68 ? 65   ILE B CG2 1 
ATOM   1335 C  CD1 . ILE B 1 66 ? 8.234   8.413   -2.214  1.00 29.02 ? 65   ILE B CD1 1 
ATOM   1336 N  N   . THR B 1 67 ? 5.743   6.091   2.453   1.00 23.95 ? 66   THR B N   1 
ATOM   1337 C  CA  . THR B 1 67 ? 5.914   6.099   3.897   1.00 23.71 ? 66   THR B CA  1 
ATOM   1338 C  C   . THR B 1 67 ? 7.010   5.108   4.305   1.00 23.10 ? 66   THR B C   1 
ATOM   1339 O  O   . THR B 1 67 ? 7.231   4.108   3.630   1.00 24.81 ? 66   THR B O   1 
ATOM   1340 C  CB  . THR B 1 67 ? 4.623   5.752   4.634   1.00 23.16 ? 66   THR B CB  1 
ATOM   1341 O  OG1 . THR B 1 67 ? 4.816   5.929   6.039   1.00 29.30 ? 66   THR B OG1 1 
ATOM   1342 C  CG2 . THR B 1 67 ? 4.206   4.315   4.352   1.00 25.06 ? 66   THR B CG2 1 
ATOM   1343 N  N   . ASP B 1 68 ? 7.655   5.402   5.442   1.00 25.05 ? 67   ASP B N   1 
ATOM   1344 C  CA  . ASP B 1 68 ? 8.575   4.479   6.078   1.00 25.25 ? 67   ASP B CA  1 
ATOM   1345 C  C   . ASP B 1 68 ? 7.998   3.926   7.398   1.00 24.37 ? 67   ASP B C   1 
ATOM   1346 O  O   . ASP B 1 68 ? 8.722   3.286   8.158   1.00 25.62 ? 67   ASP B O   1 
ATOM   1347 C  CB  . ASP B 1 68 ? 9.917   5.121   6.321   1.00 26.57 ? 67   ASP B CB  1 
ATOM   1348 C  CG  . ASP B 1 68 ? 9.868   6.253   7.338   1.00 30.48 ? 67   ASP B CG  1 
ATOM   1349 O  OD1 . ASP B 1 68 ? 8.791   6.715   7.779   1.00 32.74 ? 67   ASP B OD1 1 
ATOM   1350 O  OD2 . ASP B 1 68 ? 10.956  6.710   7.691   1.00 43.71 ? 67   ASP B OD2 1 
ATOM   1351 N  N   . TYR B 1 69 ? 6.748   4.214   7.672   1.00 24.46 ? 68   TYR B N   1 
ATOM   1352 C  CA  . TYR B 1 69 ? 6.128   3.762   8.902   1.00 24.85 ? 68   TYR B CA  1 
ATOM   1353 C  C   . TYR B 1 69 ? 6.299   2.272   9.166   1.00 25.60 ? 68   TYR B C   1 
ATOM   1354 O  O   . TYR B 1 69 ? 5.994   1.464   8.364   1.00 24.73 ? 68   TYR B O   1 
ATOM   1355 C  CB  . TYR B 1 69 ? 4.673   4.135   8.965   1.00 26.11 ? 68   TYR B CB  1 
ATOM   1356 C  CG  . TYR B 1 69 ? 4.014   3.556   10.184  1.00 29.83 ? 68   TYR B CG  1 
ATOM   1357 C  CD1 . TYR B 1 69 ? 4.451   3.909   11.433  1.00 27.46 ? 68   TYR B CD1 1 
ATOM   1358 C  CD2 . TYR B 1 69 ? 3.017   2.633   10.088  1.00 37.30 ? 68   TYR B CD2 1 
ATOM   1359 C  CE1 . TYR B 1 69 ? 3.883   3.379   12.550  1.00 28.86 ? 68   TYR B CE1 1 
ATOM   1360 C  CE2 . TYR B 1 69 ? 2.458   2.113   11.194  1.00 35.73 ? 68   TYR B CE2 1 
ATOM   1361 C  CZ  . TYR B 1 69 ? 2.891   2.481   12.415  1.00 35.98 ? 68   TYR B CZ  1 
ATOM   1362 O  OH  . TYR B 1 69 ? 2.333   1.952   13.544  1.00 41.40 ? 68   TYR B OH  1 
ATOM   1363 N  N   . ALA B 1 70 ? 6.805   1.976   10.348  1.00 26.52 ? 69   ALA B N   1 
ATOM   1364 C  CA  . ALA B 1 70 ? 7.097   0.633   10.849  1.00 25.01 ? 69   ALA B CA  1 
ATOM   1365 C  C   . ALA B 1 70 ? 8.064   -0.180  9.984   1.00 24.83 ? 69   ALA B C   1 
ATOM   1366 O  O   . ALA B 1 70 ? 8.261   -1.349  10.251  1.00 26.28 ? 69   ALA B O   1 
ATOM   1367 C  CB  . ALA B 1 70 ? 5.781   -0.147  11.115  1.00 26.29 ? 69   ALA B CB  1 
ATOM   1368 N  N   . GLN B 1 71 ? 8.667   0.419   8.956   1.00 24.29 ? 70   GLN B N   1 
ATOM   1369 C  CA  . GLN B 1 71 ? 9.548   -0.323  8.082   1.00 25.43 ? 70   GLN B CA  1 
ATOM   1370 C  C   . GLN B 1 71 ? 10.910  -0.581  8.725   1.00 25.40 ? 70   GLN B C   1 
ATOM   1371 O  O   . GLN B 1 71 ? 11.302  0.062   9.678   1.00 27.83 ? 70   GLN B O   1 
ATOM   1372 C  CB  . GLN B 1 71 ? 9.695   0.387   6.722   1.00 25.66 ? 70   GLN B CB  1 
ATOM   1373 C  CG  . GLN B 1 71 ? 8.349   0.552   5.993   1.00 25.42 ? 70   GLN B CG  1 
ATOM   1374 C  CD  . GLN B 1 71 ? 7.622   -0.782  5.875   1.00 23.94 ? 70   GLN B CD  1 
ATOM   1375 O  OE1 . GLN B 1 71 ? 8.028   -1.628  5.109   1.00 25.22 ? 70   GLN B OE1 1 
ATOM   1376 N  NE2 . GLN B 1 71 ? 6.533   -0.969  6.649   1.00 23.44 ? 70   GLN B NE2 1 
ATOM   1377 N  N   . ARG B 1 72 ? 11.590  -1.572  8.184   1.00 29.12 ? 71   ARG B N   1 
ATOM   1378 C  CA  . ARG B 1 72 ? 12.947  -1.841  8.584   1.00 31.53 ? 71   ARG B CA  1 
ATOM   1379 C  C   . ARG B 1 72 ? 13.798  -0.702  8.032   1.00 34.47 ? 71   ARG B C   1 
ATOM   1380 O  O   . ARG B 1 72 ? 13.367  0.031   7.139   1.00 33.55 ? 71   ARG B O   1 
ATOM   1381 C  CB  . ARG B 1 72 ? 13.388  -3.181  8.053   1.00 34.19 ? 71   ARG B CB  1 
ATOM   1382 C  CG  . ARG B 1 72 ? 12.613  -4.321  8.656   1.00 37.89 ? 71   ARG B CG  1 
ATOM   1383 C  CD  . ARG B 1 72 ? 13.222  -5.581  8.172   1.00 41.86 ? 71   ARG B CD  1 
ATOM   1384 N  NE  . ARG B 1 72 ? 12.529  -6.772  8.621   1.00 38.83 ? 71   ARG B NE  1 
ATOM   1385 C  CZ  . ARG B 1 72 ? 12.643  -7.314  9.833   1.00 38.69 ? 71   ARG B CZ  1 
ATOM   1386 N  NH1 . ARG B 1 72 ? 13.339  -6.746  10.814  1.00 40.33 ? 71   ARG B NH1 1 
ATOM   1387 N  NH2 . ARG B 1 72 ? 11.986  -8.423  10.086  1.00 43.84 ? 71   ARG B NH2 1 
ATOM   1388 N  N   . GLU B 1 73 ? 14.996  -0.532  8.600   1.00 34.09 ? 72   GLU B N   1 
ATOM   1389 C  CA  . GLU B 1 73 ? 15.903  0.543   8.193   1.00 35.30 ? 72   GLU B CA  1 
ATOM   1390 C  C   . GLU B 1 73 ? 16.098  0.561   6.690   1.00 32.09 ? 72   GLU B C   1 
ATOM   1391 O  O   . GLU B 1 73 ? 16.393  -0.459  6.075   1.00 32.13 ? 72   GLU B O   1 
ATOM   1392 C  CB  . GLU B 1 73 ? 17.265  0.391   8.887   1.00 36.48 ? 72   GLU B CB  1 
ATOM   1393 C  CG  . GLU B 1 73 ? 18.261  1.573   8.647   1.00 38.57 ? 72   GLU B CG  1 
ATOM   1394 C  CD  . GLU B 1 73 ? 19.610  1.376   9.367   1.00 45.06 ? 72   GLU B CD  1 
ATOM   1395 O  OE1 . GLU B 1 73 ? 20.005  0.205   9.624   1.00 56.70 ? 72   GLU B OE1 1 
ATOM   1396 O  OE2 . GLU B 1 73 ? 20.285  2.395   9.670   1.00 58.29 ? 72   GLU B OE2 1 
ATOM   1397 N  N   . GLY B 1 74 ? 15.858  1.717   6.095   1.00 34.81 ? 73   GLY B N   1 
ATOM   1398 C  CA  . GLY B 1 74 ? 16.093  1.904   4.671   1.00 34.00 ? 73   GLY B CA  1 
ATOM   1399 C  C   . GLY B 1 74 ? 14.978  1.493   3.734   1.00 33.24 ? 73   GLY B C   1 
ATOM   1400 O  O   . GLY B 1 74 ? 15.070  1.738   2.540   1.00 33.38 ? 73   GLY B O   1 
ATOM   1401 N  N   . TYR B 1 75 ? 13.934  0.865   4.262   1.00 29.96 ? 74   TYR B N   1 
ATOM   1402 C  CA  . TYR B 1 75 ? 12.809  0.428   3.424   1.00 28.69 ? 74   TYR B CA  1 
ATOM   1403 C  C   . TYR B 1 75 ? 11.682  1.451   3.436   1.00 26.23 ? 74   TYR B C   1 
ATOM   1404 O  O   . TYR B 1 75 ? 11.456  2.190   4.395   1.00 27.54 ? 74   TYR B O   1 
ATOM   1405 C  CB  . TYR B 1 75 ? 12.257  -0.939  3.867   1.00 29.73 ? 74   TYR B CB  1 
ATOM   1406 C  CG  . TYR B 1 75 ? 13.009  -2.124  3.360   1.00 33.60 ? 74   TYR B CG  1 
ATOM   1407 C  CD1 . TYR B 1 75 ? 14.106  -2.617  4.053   1.00 42.51 ? 74   TYR B CD1 1 
ATOM   1408 C  CD2 . TYR B 1 75 ? 12.648  -2.742  2.173   1.00 35.55 ? 74   TYR B CD2 1 
ATOM   1409 C  CE1 . TYR B 1 75 ? 14.818  -3.713  3.559   1.00 49.25 ? 74   TYR B CE1 1 
ATOM   1410 C  CE2 . TYR B 1 75 ? 13.342  -3.832  1.686   1.00 38.59 ? 74   TYR B CE2 1 
ATOM   1411 C  CZ  . TYR B 1 75 ? 14.418  -4.302  2.374   1.00 43.90 ? 74   TYR B CZ  1 
ATOM   1412 O  OH  . TYR B 1 75 ? 15.088  -5.380  1.847   1.00 49.70 ? 74   TYR B OH  1 
ATOM   1413 N  N   . VAL B 1 76 ? 10.970  1.491   2.326   1.00 26.08 ? 75   VAL B N   1 
ATOM   1414 C  CA  . VAL B 1 76 ? 9.777   2.301   2.219   1.00 26.14 ? 75   VAL B CA  1 
ATOM   1415 C  C   . VAL B 1 76 ? 8.651   1.517   1.546   1.00 27.20 ? 75   VAL B C   1 
ATOM   1416 O  O   . VAL B 1 76 ? 8.870   0.532   0.822   1.00 26.36 ? 75   VAL B O   1 
ATOM   1417 C  CB  . VAL B 1 76 ? 9.999   3.599   1.423   1.00 25.71 ? 75   VAL B CB  1 
ATOM   1418 C  CG1 . VAL B 1 76 ? 10.934  4.561   2.199   1.00 29.22 ? 75   VAL B CG1 1 
ATOM   1419 C  CG2 . VAL B 1 76 ? 10.510  3.335   -0.034  1.00 28.35 ? 75   VAL B CG2 1 
ATOM   1420 N  N   . VAL B 1 77 ? 7.416   1.977   1.802   1.00 24.74 ? 76   VAL B N   1 
ATOM   1421 C  CA  . VAL B 1 77 ? 6.280   1.484   1.065   1.00 22.93 ? 76   VAL B CA  1 
ATOM   1422 C  C   . VAL B 1 77 ? 5.847   2.583   0.089   1.00 23.78 ? 76   VAL B C   1 
ATOM   1423 O  O   . VAL B 1 77 ? 5.566   3.730   0.479   1.00 25.30 ? 76   VAL B O   1 
ATOM   1424 C  CB  . VAL B 1 77 ? 5.095   1.094   1.971   1.00 24.65 ? 76   VAL B CB  1 
ATOM   1425 C  CG1 . VAL B 1 77 ? 3.977   0.504   1.135   1.00 24.94 ? 76   VAL B CG1 1 
ATOM   1426 C  CG2 . VAL B 1 77 ? 5.542   0.090   3.058   1.00 25.24 ? 76   VAL B CG2 1 
ATOM   1427 N  N   . LEU B 1 78 ? 5.880   2.226   -1.191  1.00 25.60 ? 77   LEU B N   1 
ATOM   1428 C  CA  . LEU B 1 78 ? 5.509   3.123   -2.258  1.00 25.04 ? 77   LEU B CA  1 
ATOM   1429 C  C   . LEU B 1 78 ? 4.078   2.791   -2.691  1.00 24.48 ? 77   LEU B C   1 
ATOM   1430 O  O   . LEU B 1 78 ? 3.831   1.701   -3.241  1.00 26.69 ? 77   LEU B O   1 
ATOM   1431 C  CB  . LEU B 1 78 ? 6.471   2.905   -3.447  1.00 26.56 ? 77   LEU B CB  1 
ATOM   1432 C  CG  . LEU B 1 78 ? 7.974   3.026   -3.232  1.00 25.10 ? 77   LEU B CG  1 
ATOM   1433 C  CD1 . LEU B 1 78 ? 8.723   2.578   -4.529  1.00 27.36 ? 77   LEU B CD1 1 
ATOM   1434 C  CD2 . LEU B 1 78 ? 8.340   4.428   -2.781  1.00 24.92 ? 77   LEU B CD2 1 
ATOM   1435 N  N   . GLY B 1 79 ? 3.157   3.721   -2.505  1.00 24.94 ? 78   GLY B N   1 
ATOM   1436 C  CA  . GLY B 1 79 ? 1.805   3.594   -3.053  1.00 24.30 ? 78   GLY B CA  1 
ATOM   1437 C  C   . GLY B 1 79 ? 1.873   3.909   -4.521  1.00 25.32 ? 78   GLY B C   1 
ATOM   1438 O  O   . GLY B 1 79 ? 2.477   4.930   -4.897  1.00 25.59 ? 78   GLY B O   1 
ATOM   1439 N  N   . ILE B 1 80 ? 1.273   3.048   -5.354  1.00 26.75 ? 79   ILE B N   1 
ATOM   1440 C  CA  . ILE B 1 80 ? 1.366   3.200   -6.798  1.00 26.84 ? 79   ILE B CA  1 
ATOM   1441 C  C   . ILE B 1 80 ? 0.024   3.158   -7.488  1.00 28.90 ? 79   ILE B C   1 
ATOM   1442 O  O   . ILE B 1 80 ? -0.924  2.475   -7.037  1.00 28.96 ? 79   ILE B O   1 
ATOM   1443 C  CB  . ILE B 1 80 ? 2.323   2.132   -7.417  1.00 27.02 ? 79   ILE B CB  1 
ATOM   1444 C  CG1 . ILE B 1 80 ? 1.801   0.714   -7.154  1.00 28.19 ? 79   ILE B CG1 1 
ATOM   1445 C  CG2 . ILE B 1 80 ? 3.756   2.320   -6.891  1.00 32.42 ? 79   ILE B CG2 1 
ATOM   1446 C  CD1 . ILE B 1 80 ? 2.598   -0.393  -7.886  1.00 26.34 ? 79   ILE B CD1 1 
ATOM   1447 N  N   . GLU B 1 81 ? -0.066  3.943   -8.559  1.00 28.00 ? 80   GLU B N   1 
ATOM   1448 C  CA  . GLU B 1 81 ? -1.243  4.007   -9.400  1.00 26.37 ? 80   GLU B CA  1 
ATOM   1449 C  C   . GLU B 1 81 ? -0.848  3.532   -10.797 1.00 28.45 ? 80   GLU B C   1 
ATOM   1450 O  O   . GLU B 1 81 ? -0.063  4.170   -11.472 1.00 27.77 ? 80   GLU B O   1 
ATOM   1451 C  CB  . GLU B 1 81 ? -1.764  5.445   -9.437  1.00 27.77 ? 80   GLU B CB  1 
ATOM   1452 C  CG  . GLU B 1 81 ? -3.071  5.581   -10.064 1.00 34.64 ? 80   GLU B CG  1 
ATOM   1453 C  CD  . GLU B 1 81 ? -3.551  6.977   -9.820  1.00 45.12 ? 80   GLU B CD  1 
ATOM   1454 O  OE1 . GLU B 1 81 ? -3.041  7.876   -10.514 1.00 44.78 ? 80   GLU B OE1 1 
ATOM   1455 O  OE2 . GLU B 1 81 ? -4.370  7.177   -8.890  1.00 54.16 ? 80   GLU B OE2 1 
ATOM   1456 N  N   . LEU B 1 82 ? -1.412  2.409   -11.204 1.00 29.89 ? 81   LEU B N   1 
ATOM   1457 C  CA  . LEU B 1 82 ? -1.124  1.807   -12.492 1.00 29.52 ? 81   LEU B CA  1 
ATOM   1458 C  C   . LEU B 1 82 ? -1.635  2.684   -13.606 1.00 32.76 ? 81   LEU B C   1 
ATOM   1459 O  O   . LEU B 1 82 ? -2.725  3.258   -13.503 1.00 31.02 ? 81   LEU B O   1 
ATOM   1460 C  CB  . LEU B 1 82 ? -1.769  0.405   -12.538 1.00 32.31 ? 81   LEU B CB  1 
ATOM   1461 C  CG  . LEU B 1 82 ? -1.572  -0.536  -13.718 1.00 32.41 ? 81   LEU B CG  1 
ATOM   1462 C  CD1 . LEU B 1 82 ? -0.141  -0.986  -13.830 1.00 33.93 ? 81   LEU B CD1 1 
ATOM   1463 C  CD2 . LEU B 1 82 ? -2.506  -1.735  -13.568 1.00 33.95 ? 81   LEU B CD2 1 
ATOM   1464 N  N   . HIS B 1 83 ? -0.814  2.843   -14.634 1.00 33.03 ? 82   HIS B N   1 
ATOM   1465 C  CA  . HIS B 1 83 ? -1.232  3.519   -15.858 1.00 33.71 ? 82   HIS B CA  1 
ATOM   1466 C  C   . HIS B 1 83 ? -1.589  2.518   -16.939 1.00 38.02 ? 82   HIS B C   1 
ATOM   1467 O  O   . HIS B 1 83 ? -1.220  1.349   -16.919 1.00 37.77 ? 82   HIS B O   1 
ATOM   1468 C  CB  . HIS B 1 83 ? -0.145  4.415   -16.410 1.00 37.03 ? 82   HIS B CB  1 
ATOM   1469 C  CG  . HIS B 1 83 ? 0.202   5.552   -15.521 1.00 40.02 ? 82   HIS B CG  1 
ATOM   1470 N  ND1 . HIS B 1 83 ? 1.429   6.182   -15.573 1.00 41.37 ? 82   HIS B ND1 1 
ATOM   1471 C  CD2 . HIS B 1 83 ? -0.501  6.161   -14.536 1.00 38.51 ? 82   HIS B CD2 1 
ATOM   1472 C  CE1 . HIS B 1 83 ? 1.454   7.150   -14.674 1.00 48.50 ? 82   HIS B CE1 1 
ATOM   1473 N  NE2 . HIS B 1 83 ? 0.293   7.165   -14.036 1.00 43.17 ? 82   HIS B NE2 1 
ATOM   1474 O  OXT . HIS B 1 83 ? -2.262  2.894   -17.910 1.00 44.01 ? 82   HIS B OXT 1 
HETATM 1475 AS AS  . CAC C 2 .  ? -1.472  3.612   8.892   0.75 35.79 ? 83   CAC A AS  1 
HETATM 1476 O  O1  . CAC C 2 .  ? -0.618  2.675   7.580   0.75 24.13 ? 83   CAC A O1  1 
HETATM 1477 O  O2  . CAC C 2 .  ? -2.891  4.642   8.697   0.75 36.98 ? 83   CAC A O2  1 
HETATM 1478 C  C1  . CAC C 2 .  ? -1.508  2.697   10.632  0.75 34.80 ? 83   CAC A C1  1 
HETATM 1479 C  C2  . CAC C 2 .  ? -0.066  4.991   8.982   0.75 29.33 ? 83   CAC A C2  1 
HETATM 1480 S  S   . SO4 D 3 .  ? -10.918 2.704   22.107  1.00 69.57 ? 84   SO4 A S   1 
HETATM 1481 O  O1  . SO4 D 3 .  ? -9.452  2.627   22.063  1.00 56.51 ? 84   SO4 A O1  1 
HETATM 1482 O  O2  . SO4 D 3 .  ? -11.412 1.550   21.365  1.00 64.78 ? 84   SO4 A O2  1 
HETATM 1483 O  O3  . SO4 D 3 .  ? -11.308 2.558   23.511  1.00 63.38 ? 84   SO4 A O3  1 
HETATM 1484 O  O4  . SO4 D 3 .  ? -11.412 3.977   21.534  1.00 41.84 ? 84   SO4 A O4  1 
HETATM 1485 AS AS  . CAC E 2 .  ? 7.397   -6.153  -3.976  0.75 26.55 ? 1083 CAC B AS  1 
HETATM 1486 O  O1  . CAC E 2 .  ? 6.842   -6.431  -5.669  0.75 25.16 ? 1083 CAC B O1  1 
HETATM 1487 O  O2  . CAC E 2 .  ? 6.449   -4.960  -3.090  0.75 23.64 ? 1083 CAC B O2  1 
HETATM 1488 C  C1  . CAC E 2 .  ? 7.331   -7.914  -3.074  0.75 24.10 ? 1083 CAC B C1  1 
HETATM 1489 C  C2  . CAC E 2 .  ? 9.275   -5.652  -4.129  0.75 24.95 ? 1083 CAC B C2  1 
HETATM 1490 O  O   . HOH F 4 .  ? -1.089  4.418   -2.005  1.00 23.80 ? 85   HOH A O   1 
HETATM 1491 O  O   . HOH F 4 .  ? 2.998   -0.266  15.683  1.00 42.46 ? 86   HOH A O   1 
HETATM 1492 O  O   . HOH F 4 .  ? -10.803 -7.191  14.681  1.00 42.51 ? 87   HOH A O   1 
HETATM 1493 O  O   . HOH F 4 .  ? -14.084 15.174  10.989  1.00 42.64 ? 88   HOH A O   1 
HETATM 1494 O  O   . HOH F 4 .  ? -7.550  4.875   -0.411  1.00 25.91 ? 89   HOH A O   1 
HETATM 1495 O  O   . HOH F 4 .  ? 5.638   -9.852  9.568   1.00 26.29 ? 90   HOH A O   1 
HETATM 1496 O  O   . HOH F 4 .  ? 10.411  -2.929  5.968   1.00 27.56 ? 91   HOH A O   1 
HETATM 1497 O  O   . HOH F 4 .  ? -4.705  12.259  24.581  1.00 29.18 ? 92   HOH A O   1 
HETATM 1498 O  O   . HOH F 4 .  ? -11.419 17.685  18.520  1.00 43.52 ? 93   HOH A O   1 
HETATM 1499 O  O   . HOH F 4 .  ? -20.157 9.517   14.791  1.00 43.55 ? 94   HOH A O   1 
HETATM 1500 O  O   . HOH F 4 .  ? -16.129 -8.268  1.568   1.00 43.57 ? 95   HOH A O   1 
HETATM 1501 O  O   . HOH F 4 .  ? -14.061 -7.628  14.707  1.00 43.99 ? 96   HOH A O   1 
HETATM 1502 O  O   . HOH F 4 .  ? -18.977 -3.373  7.381   1.00 44.05 ? 97   HOH A O   1 
HETATM 1503 O  O   . HOH F 4 .  ? -8.699  2.489   -4.187  1.00 44.19 ? 98   HOH A O   1 
HETATM 1504 O  O   . HOH F 4 .  ? -6.053  -13.640 3.192   1.00 44.34 ? 99   HOH A O   1 
HETATM 1505 O  O   . HOH F 4 .  ? -8.467  2.580   -1.712  1.00 29.25 ? 100  HOH A O   1 
HETATM 1506 O  O   . HOH F 4 .  ? -5.551  21.090  16.823  1.00 44.40 ? 101  HOH A O   1 
HETATM 1507 O  O   . HOH F 4 .  ? -22.893 -4.720  9.339   1.00 44.46 ? 102  HOH A O   1 
HETATM 1508 O  O   . HOH F 4 .  ? 12.367  -9.413  -3.331  1.00 44.50 ? 103  HOH A O   1 
HETATM 1509 O  O   . HOH F 4 .  ? 7.465   -6.722  16.024  1.00 44.58 ? 104  HOH A O   1 
HETATM 1510 O  O   . HOH F 4 .  ? 3.627   -7.811  -1.702  1.00 30.56 ? 105  HOH A O   1 
HETATM 1511 O  O   . HOH F 4 .  ? -13.478 9.866   -0.875  1.00 44.59 ? 106  HOH A O   1 
HETATM 1512 O  O   . HOH F 4 .  ? -18.626 -10.701 10.083  1.00 44.70 ? 107  HOH A O   1 
HETATM 1513 O  O   . HOH F 4 .  ? -6.716  13.874  23.647  1.00 31.30 ? 108  HOH A O   1 
HETATM 1514 O  O   . HOH F 4 .  ? -4.132  -1.787  14.823  1.00 45.13 ? 109  HOH A O   1 
HETATM 1515 O  O   . HOH F 4 .  ? -5.167  -10.590 -3.073  1.00 31.72 ? 110  HOH A O   1 
HETATM 1516 O  O   . HOH F 4 .  ? -3.194  -11.298 -0.685  1.00 32.36 ? 111  HOH A O   1 
HETATM 1517 O  O   . HOH F 4 .  ? -13.461 16.138  18.722  1.00 45.37 ? 112  HOH A O   1 
HETATM 1518 O  O   . HOH F 4 .  ? -0.286  -12.226 -0.874  1.00 45.65 ? 113  HOH A O   1 
HETATM 1519 O  O   . HOH F 4 .  ? -5.414  10.274  18.165  1.00 33.32 ? 114  HOH A O   1 
HETATM 1520 O  O   . HOH F 4 .  ? -11.559 2.564   -4.128  1.00 46.00 ? 115  HOH A O   1 
HETATM 1521 O  O   . HOH F 4 .  ? -22.383 -5.633  11.726  1.00 46.05 ? 116  HOH A O   1 
HETATM 1522 O  O   . HOH F 4 .  ? -10.045 -15.247 12.846  1.00 46.07 ? 117  HOH A O   1 
HETATM 1523 O  O   . HOH F 4 .  ? 7.795   -12.648 3.250   1.00 46.14 ? 118  HOH A O   1 
HETATM 1524 O  O   . HOH F 4 .  ? 3.324   -11.774 0.251   1.00 46.70 ? 119  HOH A O   1 
HETATM 1525 O  O   . HOH F 4 .  ? -2.240  3.406   -4.788  1.00 33.45 ? 120  HOH A O   1 
HETATM 1526 O  O   . HOH F 4 .  ? -2.739  13.852  4.050   1.00 33.46 ? 121  HOH A O   1 
HETATM 1527 O  O   . HOH F 4 .  ? -3.903  16.776  7.947   1.00 47.12 ? 122  HOH A O   1 
HETATM 1528 O  O   . HOH F 4 .  ? 12.080  -4.972  -2.239  1.00 33.95 ? 123  HOH A O   1 
HETATM 1529 O  O   . HOH F 4 .  ? -4.170  -13.248 9.043   1.00 34.82 ? 124  HOH A O   1 
HETATM 1530 O  O   . HOH F 4 .  ? -8.005  7.485   21.160  1.00 35.17 ? 125  HOH A O   1 
HETATM 1531 O  O   . HOH F 4 .  ? -19.492 -5.872  6.148   1.00 47.95 ? 126  HOH A O   1 
HETATM 1532 O  O   . HOH F 4 .  ? 3.020   -12.401 2.951   1.00 35.18 ? 127  HOH A O   1 
HETATM 1533 O  O   . HOH F 4 .  ? -14.047 -3.553  -2.409  1.00 48.34 ? 128  HOH A O   1 
HETATM 1534 O  O   . HOH F 4 .  ? -0.320  0.393   12.796  1.00 36.03 ? 129  HOH A O   1 
HETATM 1535 O  O   . HOH F 4 .  ? -20.181 -2.931  11.874  1.00 49.01 ? 130  HOH A O   1 
HETATM 1536 O  O   . HOH F 4 .  ? -7.441  -0.266  -4.335  1.00 36.17 ? 131  HOH A O   1 
HETATM 1537 O  O   . HOH F 4 .  ? -13.339 14.275  7.791   1.00 49.30 ? 132  HOH A O   1 
HETATM 1538 O  O   . HOH F 4 .  ? -18.918 -7.248  13.229  1.00 49.53 ? 133  HOH A O   1 
HETATM 1539 O  O   . HOH F 4 .  ? 0.090   -13.139 1.644   1.00 49.64 ? 134  HOH A O   1 
HETATM 1540 O  O   . HOH F 4 .  ? -2.829  13.909  11.410  1.00 36.21 ? 135  HOH A O   1 
HETATM 1541 O  O   . HOH F 4 .  ? 8.793   -10.596 9.932   1.00 36.28 ? 136  HOH A O   1 
HETATM 1542 O  O   . HOH F 4 .  ? -6.605  -12.799 -3.379  1.00 50.01 ? 137  HOH A O   1 
HETATM 1543 O  O   . HOH F 4 .  ? -3.888  -4.375  18.005  1.00 50.07 ? 138  HOH A O   1 
HETATM 1544 O  O   . HOH F 4 .  ? -19.537 1.359   6.847   1.00 50.85 ? 139  HOH A O   1 
HETATM 1545 O  O   . HOH F 4 .  ? -8.701  -9.169  -3.625  1.00 36.29 ? 140  HOH A O   1 
HETATM 1546 O  O   . HOH F 4 .  ? 12.833  -11.508 -2.269  1.00 51.64 ? 141  HOH A O   1 
HETATM 1547 O  O   . HOH F 4 .  ? -15.836 -3.954  14.029  1.00 36.47 ? 142  HOH A O   1 
HETATM 1548 O  O   . HOH F 4 .  ? -3.201  9.852   19.781  1.00 51.92 ? 143  HOH A O   1 
HETATM 1549 O  O   . HOH F 4 .  ? -3.984  5.379   14.565  1.00 51.98 ? 144  HOH A O   1 
HETATM 1550 O  O   . HOH F 4 .  ? -11.449 -13.229 12.156  1.00 52.02 ? 145  HOH A O   1 
HETATM 1551 O  O   . HOH F 4 .  ? -4.098  10.134  22.982  1.00 36.48 ? 146  HOH A O   1 
HETATM 1552 O  O   . HOH F 4 .  ? -0.397  12.761  3.032   1.00 36.68 ? 147  HOH A O   1 
HETATM 1553 O  O   . HOH F 4 .  ? -0.771  -2.004  14.488  1.00 37.11 ? 148  HOH A O   1 
HETATM 1554 O  O   . HOH F 4 .  ? -3.447  -12.911 14.554  1.00 52.56 ? 149  HOH A O   1 
HETATM 1555 O  O   . HOH F 4 .  ? -9.862  -14.662 1.996   1.00 52.61 ? 150  HOH A O   1 
HETATM 1556 O  O   . HOH F 4 .  ? -0.648  -7.518  20.044  1.00 37.62 ? 151  HOH A O   1 
HETATM 1557 O  O   . HOH F 4 .  ? -4.436  -13.484 0.536   1.00 37.71 ? 152  HOH A O   1 
HETATM 1558 O  O   . HOH F 4 .  ? -12.677 -12.324 4.331   1.00 38.38 ? 153  HOH A O   1 
HETATM 1559 O  O   . HOH F 4 .  ? -16.379 4.758   2.805   1.00 38.52 ? 154  HOH A O   1 
HETATM 1560 O  O   . HOH F 4 .  ? -6.455  8.538   23.199  1.00 38.52 ? 155  HOH A O   1 
HETATM 1561 O  O   . HOH F 4 .  ? -3.145  6.695   11.826  1.00 38.94 ? 156  HOH A O   1 
HETATM 1562 O  O   . HOH F 4 .  ? -18.163 -8.457  3.485   1.00 53.70 ? 157  HOH A O   1 
HETATM 1563 O  O   . HOH F 4 .  ? -5.178  5.687   -6.202  1.00 39.05 ? 158  HOH A O   1 
HETATM 1564 O  O   . HOH F 4 .  ? -17.281 -9.037  12.082  1.00 39.19 ? 159  HOH A O   1 
HETATM 1565 O  O   . HOH F 4 .  ? -12.354 -5.689  -4.974  1.00 54.29 ? 160  HOH A O   1 
HETATM 1566 O  O   . HOH F 4 .  ? -20.009 12.300  17.075  1.00 39.22 ? 161  HOH A O   1 
HETATM 1567 O  O   . HOH F 4 .  ? -7.268  17.462  18.419  1.00 54.51 ? 162  HOH A O   1 
HETATM 1568 O  O   . HOH F 4 .  ? -0.187  13.155  11.226  1.00 54.94 ? 163  HOH A O   1 
HETATM 1569 O  O   . HOH F 4 .  ? -12.037 -4.811  15.474  1.00 54.96 ? 164  HOH A O   1 
HETATM 1570 O  O   . HOH F 4 .  ? -10.613 16.649  9.890   1.00 55.00 ? 165  HOH A O   1 
HETATM 1571 O  O   . HOH F 4 .  ? -16.134 13.719  19.255  1.00 55.13 ? 166  HOH A O   1 
HETATM 1572 O  O   . HOH F 4 .  ? 10.122  -10.914 3.856   1.00 40.02 ? 167  HOH A O   1 
HETATM 1573 O  O   . HOH F 4 .  ? 11.040  -9.167  7.155   1.00 40.28 ? 168  HOH A O   1 
HETATM 1574 O  O   . HOH F 4 .  ? -5.666  7.421   15.778  1.00 40.40 ? 169  HOH A O   1 
HETATM 1575 O  O   . HOH F 4 .  ? -3.756  -4.463  14.640  1.00 40.43 ? 170  HOH A O   1 
HETATM 1576 O  O   . HOH F 4 .  ? -7.314  13.334  -4.763  1.00 57.00 ? 171  HOH A O   1 
HETATM 1577 O  O   . HOH F 4 .  ? -1.775  2.292   13.682  1.00 57.23 ? 172  HOH A O   1 
HETATM 1578 O  O   . HOH F 4 .  ? -6.294  7.927   19.012  1.00 40.44 ? 173  HOH A O   1 
HETATM 1579 O  O   . HOH F 4 .  ? -4.851  18.562  18.163  1.00 40.50 ? 174  HOH A O   1 
HETATM 1580 O  O   . HOH F 4 .  ? -19.885 9.990   12.312  1.00 58.89 ? 175  HOH A O   1 
HETATM 1581 O  O   . HOH F 4 .  ? 0.390   10.920  13.198  1.00 59.01 ? 176  HOH A O   1 
HETATM 1582 O  O   . HOH F 4 .  ? -5.277  14.379  -3.716  1.00 60.26 ? 177  HOH A O   1 
HETATM 1583 O  O   . HOH F 4 .  ? -21.287 -12.697 3.310   1.00 60.32 ? 178  HOH A O   1 
HETATM 1584 O  O   . HOH F 4 .  ? -20.814 -2.744  9.251   1.00 40.62 ? 179  HOH A O   1 
HETATM 1585 O  O   . HOH F 4 .  ? -15.948 -11.088 0.539   1.00 61.35 ? 180  HOH A O   1 
HETATM 1586 O  O   . HOH F 4 .  ? -10.413 -12.261 9.906   1.00 41.45 ? 181  HOH A O   1 
HETATM 1587 O  O   . HOH F 4 .  ? 0.772   11.175  4.754   1.00 41.50 ? 182  HOH A O   1 
HETATM 1588 O  O   . HOH F 4 .  ? -2.793  16.445  10.340  1.00 63.02 ? 183  HOH A O   1 
HETATM 1589 O  O   . HOH F 4 .  ? -22.139 -6.421  7.250   1.00 41.52 ? 184  HOH A O   1 
HETATM 1590 O  O   . HOH F 4 .  ? -18.333 -8.464  6.120   1.00 41.73 ? 185  HOH A O   1 
HETATM 1591 O  O   A HOH F 4 .  ? -16.874 6.931   13.376  0.70 43.11 ? 186  HOH A O   1 
HETATM 1592 O  O   . HOH G 4 .  ? 0.945   -0.079  -17.411 1.00 41.82 ? 1084 HOH B O   1 
HETATM 1593 O  O   . HOH G 4 .  ? 3.518   10.903  3.352   1.00 42.14 ? 1085 HOH B O   1 
HETATM 1594 O  O   . HOH G 4 .  ? 6.974   -3.647  9.483   1.00 25.25 ? 1086 HOH B O   1 
HETATM 1595 O  O   . HOH G 4 .  ? -3.389  -3.310  -2.639  1.00 25.26 ? 1087 HOH B O   1 
HETATM 1596 O  O   . HOH G 4 .  ? -1.807  -2.078  -8.948  1.00 27.31 ? 1088 HOH B O   1 
HETATM 1597 O  O   . HOH G 4 .  ? -7.608  -1.578  -6.689  1.00 42.70 ? 1089 HOH B O   1 
HETATM 1598 O  O   . HOH G 4 .  ? -4.676  1.661   -8.488  1.00 42.82 ? 1090 HOH B O   1 
HETATM 1599 O  O   . HOH G 4 .  ? 7.271   15.091  -5.164  1.00 43.22 ? 1091 HOH B O   1 
HETATM 1600 O  O   . HOH G 4 .  ? 18.419  -10.932 -20.205 1.00 43.50 ? 1092 HOH B O   1 
HETATM 1601 O  O   . HOH G 4 .  ? 16.378  9.384   -7.911  1.00 27.65 ? 1093 HOH B O   1 
HETATM 1602 O  O   . HOH G 4 .  ? 3.579   10.603  0.561   1.00 27.66 ? 1094 HOH B O   1 
HETATM 1603 O  O   . HOH G 4 .  ? 14.880  4.309   -15.799 1.00 30.22 ? 1095 HOH B O   1 
HETATM 1604 O  O   . HOH G 4 .  ? 10.086  -8.423  -18.543 1.00 30.94 ? 1096 HOH B O   1 
HETATM 1605 O  O   . HOH G 4 .  ? 0.893   11.685  -1.435  1.00 31.03 ? 1097 HOH B O   1 
HETATM 1606 O  O   . HOH G 4 .  ? 14.414  -3.382  -2.627  1.00 31.41 ? 1098 HOH B O   1 
HETATM 1607 O  O   . HOH G 4 .  ? 8.949   -8.573  -6.782  1.00 31.93 ? 1099 HOH B O   1 
HETATM 1608 O  O   . HOH G 4 .  ? 5.143   -12.236 -19.821 1.00 44.39 ? 1100 HOH B O   1 
HETATM 1609 O  O   . HOH G 4 .  ? 8.855   13.230  -8.571  1.00 32.50 ? 1101 HOH B O   1 
HETATM 1610 O  O   . HOH G 4 .  ? 16.338  -12.518 -19.271 1.00 32.69 ? 1102 HOH B O   1 
HETATM 1611 O  O   . HOH G 4 .  ? 20.802  6.812   -1.761  1.00 32.99 ? 1103 HOH B O   1 
HETATM 1612 O  O   . HOH G 4 .  ? -2.341  0.697   -8.889  1.00 33.15 ? 1104 HOH B O   1 
HETATM 1613 O  O   . HOH G 4 .  ? 17.098  -2.907  7.015   1.00 44.59 ? 1105 HOH B O   1 
HETATM 1614 O  O   . HOH G 4 .  ? 0.046   11.787  -5.216  1.00 33.16 ? 1106 HOH B O   1 
HETATM 1615 O  O   . HOH G 4 .  ? 17.987  6.863   -1.533  1.00 34.54 ? 1107 HOH B O   1 
HETATM 1616 O  O   . HOH G 4 .  ? 13.357  4.200   5.182   1.00 44.82 ? 1108 HOH B O   1 
HETATM 1617 O  O   . HOH G 4 .  ? 14.725  -4.574  -8.966  1.00 34.55 ? 1109 HOH B O   1 
HETATM 1618 O  O   . HOH G 4 .  ? -3.969  -4.060  -16.130 1.00 45.19 ? 1110 HOH B O   1 
HETATM 1619 O  O   . HOH G 4 .  ? 15.722  11.838  -13.750 1.00 45.28 ? 1111 HOH B O   1 
HETATM 1620 O  O   . HOH G 4 .  ? -5.413  -1.072  -2.782  1.00 35.04 ? 1112 HOH B O   1 
HETATM 1621 O  O   . HOH G 4 .  ? 16.173  2.723   -12.787 1.00 35.14 ? 1113 HOH B O   1 
HETATM 1622 O  O   . HOH G 4 .  ? 15.158  -4.305  11.551  1.00 45.74 ? 1114 HOH B O   1 
HETATM 1623 O  O   . HOH G 4 .  ? 14.545  -4.285  -14.556 1.00 35.71 ? 1115 HOH B O   1 
HETATM 1624 O  O   . HOH G 4 .  ? 16.508  4.295   -10.367 1.00 36.42 ? 1116 HOH B O   1 
HETATM 1625 O  O   . HOH G 4 .  ? -0.449  -12.939 -7.901  1.00 36.44 ? 1117 HOH B O   1 
HETATM 1626 O  O   . HOH G 4 .  ? 4.621   11.706  -12.791 1.00 36.52 ? 1118 HOH B O   1 
HETATM 1627 O  O   . HOH G 4 .  ? 13.623  10.340  -7.269  1.00 36.86 ? 1119 HOH B O   1 
HETATM 1628 O  O   . HOH G 4 .  ? 12.674  12.608  -8.772  1.00 47.01 ? 1120 HOH B O   1 
HETATM 1629 O  O   . HOH G 4 .  ? 6.229   11.687  0.394   1.00 47.07 ? 1121 HOH B O   1 
HETATM 1630 O  O   . HOH G 4 .  ? 18.792  -1.729  10.913  1.00 37.67 ? 1122 HOH B O   1 
HETATM 1631 O  O   . HOH G 4 .  ? 6.293   -15.481 -8.657  1.00 47.51 ? 1123 HOH B O   1 
HETATM 1632 O  O   . HOH G 4 .  ? 14.148  6.338   3.441   1.00 47.58 ? 1124 HOH B O   1 
HETATM 1633 O  O   . HOH G 4 .  ? -2.259  11.246  -6.528  1.00 47.62 ? 1125 HOH B O   1 
HETATM 1634 O  O   . HOH G 4 .  ? 18.126  -11.750 -16.389 1.00 38.00 ? 1126 HOH B O   1 
HETATM 1635 O  O   . HOH G 4 .  ? 12.051  -18.180 -16.339 1.00 48.04 ? 1127 HOH B O   1 
HETATM 1636 O  O   . HOH G 4 .  ? 8.037   12.631  -2.227  1.00 38.10 ? 1128 HOH B O   1 
HETATM 1637 O  O   . HOH G 4 .  ? 3.657   -14.849 -16.844 1.00 48.60 ? 1129 HOH B O   1 
HETATM 1638 O  O   . HOH G 4 .  ? -3.804  3.506   -6.778  1.00 38.19 ? 1130 HOH B O   1 
HETATM 1639 O  O   . HOH G 4 .  ? 2.452   -11.222 -18.214 1.00 49.20 ? 1131 HOH B O   1 
HETATM 1640 O  O   . HOH G 4 .  ? 14.985  -0.050  -4.597  1.00 38.29 ? 1132 HOH B O   1 
HETATM 1641 O  O   . HOH G 4 .  ? 14.567  -2.619  -5.439  1.00 39.16 ? 1133 HOH B O   1 
HETATM 1642 O  O   . HOH G 4 .  ? 15.907  -2.110  10.885  1.00 39.23 ? 1134 HOH B O   1 
HETATM 1643 O  O   . HOH G 4 .  ? 4.356   8.066   9.680   1.00 49.77 ? 1135 HOH B O   1 
HETATM 1644 O  O   . HOH G 4 .  ? 2.568   10.001  -13.923 1.00 49.78 ? 1136 HOH B O   1 
HETATM 1645 O  O   . HOH G 4 .  ? 10.047  -5.853  -19.542 1.00 41.22 ? 1137 HOH B O   1 
HETATM 1646 O  O   . HOH G 4 .  ? 13.657  9.494   -0.883  1.00 41.35 ? 1138 HOH B O   1 
HETATM 1647 O  O   . HOH G 4 .  ? 11.248  -20.639 -15.236 1.00 41.47 ? 1139 HOH B O   1 
HETATM 1648 O  O   . HOH G 4 .  ? 20.856  4.598   -0.249  1.00 51.38 ? 1140 HOH B O   1 
HETATM 1649 O  O   . HOH G 4 .  ? 0.512   14.218  -3.601  1.00 51.80 ? 1142 HOH B O   1 
HETATM 1650 O  O   . HOH G 4 .  ? -1.290  11.447  -9.428  1.00 52.15 ? 1146 HOH B O   1 
HETATM 1651 O  O   . HOH G 4 .  ? 16.955  -3.451  -6.433  1.00 52.47 ? 1147 HOH B O   1 
HETATM 1652 O  O   . HOH G 4 .  ? 4.218   14.792  -1.341  1.00 52.51 ? 1148 HOH B O   1 
HETATM 1653 O  O   . HOH G 4 .  ? 9.241   -22.087 -11.060 1.00 52.63 ? 1151 HOH B O   1 
HETATM 1654 O  O   . HOH G 4 .  ? 1.220   -11.711 -4.087  1.00 52.71 ? 1152 HOH B O   1 
HETATM 1655 O  O   . HOH G 4 .  ? -4.894  3.019   -11.519 1.00 52.83 ? 1153 HOH B O   1 
HETATM 1656 O  O   . HOH G 4 .  ? 1.783   11.829  -7.740  1.00 52.92 ? 1154 HOH B O   1 
HETATM 1657 O  O   . HOH G 4 .  ? 11.438  -0.642  -20.414 1.00 53.01 ? 1155 HOH B O   1 
HETATM 1658 O  O   . HOH G 4 .  ? 3.980   8.420   6.698   1.00 53.08 ? 1156 HOH B O   1 
HETATM 1659 O  O   . HOH G 4 .  ? -2.392  -10.654 -14.734 1.00 53.94 ? 1158 HOH B O   1 
HETATM 1660 O  O   . HOH G 4 .  ? 15.777  -5.304  -0.956  1.00 54.19 ? 1159 HOH B O   1 
HETATM 1661 O  O   . HOH G 4 .  ? 17.864  2.792   1.694   1.00 54.37 ? 1161 HOH B O   1 
HETATM 1662 O  O   . HOH G 4 .  ? 17.225  8.961   -0.179  1.00 55.17 ? 1167 HOH B O   1 
HETATM 1663 O  O   . HOH G 4 .  ? 1.284   -5.241  -18.978 1.00 55.65 ? 1168 HOH B O   1 
HETATM 1664 O  O   . HOH G 4 .  ? 5.828   2.842   -19.912 1.00 56.44 ? 1169 HOH B O   1 
HETATM 1665 O  O   . HOH G 4 .  ? 7.444   8.563   5.937   1.00 56.46 ? 1170 HOH B O   1 
HETATM 1666 O  O   . HOH G 4 .  ? -2.873  -14.329 -11.249 1.00 58.26 ? 1173 HOH B O   1 
HETATM 1667 O  O   . HOH G 4 .  ? 12.717  -14.882 -21.164 1.00 58.27 ? 1174 HOH B O   1 
HETATM 1668 O  O   . HOH G 4 .  ? 17.040  5.119   2.872   1.00 60.35 ? 1179 HOH B O   1 
HETATM 1669 O  O   . HOH G 4 .  ? 14.271  -11.492 -22.179 1.00 61.65 ? 1181 HOH B O   1 
HETATM 1670 O  O   . HOH G 4 .  ? 5.300   0.165   -19.499 1.00 62.02 ? 1182 HOH B O   1 
HETATM 1671 O  O   . HOH G 4 .  ? 3.377   15.663  -4.022  1.00 63.07 ? 1184 HOH B O   1 
HETATM 1672 O  O   . HOH G 4 .  ? 17.739  -6.331  3.745   1.00 68.31 ? 1185 HOH B O   1 
# 
